data_1U1F
#
_entry.id   1U1F
#
_cell.length_a   91.557
_cell.length_b   125.813
_cell.length_c   141.137
_cell.angle_alpha   90.00
_cell.angle_beta   90.00
_cell.angle_gamma   90.00
#
_symmetry.space_group_name_H-M   'P 21 21 21'
#
loop_
_entity.id
_entity.type
_entity.pdbx_description
1 polymer 'Uridine phosphorylase'
2 non-polymer 'PHOSPHATE ION'
3 non-polymer 'POTASSIUM ION'
4 non-polymer 1-((2-HYDROXYETHOXY)METHYL)-5-(3-(BENZYLOXY)BENZYL)PYRIMIDINE-2,4(1H,3H)-DIONE
5 water water
#
_entity_poly.entity_id   1
_entity_poly.type   'polypeptide(L)'
_entity_poly.pdbx_seq_one_letter_code
;GSHMSKSDVFHLGLTKNDLQGATLAIVPGDPDRVEKIAALMDKPVKLASHREFTTWRAELDGKPVIVCSTGIGGPSTSIA
VEELAQLGIRTFLRIGTTGAIQPHINVGDVLVTTASVRLDGASLHFAPLEFPAVADFECTTALVEAAKSIGATTHVGVTA
SSDTFYPGQERYDTYSGRVVRHFKGSMEEWQAMGVMNYEMESATLLTMCASQGLRAGMVAGVIVNRTQQEIPNAETMKQT
ESHAVKIVVEAARRLL
;
_entity_poly.pdbx_strand_id   A,B,C,D,E,F
#
# COMPACT_ATOMS: atom_id res chain seq x y z
N SER A 7 31.10 16.74 -23.06
CA SER A 7 30.22 16.94 -21.85
C SER A 7 30.63 16.03 -20.69
N ASP A 8 30.45 16.52 -19.47
CA ASP A 8 30.73 15.76 -18.26
C ASP A 8 29.51 14.97 -17.77
N VAL A 9 28.36 15.22 -18.38
CA VAL A 9 27.11 14.56 -18.00
C VAL A 9 26.43 13.92 -19.22
N PHE A 10 25.46 13.03 -18.96
CA PHE A 10 24.82 12.25 -20.00
C PHE A 10 23.86 13.03 -20.90
N HIS A 11 23.13 13.99 -20.33
CA HIS A 11 22.03 14.64 -21.05
C HIS A 11 22.18 16.15 -21.25
N LEU A 12 22.66 16.86 -20.24
CA LEU A 12 22.68 18.32 -20.26
C LEU A 12 23.69 18.94 -21.23
N GLY A 13 24.69 18.16 -21.63
CA GLY A 13 25.71 18.64 -22.56
C GLY A 13 26.56 19.75 -21.99
N LEU A 14 27.03 19.56 -20.76
CA LEU A 14 27.77 20.59 -20.04
C LEU A 14 29.00 20.04 -19.32
N THR A 15 30.04 20.86 -19.23
CA THR A 15 31.19 20.56 -18.39
C THR A 15 31.16 21.47 -17.16
N LYS A 16 31.91 21.08 -16.13
CA LYS A 16 32.05 21.88 -14.92
C LYS A 16 32.62 23.27 -15.22
N ASN A 17 33.44 23.35 -16.27
CA ASN A 17 34.03 24.61 -16.73
C ASN A 17 32.99 25.60 -17.25
N ASP A 18 31.94 25.08 -17.89
CA ASP A 18 30.86 25.91 -18.41
C ASP A 18 30.11 26.67 -17.33
N LEU A 19 30.07 26.11 -16.12
CA LEU A 19 29.35 26.71 -15.00
C LEU A 19 30.09 27.86 -14.34
N GLN A 20 31.41 27.89 -14.51
CA GLN A 20 32.28 28.92 -13.94
C GLN A 20 32.24 29.01 -12.40
N GLY A 21 31.98 27.87 -11.76
CA GLY A 21 31.95 27.79 -10.32
C GLY A 21 30.59 28.09 -9.69
N ALA A 22 29.55 28.03 -10.51
CA ALA A 22 28.18 28.27 -10.05
C ALA A 22 27.68 27.15 -9.15
N THR A 23 26.98 27.54 -8.07
CA THR A 23 26.40 26.58 -7.13
C THR A 23 24.88 26.73 -7.07
N LEU A 24 24.37 27.76 -7.76
CA LEU A 24 22.94 28.02 -7.80
C LEU A 24 22.38 27.90 -9.22
N ALA A 25 21.23 27.25 -9.33
CA ALA A 25 20.50 27.16 -10.59
C ALA A 25 19.05 27.57 -10.42
N ILE A 26 18.55 28.38 -11.35
CA ILE A 26 17.12 28.63 -11.46
C ILE A 26 16.59 27.63 -12.48
N VAL A 27 15.59 26.85 -12.07
CA VAL A 27 15.13 25.72 -12.89
C VAL A 27 13.64 25.81 -13.31
N PRO A 28 13.37 26.50 -14.42
CA PRO A 28 12.01 26.57 -14.96
C PRO A 28 11.63 25.26 -15.63
N GLY A 29 10.34 25.06 -15.89
CA GLY A 29 9.88 23.90 -16.62
C GLY A 29 10.05 24.07 -18.13
N ASP A 30 9.80 25.28 -18.62
CA ASP A 30 9.78 25.57 -20.05
C ASP A 30 11.15 26.01 -20.59
N PRO A 31 11.66 25.27 -21.58
CA PRO A 31 12.88 25.66 -22.31
C PRO A 31 12.85 27.08 -22.87
N ASP A 32 11.68 27.54 -23.28
CA ASP A 32 11.51 28.86 -23.87
C ASP A 32 11.63 29.99 -22.84
N ARG A 33 11.47 29.64 -21.56
CA ARG A 33 11.56 30.60 -20.46
C ARG A 33 13.00 30.93 -20.08
N VAL A 34 13.91 29.99 -20.35
CA VAL A 34 15.31 30.09 -19.92
C VAL A 34 15.99 31.40 -20.34
N GLU A 35 15.78 31.80 -21.60
CA GLU A 35 16.36 33.05 -22.10
C GLU A 35 15.78 34.27 -21.41
N LYS A 36 14.46 34.25 -21.16
CA LYS A 36 13.75 35.36 -20.52
C LYS A 36 14.21 35.60 -19.08
N ILE A 37 14.51 34.53 -18.36
CA ILE A 37 15.01 34.61 -16.98
C ILE A 37 16.45 35.14 -16.95
N ALA A 38 17.30 34.58 -17.81
CA ALA A 38 18.71 34.97 -17.91
C ALA A 38 18.88 36.43 -18.31
N ALA A 39 17.99 36.92 -19.17
CA ALA A 39 18.01 38.31 -19.66
C ALA A 39 17.80 39.34 -18.55
N LEU A 40 17.21 38.90 -17.44
CA LEU A 40 17.01 39.75 -16.27
C LEU A 40 18.29 39.87 -15.43
N MET A 41 19.30 39.06 -15.79
CA MET A 41 20.60 39.10 -15.13
C MET A 41 21.66 39.65 -16.07
N ASP A 42 22.85 39.91 -15.54
CA ASP A 42 23.94 40.49 -16.31
C ASP A 42 24.68 39.44 -17.15
N LYS A 43 25.14 39.86 -18.34
CA LYS A 43 25.94 39.04 -19.25
C LYS A 43 25.42 37.60 -19.47
N PRO A 44 24.16 37.44 -19.90
CA PRO A 44 23.60 36.10 -20.13
C PRO A 44 24.13 35.46 -21.40
N VAL A 45 24.38 34.15 -21.37
CA VAL A 45 24.92 33.43 -22.52
C VAL A 45 24.39 32.00 -22.60
N LYS A 46 23.99 31.59 -23.80
CA LYS A 46 23.51 30.22 -24.05
C LYS A 46 24.67 29.25 -23.96
N LEU A 47 24.46 28.17 -23.20
CA LEU A 47 25.49 27.14 -23.01
C LEU A 47 25.19 25.90 -23.84
N ALA A 48 23.98 25.36 -23.71
CA ALA A 48 23.59 24.13 -24.39
C ALA A 48 22.07 23.99 -24.56
N SER A 49 21.68 23.16 -25.53
CA SER A 49 20.28 22.79 -25.73
C SER A 49 20.19 21.36 -26.27
N HIS A 50 19.75 20.44 -25.40
CA HIS A 50 19.56 19.03 -25.76
C HIS A 50 18.26 18.52 -25.16
N ARG A 51 17.45 17.88 -26.00
CA ARG A 51 16.10 17.44 -25.62
C ARG A 51 15.32 18.63 -25.02
N GLU A 52 14.68 18.42 -23.87
CA GLU A 52 13.95 19.48 -23.18
C GLU A 52 14.85 20.32 -22.25
N PHE A 53 16.15 20.08 -22.30
CA PHE A 53 17.11 20.73 -21.42
C PHE A 53 17.87 21.85 -22.11
N THR A 54 17.43 23.09 -21.86
CA THR A 54 18.10 24.28 -22.38
C THR A 54 18.82 24.98 -21.22
N THR A 55 20.10 25.26 -21.41
CA THR A 55 20.91 25.86 -20.36
C THR A 55 21.50 27.21 -20.77
N TRP A 56 21.33 28.19 -19.88
CA TRP A 56 21.96 29.50 -20.03
C TRP A 56 22.74 29.81 -18.76
N ARG A 57 23.84 30.55 -18.91
CA ARG A 57 24.59 31.06 -17.77
C ARG A 57 24.52 32.58 -17.76
N ALA A 58 24.34 33.15 -16.56
CA ALA A 58 24.27 34.59 -16.40
C ALA A 58 25.01 35.02 -15.14
N GLU A 59 25.29 36.32 -15.04
CA GLU A 59 25.93 36.89 -13.87
C GLU A 59 24.92 37.64 -13.01
N LEU A 60 24.99 37.39 -11.70
CA LEU A 60 24.13 38.07 -10.74
C LEU A 60 24.98 38.60 -9.59
N ASP A 61 25.00 39.93 -9.45
CA ASP A 61 25.85 40.62 -8.46
C ASP A 61 27.33 40.19 -8.54
N GLY A 62 27.79 39.92 -9.77
CA GLY A 62 29.17 39.52 -10.01
C GLY A 62 29.40 38.01 -9.98
N LYS A 63 28.39 37.26 -9.55
CA LYS A 63 28.50 35.81 -9.39
C LYS A 63 27.75 35.03 -10.46
N PRO A 64 28.37 34.01 -11.03
CA PRO A 64 27.75 33.18 -12.08
C PRO A 64 26.56 32.38 -11.58
N VAL A 65 25.48 32.39 -12.36
CA VAL A 65 24.24 31.71 -12.03
C VAL A 65 23.74 30.93 -13.25
N ILE A 66 23.28 29.71 -13.02
CA ILE A 66 22.79 28.84 -14.09
C ILE A 66 21.25 28.90 -14.18
N VAL A 67 20.75 28.95 -15.42
CA VAL A 67 19.33 28.78 -15.69
C VAL A 67 19.17 27.55 -16.58
N CYS A 68 18.39 26.59 -16.13
CA CYS A 68 18.26 25.30 -16.82
C CYS A 68 16.85 24.75 -16.74
N SER A 69 16.26 24.45 -17.90
CA SER A 69 14.91 23.88 -17.97
C SER A 69 14.90 22.40 -17.62
N THR A 70 13.83 21.98 -16.94
CA THR A 70 13.67 20.59 -16.52
C THR A 70 12.71 19.84 -17.43
N GLY A 71 11.85 20.59 -18.13
CA GLY A 71 10.73 20.01 -18.84
C GLY A 71 9.58 19.75 -17.87
N ILE A 72 8.44 19.32 -18.41
CA ILE A 72 7.27 18.99 -17.60
C ILE A 72 7.49 17.65 -16.89
N GLY A 73 7.25 17.62 -15.59
CA GLY A 73 7.21 16.36 -14.85
C GLY A 73 8.47 16.00 -14.09
N GLY A 74 8.31 15.10 -13.12
CA GLY A 74 9.40 14.63 -12.29
C GLY A 74 10.53 13.91 -12.99
N PRO A 75 10.22 12.96 -13.89
CA PRO A 75 11.24 12.19 -14.62
C PRO A 75 12.38 13.00 -15.24
N SER A 76 12.06 14.02 -16.04
CA SER A 76 13.10 14.85 -16.65
C SER A 76 13.72 15.82 -15.65
N THR A 77 12.90 16.25 -14.68
CA THR A 77 13.38 17.06 -13.57
C THR A 77 14.48 16.32 -12.81
N SER A 78 14.24 15.04 -12.52
CA SER A 78 15.19 14.20 -11.78
C SER A 78 16.52 14.05 -12.52
N ILE A 79 16.45 14.00 -13.86
CA ILE A 79 17.66 13.96 -14.69
C ILE A 79 18.43 15.28 -14.59
N ALA A 80 17.71 16.39 -14.81
CA ALA A 80 18.31 17.73 -14.81
C ALA A 80 18.94 18.12 -13.47
N VAL A 81 18.18 17.96 -12.39
CA VAL A 81 18.66 18.30 -11.04
C VAL A 81 19.91 17.48 -10.67
N GLU A 82 19.84 16.17 -10.90
CA GLU A 82 20.94 15.25 -10.61
C GLU A 82 22.21 15.62 -11.36
N GLU A 83 22.09 15.85 -12.66
CA GLU A 83 23.26 16.15 -13.50
C GLU A 83 23.83 17.55 -13.20
N LEU A 84 22.96 18.47 -12.82
CA LEU A 84 23.40 19.78 -12.31
C LEU A 84 24.16 19.66 -10.99
N ALA A 85 23.71 18.75 -10.12
CA ALA A 85 24.37 18.47 -8.85
C ALA A 85 25.76 17.88 -9.05
N GLN A 86 25.90 17.02 -10.05
CA GLN A 86 27.18 16.44 -10.44
C GLN A 86 28.16 17.52 -10.90
N LEU A 87 27.63 18.58 -11.50
CA LEU A 87 28.42 19.69 -12.02
C LEU A 87 28.69 20.77 -10.97
N GLY A 88 28.14 20.60 -9.77
CA GLY A 88 28.46 21.47 -8.65
C GLY A 88 27.36 22.36 -8.11
N ILE A 89 26.15 22.27 -8.68
CA ILE A 89 25.01 23.05 -8.20
C ILE A 89 24.48 22.46 -6.89
N ARG A 90 24.26 23.33 -5.90
CA ARG A 90 23.81 22.91 -4.58
C ARG A 90 22.46 23.52 -4.18
N THR A 91 22.16 24.70 -4.73
CA THR A 91 20.90 25.39 -4.51
C THR A 91 20.06 25.40 -5.79
N PHE A 92 18.83 24.93 -5.70
CA PHE A 92 17.91 24.87 -6.84
C PHE A 92 16.66 25.70 -6.58
N LEU A 93 16.34 26.60 -7.50
CA LEU A 93 15.14 27.42 -7.38
C LEU A 93 14.22 27.21 -8.58
N ARG A 94 13.06 26.62 -8.33
CA ARG A 94 12.08 26.39 -9.39
C ARG A 94 11.11 27.55 -9.52
N ILE A 95 10.95 28.02 -10.76
CA ILE A 95 9.90 28.98 -11.10
C ILE A 95 8.97 28.33 -12.13
N GLY A 96 7.68 28.29 -11.79
CA GLY A 96 6.71 27.63 -12.65
C GLY A 96 5.40 28.38 -12.84
N THR A 97 4.51 27.74 -13.60
CA THR A 97 3.14 28.22 -13.76
C THR A 97 2.24 27.28 -12.96
N THR A 98 1.05 27.74 -12.60
CA THR A 98 0.15 26.93 -11.79
C THR A 98 -1.34 27.27 -11.93
N GLY A 99 -2.18 26.29 -11.61
CA GLY A 99 -3.60 26.49 -11.51
C GLY A 99 -3.99 26.48 -10.04
N ALA A 100 -4.55 27.59 -9.57
CA ALA A 100 -5.00 27.71 -8.18
C ALA A 100 -6.33 27.00 -7.96
N ILE A 101 -6.51 26.43 -6.77
CA ILE A 101 -7.74 25.72 -6.42
C ILE A 101 -8.48 26.33 -5.22
N GLN A 102 -7.94 27.41 -4.68
CA GLN A 102 -8.60 28.15 -3.61
C GLN A 102 -9.27 29.40 -4.15
N PRO A 103 -10.49 29.70 -3.70
CA PRO A 103 -11.26 30.84 -4.21
C PRO A 103 -10.61 32.21 -3.94
N HIS A 104 -9.83 32.30 -2.86
CA HIS A 104 -9.23 33.57 -2.45
C HIS A 104 -7.94 33.92 -3.21
N ILE A 105 -7.40 32.95 -3.96
CA ILE A 105 -6.21 33.18 -4.77
C ILE A 105 -6.61 33.59 -6.18
N ASN A 106 -6.17 34.77 -6.60
CA ASN A 106 -6.52 35.32 -7.91
C ASN A 106 -5.46 35.05 -8.98
N VAL A 107 -5.86 35.19 -10.23
CA VAL A 107 -4.95 35.13 -11.37
C VAL A 107 -3.97 36.29 -11.27
N GLY A 108 -2.67 35.99 -11.36
CA GLY A 108 -1.64 37.00 -11.23
C GLY A 108 -0.89 36.93 -9.91
N ASP A 109 -1.47 36.22 -8.95
CA ASP A 109 -0.84 36.03 -7.64
C ASP A 109 0.35 35.09 -7.75
N VAL A 110 1.30 35.24 -6.82
CA VAL A 110 2.46 34.36 -6.75
C VAL A 110 2.35 33.44 -5.54
N LEU A 111 2.75 32.19 -5.72
CA LEU A 111 2.66 31.21 -4.65
C LEU A 111 4.02 30.62 -4.33
N VAL A 112 4.37 30.65 -3.04
CA VAL A 112 5.58 30.01 -2.54
C VAL A 112 5.18 28.71 -1.84
N THR A 113 5.81 27.61 -2.25
CA THR A 113 5.51 26.29 -1.72
C THR A 113 6.42 25.93 -0.55
N THR A 114 5.82 25.67 0.60
CA THR A 114 6.57 25.19 1.76
C THR A 114 6.83 23.69 1.61
N ALA A 115 5.83 22.98 1.11
CA ALA A 115 5.91 21.53 0.90
C ALA A 115 4.82 21.07 -0.07
N SER A 116 4.99 19.87 -0.63
CA SER A 116 4.10 19.41 -1.67
C SER A 116 3.42 18.08 -1.38
N VAL A 117 2.16 17.96 -1.80
CA VAL A 117 1.46 16.69 -1.82
C VAL A 117 2.06 15.86 -2.96
N ARG A 118 2.52 14.67 -2.63
CA ARG A 118 3.26 13.84 -3.59
C ARG A 118 2.34 12.98 -4.44
N LEU A 119 1.84 13.56 -5.53
CA LEU A 119 1.01 12.83 -6.49
C LEU A 119 1.85 12.46 -7.71
N ASP A 120 3.12 12.18 -7.47
CA ASP A 120 4.08 11.85 -8.52
C ASP A 120 4.71 10.48 -8.24
N GLY A 121 5.47 9.98 -9.21
CA GLY A 121 6.18 8.72 -9.05
C GLY A 121 7.66 8.87 -8.75
N ALA A 122 8.29 9.89 -9.31
CA ALA A 122 9.74 10.07 -9.22
C ALA A 122 10.25 10.32 -7.80
N SER A 123 9.46 11.01 -6.98
CA SER A 123 9.84 11.28 -5.59
C SER A 123 10.09 10.00 -4.81
N LEU A 124 9.30 8.96 -5.11
CA LEU A 124 9.42 7.64 -4.46
C LEU A 124 10.75 6.94 -4.78
N HIS A 125 11.40 7.38 -5.86
CA HIS A 125 12.70 6.82 -6.25
C HIS A 125 13.84 7.42 -5.41
N PHE A 126 13.51 8.37 -4.55
CA PHE A 126 14.49 9.03 -3.70
C PHE A 126 14.19 8.86 -2.21
N ALA A 127 12.91 8.84 -1.88
CA ALA A 127 12.46 8.65 -0.50
C ALA A 127 11.07 8.03 -0.48
N PRO A 128 10.78 7.18 0.52
CA PRO A 128 9.45 6.59 0.65
C PRO A 128 8.38 7.66 0.90
N LEU A 129 7.13 7.35 0.60
CA LEU A 129 6.02 8.32 0.64
C LEU A 129 5.91 9.13 1.92
N GLU A 130 6.23 8.50 3.06
CA GLU A 130 6.14 9.12 4.38
C GLU A 130 7.08 10.31 4.57
N PHE A 131 8.14 10.36 3.76
CA PHE A 131 9.10 11.46 3.78
C PHE A 131 8.46 12.71 3.16
N PRO A 132 8.58 13.85 3.84
CA PRO A 132 7.93 15.09 3.38
C PRO A 132 8.64 15.73 2.18
N ALA A 133 7.85 16.11 1.17
CA ALA A 133 8.37 16.88 0.04
C ALA A 133 8.48 18.35 0.45
N VAL A 134 9.40 18.64 1.36
CA VAL A 134 9.53 19.95 1.97
C VAL A 134 10.63 20.80 1.32
N ALA A 135 10.34 22.08 1.15
CA ALA A 135 11.31 23.02 0.59
C ALA A 135 12.32 23.43 1.66
N ASP A 136 13.50 23.84 1.21
CA ASP A 136 14.55 24.34 2.11
C ASP A 136 14.09 25.65 2.76
N PHE A 137 14.33 25.76 4.07
CA PHE A 137 13.87 26.92 4.84
C PHE A 137 14.47 28.25 4.38
N GLU A 138 15.77 28.24 4.05
CA GLU A 138 16.45 29.44 3.59
C GLU A 138 15.96 29.88 2.21
N CYS A 139 15.70 28.90 1.34
CA CYS A 139 15.19 29.15 0.00
C CYS A 139 13.77 29.72 0.04
N THR A 140 12.93 29.14 0.89
CA THR A 140 11.55 29.60 1.09
C THR A 140 11.54 31.02 1.67
N THR A 141 12.41 31.27 2.64
CA THR A 141 12.55 32.59 3.26
C THR A 141 12.93 33.64 2.21
N ALA A 142 13.93 33.32 1.40
CA ALA A 142 14.42 34.22 0.36
C ALA A 142 13.34 34.53 -0.69
N LEU A 143 12.53 33.53 -1.01
CA LEU A 143 11.44 33.68 -1.98
C LEU A 143 10.31 34.57 -1.44
N VAL A 144 9.95 34.37 -0.17
CA VAL A 144 8.92 35.16 0.49
C VAL A 144 9.36 36.62 0.61
N GLU A 145 10.62 36.82 1.02
CA GLU A 145 11.20 38.14 1.13
C GLU A 145 11.33 38.85 -0.22
N ALA A 146 11.70 38.08 -1.26
CA ALA A 146 11.82 38.61 -2.61
C ALA A 146 10.46 39.03 -3.18
N ALA A 147 9.43 38.27 -2.85
CA ALA A 147 8.06 38.58 -3.26
C ALA A 147 7.56 39.87 -2.60
N LYS A 148 7.89 40.06 -1.33
CA LYS A 148 7.53 41.28 -0.61
C LYS A 148 8.33 42.46 -1.14
N SER A 149 9.59 42.19 -1.50
CA SER A 149 10.49 43.20 -2.03
C SER A 149 9.91 43.90 -3.26
N ILE A 150 9.35 43.12 -4.17
CA ILE A 150 8.76 43.67 -5.40
C ILE A 150 7.28 44.01 -5.23
N GLY A 151 6.70 43.58 -4.10
CA GLY A 151 5.34 43.94 -3.73
C GLY A 151 4.24 43.21 -4.48
N ALA A 152 4.34 41.88 -4.53
CA ALA A 152 3.35 41.04 -5.20
C ALA A 152 2.38 40.42 -4.19
N THR A 153 1.19 40.08 -4.66
CA THR A 153 0.20 39.37 -3.83
C THR A 153 0.65 37.91 -3.70
N THR A 154 1.09 37.55 -2.50
CA THR A 154 1.72 36.27 -2.25
C THR A 154 0.95 35.39 -1.28
N HIS A 155 0.90 34.09 -1.58
CA HIS A 155 0.34 33.09 -0.68
C HIS A 155 1.38 32.00 -0.42
N VAL A 156 1.54 31.65 0.85
CA VAL A 156 2.51 30.65 1.27
C VAL A 156 1.78 29.41 1.81
N GLY A 157 2.14 28.23 1.33
CA GLY A 157 1.51 27.01 1.77
C GLY A 157 1.80 25.77 0.95
N VAL A 158 0.87 24.81 1.00
CA VAL A 158 1.05 23.49 0.40
C VAL A 158 0.56 23.45 -1.06
N THR A 159 1.31 22.72 -1.90
CA THR A 159 1.00 22.56 -3.31
C THR A 159 0.77 21.08 -3.64
N ALA A 160 -0.22 20.80 -4.47
CA ALA A 160 -0.42 19.45 -5.00
C ALA A 160 0.39 19.29 -6.28
N SER A 161 1.35 18.37 -6.27
CA SER A 161 2.24 18.14 -7.40
C SER A 161 1.89 16.84 -8.10
N SER A 162 1.33 16.94 -9.30
CA SER A 162 0.73 15.82 -10.00
C SER A 162 1.56 15.33 -11.20
N ASP A 163 1.57 14.02 -11.41
CA ASP A 163 2.24 13.42 -12.57
C ASP A 163 1.45 13.58 -13.87
N THR A 164 0.20 14.04 -13.76
CA THR A 164 -0.58 14.36 -14.97
C THR A 164 -1.18 15.75 -14.89
N PHE A 165 -1.47 16.32 -16.06
CA PHE A 165 -2.12 17.61 -16.18
C PHE A 165 -3.64 17.46 -16.06
N TYR A 166 -4.16 16.32 -16.53
CA TYR A 166 -5.60 16.13 -16.64
C TYR A 166 -6.25 15.34 -15.49
N PRO A 167 -6.16 14.00 -15.47
CA PRO A 167 -6.87 13.22 -14.46
C PRO A 167 -6.39 13.45 -13.02
N GLY A 168 -5.07 13.63 -12.84
CA GLY A 168 -4.50 13.90 -11.54
C GLY A 168 -4.85 15.26 -10.97
N GLN A 169 -5.30 16.16 -11.83
CA GLN A 169 -5.78 17.48 -11.44
C GLN A 169 -7.30 17.55 -11.60
N GLU A 170 -7.90 16.36 -11.67
CA GLU A 170 -9.34 16.17 -11.86
C GLU A 170 -9.98 17.02 -12.95
N ARG A 171 -9.40 16.95 -14.15
CA ARG A 171 -9.99 17.56 -15.34
C ARG A 171 -10.84 16.53 -16.06
N TYR A 172 -12.08 16.88 -16.36
CA TYR A 172 -13.02 15.98 -17.03
C TYR A 172 -13.21 16.31 -18.50
N ASP A 173 -12.71 17.48 -18.91
CA ASP A 173 -12.78 17.92 -20.30
C ASP A 173 -11.72 17.23 -21.14
N THR A 174 -11.86 15.91 -21.27
CA THR A 174 -10.84 15.08 -21.90
C THR A 174 -11.45 14.14 -22.93
N TYR A 175 -10.59 13.36 -23.59
CA TYR A 175 -11.04 12.35 -24.56
C TYR A 175 -11.96 11.32 -23.93
N SER A 176 -11.53 10.74 -22.80
CA SER A 176 -12.32 9.73 -22.08
C SER A 176 -13.47 10.36 -21.29
N GLY A 177 -13.24 11.56 -20.78
CA GLY A 177 -14.23 12.28 -19.99
C GLY A 177 -14.40 11.71 -18.58
N ARG A 178 -13.44 10.90 -18.14
CA ARG A 178 -13.52 10.24 -16.85
C ARG A 178 -12.21 10.32 -16.06
N VAL A 179 -12.32 10.17 -14.75
CA VAL A 179 -11.18 10.18 -13.85
C VAL A 179 -11.20 8.92 -13.00
N VAL A 180 -10.05 8.24 -12.93
CA VAL A 180 -9.89 7.02 -12.14
C VAL A 180 -10.33 7.23 -10.69
N ARG A 181 -10.88 6.18 -10.08
CA ARG A 181 -11.45 6.24 -8.72
C ARG A 181 -10.58 6.99 -7.72
N HIS A 182 -9.28 6.70 -7.72
CA HIS A 182 -8.32 7.30 -6.80
C HIS A 182 -8.33 8.83 -6.81
N PHE A 183 -8.57 9.42 -7.98
CA PHE A 183 -8.55 10.87 -8.12
C PHE A 183 -9.94 11.51 -8.22
N LYS A 184 -10.98 10.68 -8.20
CA LYS A 184 -12.36 11.17 -8.18
C LYS A 184 -12.65 11.87 -6.85
N GLY A 185 -13.04 13.14 -6.93
CA GLY A 185 -13.30 13.95 -5.76
C GLY A 185 -12.06 14.42 -5.03
N SER A 186 -10.90 14.23 -5.65
CA SER A 186 -9.61 14.57 -5.01
C SER A 186 -9.36 16.08 -4.90
N MET A 187 -9.77 16.84 -5.90
CA MET A 187 -9.60 18.30 -5.87
C MET A 187 -10.31 18.92 -4.67
N GLU A 188 -11.56 18.51 -4.45
CA GLU A 188 -12.35 18.96 -3.30
C GLU A 188 -11.68 18.61 -1.98
N GLU A 189 -11.05 17.44 -1.92
CA GLU A 189 -10.34 16.98 -0.74
C GLU A 189 -9.10 17.86 -0.45
N TRP A 190 -8.32 18.15 -1.50
CA TRP A 190 -7.17 19.04 -1.36
C TRP A 190 -7.59 20.46 -0.96
N GLN A 191 -8.68 20.93 -1.56
CA GLN A 191 -9.24 22.26 -1.26
C GLN A 191 -9.57 22.40 0.22
N ALA A 192 -10.24 21.39 0.77
CA ALA A 192 -10.61 21.39 2.19
C ALA A 192 -9.40 21.31 3.11
N MET A 193 -8.31 20.76 2.58
CA MET A 193 -7.06 20.61 3.33
C MET A 193 -6.16 21.85 3.23
N GLY A 194 -6.64 22.87 2.53
CA GLY A 194 -5.92 24.13 2.40
C GLY A 194 -4.84 24.14 1.35
N VAL A 195 -4.81 23.12 0.49
CA VAL A 195 -3.87 23.07 -0.62
C VAL A 195 -4.16 24.21 -1.60
N MET A 196 -3.12 24.94 -1.99
CA MET A 196 -3.27 26.16 -2.77
C MET A 196 -3.50 25.90 -4.25
N ASN A 197 -2.74 24.97 -4.82
CA ASN A 197 -2.60 24.89 -6.28
C ASN A 197 -2.13 23.54 -6.80
N TYR A 198 -2.22 23.40 -8.14
CA TYR A 198 -1.70 22.24 -8.85
C TYR A 198 -0.51 22.64 -9.72
N GLU A 199 0.58 21.90 -9.62
CA GLU A 199 1.64 21.92 -10.63
C GLU A 199 2.23 20.52 -10.78
N MET A 200 3.36 20.39 -11.48
CA MET A 200 3.79 19.07 -11.93
C MET A 200 5.25 18.66 -11.65
N GLU A 201 6.00 19.48 -10.92
CA GLU A 201 7.43 19.18 -10.70
C GLU A 201 7.91 19.26 -9.25
N SER A 202 7.22 20.03 -8.41
CA SER A 202 7.71 20.36 -7.07
C SER A 202 7.92 19.16 -6.15
N ALA A 203 7.02 18.17 -6.20
CA ALA A 203 7.14 16.99 -5.35
C ALA A 203 8.45 16.24 -5.60
N THR A 204 8.80 16.06 -6.87
CA THR A 204 10.05 15.41 -7.24
C THR A 204 11.26 16.24 -6.82
N LEU A 205 11.26 17.51 -7.22
CA LEU A 205 12.37 18.42 -6.92
C LEU A 205 12.62 18.52 -5.42
N LEU A 206 11.57 18.81 -4.65
CA LEU A 206 11.70 19.01 -3.21
C LEU A 206 12.11 17.74 -2.46
N THR A 207 11.53 16.59 -2.84
CA THR A 207 11.88 15.30 -2.23
C THR A 207 13.33 14.93 -2.51
N MET A 208 13.73 14.99 -3.78
CA MET A 208 15.08 14.57 -4.17
C MET A 208 16.17 15.48 -3.61
N CYS A 209 15.85 16.75 -3.39
CA CYS A 209 16.82 17.69 -2.82
C CYS A 209 16.93 17.56 -1.30
N ALA A 210 15.77 17.50 -0.63
CA ALA A 210 15.74 17.40 0.84
C ALA A 210 16.29 16.08 1.38
N SER A 211 16.27 15.04 0.54
CA SER A 211 16.80 13.73 0.94
C SER A 211 18.24 13.49 0.47
N GLN A 212 18.85 14.51 -0.13
CA GLN A 212 20.20 14.39 -0.67
C GLN A 212 21.11 15.56 -0.28
N GLY A 213 20.68 16.35 0.70
CA GLY A 213 21.47 17.46 1.21
C GLY A 213 21.57 18.65 0.26
N LEU A 214 20.59 18.78 -0.64
CA LEU A 214 20.54 19.91 -1.58
C LEU A 214 19.42 20.86 -1.19
N ARG A 215 19.66 22.16 -1.40
CA ARG A 215 18.68 23.20 -1.06
C ARG A 215 17.74 23.44 -2.24
N ALA A 216 16.44 23.47 -1.97
CA ALA A 216 15.45 23.71 -3.02
C ALA A 216 14.34 24.66 -2.59
N GLY A 217 13.94 25.51 -3.52
CA GLY A 217 12.83 26.43 -3.33
C GLY A 217 11.87 26.35 -4.50
N MET A 218 10.62 26.72 -4.25
CA MET A 218 9.57 26.61 -5.26
C MET A 218 8.64 27.84 -5.26
N VAL A 219 8.54 28.48 -6.41
CA VAL A 219 7.66 29.63 -6.61
C VAL A 219 6.92 29.50 -7.96
N ALA A 220 5.66 29.95 -7.99
CA ALA A 220 4.83 29.83 -9.20
C ALA A 220 3.87 31.01 -9.37
N GLY A 221 3.61 31.36 -10.63
CA GLY A 221 2.63 32.38 -10.95
C GLY A 221 1.30 31.77 -11.31
N VAL A 222 0.23 32.31 -10.73
CA VAL A 222 -1.13 31.81 -10.98
C VAL A 222 -1.65 32.36 -12.31
N ILE A 223 -1.88 31.46 -13.26
CA ILE A 223 -2.39 31.85 -14.56
C ILE A 223 -3.83 31.41 -14.78
N VAL A 224 -4.35 30.61 -13.84
CA VAL A 224 -5.73 30.14 -13.86
C VAL A 224 -6.19 29.80 -12.45
N ASN A 225 -7.45 30.10 -12.15
CA ASN A 225 -8.09 29.61 -10.93
C ASN A 225 -9.20 28.64 -11.29
N ARG A 226 -9.11 27.42 -10.77
CA ARG A 226 -10.04 26.35 -11.12
C ARG A 226 -11.47 26.56 -10.61
N THR A 227 -11.63 27.37 -9.57
CA THR A 227 -12.95 27.68 -9.02
C THR A 227 -13.63 28.85 -9.73
N GLN A 228 -12.90 29.50 -10.63
CA GLN A 228 -13.42 30.62 -11.41
C GLN A 228 -13.58 30.21 -12.87
N THR A 236 -2.21 39.10 -19.47
CA THR A 236 -2.35 38.63 -18.10
C THR A 236 -1.42 37.44 -17.81
N MET A 237 -1.35 36.51 -18.75
CA MET A 237 -0.50 35.31 -18.61
C MET A 237 0.99 35.65 -18.73
N LYS A 238 1.33 36.56 -19.63
CA LYS A 238 2.71 37.01 -19.82
C LYS A 238 3.15 37.90 -18.66
N GLN A 239 2.22 38.71 -18.14
CA GLN A 239 2.48 39.61 -17.01
C GLN A 239 2.74 38.83 -15.71
N THR A 240 2.00 37.74 -15.53
CA THR A 240 2.15 36.88 -14.35
C THR A 240 3.49 36.16 -14.36
N GLU A 241 3.83 35.58 -15.51
CA GLU A 241 5.10 34.89 -15.70
C GLU A 241 6.27 35.84 -15.42
N SER A 242 6.17 37.07 -15.92
CA SER A 242 7.17 38.12 -15.68
C SER A 242 7.34 38.41 -14.19
N HIS A 243 6.22 38.58 -13.49
CA HIS A 243 6.19 38.83 -12.06
C HIS A 243 6.93 37.74 -11.27
N ALA A 244 6.67 36.49 -11.62
CA ALA A 244 7.29 35.35 -10.95
C ALA A 244 8.77 35.20 -11.29
N VAL A 245 9.13 35.55 -12.53
CA VAL A 245 10.51 35.52 -12.99
C VAL A 245 11.37 36.54 -12.24
N LYS A 246 10.79 37.72 -11.99
CA LYS A 246 11.48 38.78 -11.24
C LYS A 246 11.72 38.39 -9.78
N ILE A 247 10.83 37.57 -9.23
CA ILE A 247 10.93 37.11 -7.85
C ILE A 247 11.98 36.00 -7.67
N VAL A 248 12.02 35.06 -8.61
CA VAL A 248 12.98 33.94 -8.55
C VAL A 248 14.44 34.41 -8.72
N VAL A 249 14.64 35.50 -9.46
CA VAL A 249 15.97 36.09 -9.65
C VAL A 249 16.38 36.86 -8.39
N GLU A 250 15.45 37.63 -7.84
CA GLU A 250 15.66 38.39 -6.62
C GLU A 250 15.90 37.49 -5.41
N ALA A 251 15.27 36.32 -5.39
CA ALA A 251 15.48 35.33 -4.33
C ALA A 251 16.86 34.72 -4.43
N ALA A 252 17.31 34.45 -5.65
CA ALA A 252 18.66 33.94 -5.91
C ALA A 252 19.73 34.90 -5.40
N ARG A 253 19.44 36.21 -5.48
CA ARG A 253 20.34 37.26 -5.00
C ARG A 253 20.66 37.11 -3.52
N ARG A 254 19.64 36.79 -2.73
CA ARG A 254 19.79 36.63 -1.28
C ARG A 254 20.48 35.33 -0.89
N LEU A 255 20.50 34.37 -1.82
CA LEU A 255 21.03 33.02 -1.55
C LEU A 255 22.44 32.77 -2.05
N LEU A 256 23.03 33.75 -2.74
CA LEU A 256 24.37 33.61 -3.31
C LEU A 256 25.45 33.62 -2.23
N LYS B 6 -5.16 28.98 -34.14
CA LYS B 6 -3.75 28.79 -33.68
C LYS B 6 -3.54 27.44 -32.99
N SER B 7 -4.44 27.09 -32.07
CA SER B 7 -4.35 25.84 -31.34
C SER B 7 -5.68 25.38 -30.77
N ASP B 8 -6.00 24.10 -30.99
CA ASP B 8 -7.20 23.48 -30.42
C ASP B 8 -6.90 22.80 -29.07
N VAL B 9 -5.63 22.76 -28.70
CA VAL B 9 -5.20 22.14 -27.44
C VAL B 9 -4.35 23.08 -26.58
N PHE B 10 -4.16 22.69 -25.32
CA PHE B 10 -3.46 23.54 -24.35
C PHE B 10 -1.94 23.62 -24.55
N HIS B 11 -1.32 22.52 -24.97
CA HIS B 11 0.15 22.47 -25.01
C HIS B 11 0.79 22.30 -26.40
N LEU B 12 0.24 21.41 -27.22
CA LEU B 12 0.87 21.01 -28.48
C LEU B 12 0.98 22.11 -29.54
N GLY B 13 0.09 23.10 -29.47
CA GLY B 13 0.07 24.18 -30.44
C GLY B 13 -0.44 23.73 -31.80
N LEU B 14 -1.43 22.85 -31.78
CA LEU B 14 -1.98 22.26 -33.00
C LEU B 14 -3.50 22.40 -33.05
N THR B 15 -4.02 22.66 -34.25
CA THR B 15 -5.46 22.56 -34.51
C THR B 15 -5.74 21.20 -35.15
N LYS B 16 -6.98 20.74 -35.06
CA LYS B 16 -7.39 19.50 -35.72
C LYS B 16 -7.23 19.61 -37.24
N ASN B 17 -7.36 20.83 -37.75
CA ASN B 17 -7.16 21.13 -39.18
C ASN B 17 -5.73 20.82 -39.65
N ASP B 18 -4.76 21.01 -38.76
CA ASP B 18 -3.35 20.72 -39.04
C ASP B 18 -3.10 19.25 -39.33
N LEU B 19 -3.87 18.38 -38.68
CA LEU B 19 -3.64 16.93 -38.75
C LEU B 19 -4.11 16.30 -40.06
N GLN B 20 -5.06 16.97 -40.74
CA GLN B 20 -5.60 16.54 -42.03
C GLN B 20 -6.23 15.15 -42.04
N GLY B 21 -6.83 14.78 -40.92
CA GLY B 21 -7.56 13.52 -40.80
C GLY B 21 -6.73 12.33 -40.33
N ALA B 22 -5.50 12.60 -39.88
CA ALA B 22 -4.61 11.55 -39.37
C ALA B 22 -5.14 10.92 -38.08
N THR B 23 -5.00 9.61 -37.97
CA THR B 23 -5.47 8.87 -36.80
C THR B 23 -4.34 8.05 -36.15
N LEU B 24 -3.14 8.16 -36.70
CA LEU B 24 -1.97 7.45 -36.19
C LEU B 24 -0.83 8.41 -35.89
N ALA B 25 -0.21 8.22 -34.72
CA ALA B 25 0.93 9.03 -34.32
C ALA B 25 2.13 8.19 -33.91
N ILE B 26 3.31 8.59 -34.37
CA ILE B 26 4.58 8.04 -33.89
C ILE B 26 5.09 8.99 -32.81
N VAL B 27 5.36 8.45 -31.63
CA VAL B 27 5.71 9.29 -30.48
C VAL B 27 7.11 9.00 -29.90
N PRO B 28 8.14 9.67 -30.42
CA PRO B 28 9.49 9.56 -29.83
C PRO B 28 9.62 10.42 -28.58
N GLY B 29 10.63 10.13 -27.76
CA GLY B 29 10.91 10.93 -26.58
C GLY B 29 11.69 12.20 -26.91
N ASP B 30 12.67 12.06 -27.80
CA ASP B 30 13.54 13.16 -28.20
C ASP B 30 12.88 14.05 -29.26
N PRO B 31 12.74 15.34 -28.95
CA PRO B 31 12.27 16.34 -29.93
C PRO B 31 13.03 16.32 -31.25
N ASP B 32 14.34 16.07 -31.21
CA ASP B 32 15.18 16.08 -32.40
C ASP B 32 15.02 14.85 -33.30
N ARG B 33 14.38 13.81 -32.77
CA ARG B 33 14.10 12.58 -33.51
C ARG B 33 12.89 12.71 -34.43
N VAL B 34 12.02 13.68 -34.14
CA VAL B 34 10.80 13.90 -34.90
C VAL B 34 11.09 14.18 -36.39
N GLU B 35 12.06 15.06 -36.64
CA GLU B 35 12.48 15.39 -38.01
C GLU B 35 13.06 14.18 -38.74
N LYS B 36 13.74 13.31 -37.98
CA LYS B 36 14.35 12.10 -38.54
C LYS B 36 13.30 11.08 -38.98
N ILE B 37 12.25 10.90 -38.17
CA ILE B 37 11.17 9.96 -38.48
C ILE B 37 10.33 10.42 -39.67
N ALA B 38 10.01 11.71 -39.70
CA ALA B 38 9.21 12.30 -40.78
C ALA B 38 9.92 12.29 -42.14
N ALA B 39 11.24 12.34 -42.12
CA ALA B 39 12.05 12.33 -43.34
C ALA B 39 11.98 11.01 -44.10
N LEU B 40 11.58 9.95 -43.42
CA LEU B 40 11.42 8.63 -44.03
C LEU B 40 10.15 8.52 -44.86
N MET B 41 9.16 9.36 -44.54
CA MET B 41 7.87 9.36 -45.23
C MET B 41 7.77 10.47 -46.28
N ASP B 42 6.63 10.52 -46.99
CA ASP B 42 6.43 11.48 -48.08
C ASP B 42 5.89 12.83 -47.60
N LYS B 43 6.28 13.90 -48.28
CA LYS B 43 5.85 15.27 -48.01
C LYS B 43 5.90 15.68 -46.52
N PRO B 44 7.10 15.80 -45.96
CA PRO B 44 7.26 16.17 -44.55
C PRO B 44 7.20 17.68 -44.30
N VAL B 45 6.40 18.09 -43.32
CA VAL B 45 6.28 19.49 -42.93
C VAL B 45 6.27 19.64 -41.41
N LYS B 46 6.92 20.71 -40.91
CA LYS B 46 6.95 21.03 -39.49
C LYS B 46 5.70 21.83 -39.12
N LEU B 47 4.97 21.36 -38.11
CA LEU B 47 3.72 21.98 -37.69
C LEU B 47 3.88 22.92 -36.49
N ALA B 48 4.55 22.44 -35.45
CA ALA B 48 4.69 23.20 -34.20
C ALA B 48 5.90 22.80 -33.38
N SER B 49 6.41 23.77 -32.62
CA SER B 49 7.49 23.54 -31.66
C SER B 49 7.24 24.35 -30.40
N HIS B 50 6.79 23.66 -29.34
CA HIS B 50 6.52 24.29 -28.06
C HIS B 50 6.95 23.36 -26.93
N ARG B 51 7.71 23.90 -25.99
CA ARG B 51 8.28 23.11 -24.90
C ARG B 51 9.03 21.89 -25.46
N GLU B 52 8.73 20.71 -24.93
CA GLU B 52 9.32 19.46 -25.42
C GLU B 52 8.48 18.80 -26.52
N PHE B 53 7.42 19.49 -26.95
CA PHE B 53 6.51 18.94 -27.95
C PHE B 53 6.77 19.50 -29.35
N THR B 54 7.44 18.69 -30.18
CA THR B 54 7.71 19.04 -31.57
C THR B 54 6.89 18.12 -32.47
N THR B 55 6.06 18.72 -33.32
CA THR B 55 5.18 17.95 -34.20
C THR B 55 5.48 18.16 -35.67
N TRP B 56 5.61 17.04 -36.39
CA TRP B 56 5.72 17.05 -37.85
C TRP B 56 4.57 16.26 -38.45
N ARG B 57 4.13 16.67 -39.64
CA ARG B 57 3.15 15.89 -40.40
C ARG B 57 3.82 15.27 -41.61
N ALA B 58 3.51 14.00 -41.85
CA ALA B 58 4.05 13.26 -42.99
C ALA B 58 2.97 12.42 -43.65
N GLU B 59 3.27 11.88 -44.83
CA GLU B 59 2.34 11.07 -45.59
C GLU B 59 2.89 9.67 -45.84
N LEU B 60 2.10 8.67 -45.46
CA LEU B 60 2.47 7.27 -45.62
C LEU B 60 1.42 6.51 -46.43
N ASP B 61 1.80 6.10 -47.63
CA ASP B 61 0.89 5.47 -48.60
C ASP B 61 -0.38 6.30 -48.82
N GLY B 62 -0.18 7.61 -48.98
CA GLY B 62 -1.28 8.54 -49.21
C GLY B 62 -2.02 8.98 -47.95
N LYS B 63 -1.83 8.23 -46.87
CA LYS B 63 -2.51 8.49 -45.61
C LYS B 63 -1.64 9.33 -44.67
N PRO B 64 -2.17 10.45 -44.19
CA PRO B 64 -1.42 11.34 -43.29
C PRO B 64 -1.08 10.69 -41.95
N VAL B 65 0.14 10.93 -41.48
CA VAL B 65 0.62 10.39 -40.20
C VAL B 65 1.29 11.52 -39.41
N ILE B 66 1.07 11.53 -38.09
CA ILE B 66 1.68 12.50 -37.21
C ILE B 66 2.91 11.93 -36.49
N VAL B 67 3.96 12.73 -36.40
CA VAL B 67 5.09 12.44 -35.52
C VAL B 67 5.18 13.56 -34.49
N CYS B 68 5.14 13.19 -33.21
CA CYS B 68 5.13 14.16 -32.11
C CYS B 68 5.93 13.64 -30.92
N SER B 69 6.85 14.48 -30.44
CA SER B 69 7.67 14.10 -29.28
C SER B 69 6.91 14.29 -27.96
N THR B 70 7.17 13.37 -27.03
CA THR B 70 6.52 13.40 -25.71
C THR B 70 7.41 14.05 -24.67
N GLY B 71 8.73 14.00 -24.90
CA GLY B 71 9.70 14.35 -23.88
C GLY B 71 9.96 13.14 -22.99
N ILE B 72 10.92 13.27 -22.10
CA ILE B 72 11.27 12.19 -21.17
C ILE B 72 10.21 12.09 -20.07
N GLY B 73 9.66 10.89 -19.88
CA GLY B 73 8.80 10.62 -18.75
C GLY B 73 7.32 10.64 -19.01
N GLY B 74 6.58 9.99 -18.11
CA GLY B 74 5.13 9.88 -18.19
C GLY B 74 4.31 11.15 -18.16
N PRO B 75 4.63 12.09 -17.26
CA PRO B 75 3.89 13.36 -17.16
C PRO B 75 3.68 14.09 -18.50
N SER B 76 4.75 14.35 -19.23
CA SER B 76 4.63 15.02 -20.52
C SER B 76 4.10 14.08 -21.60
N THR B 77 4.37 12.79 -21.45
CA THR B 77 3.80 11.77 -22.34
C THR B 77 2.28 11.77 -22.24
N SER B 78 1.78 11.87 -21.01
CA SER B 78 0.33 11.89 -20.76
C SER B 78 -0.35 13.11 -21.38
N ILE B 79 0.35 14.26 -21.36
CA ILE B 79 -0.13 15.47 -22.02
C ILE B 79 -0.16 15.30 -23.54
N ALA B 80 0.94 14.82 -24.12
CA ALA B 80 1.04 14.63 -25.57
C ALA B 80 -0.01 13.67 -26.11
N VAL B 81 -0.15 12.52 -25.45
CA VAL B 81 -1.07 11.48 -25.88
C VAL B 81 -2.53 11.93 -25.79
N GLU B 82 -2.88 12.55 -24.66
CA GLU B 82 -4.24 13.02 -24.42
C GLU B 82 -4.66 14.11 -25.42
N GLU B 83 -3.76 15.05 -25.67
CA GLU B 83 -4.05 16.16 -26.58
C GLU B 83 -4.08 15.74 -28.04
N LEU B 84 -3.28 14.74 -28.40
CA LEU B 84 -3.34 14.14 -29.73
C LEU B 84 -4.64 13.35 -29.91
N ALA B 85 -5.09 12.69 -28.84
CA ALA B 85 -6.36 11.96 -28.84
C ALA B 85 -7.53 12.91 -29.05
N GLN B 86 -7.45 14.09 -28.44
CA GLN B 86 -8.42 15.17 -28.64
C GLN B 86 -8.48 15.61 -30.10
N LEU B 87 -7.34 15.56 -30.78
CA LEU B 87 -7.24 15.97 -32.19
C LEU B 87 -7.57 14.84 -33.18
N GLY B 88 -7.83 13.64 -32.65
CA GLY B 88 -8.30 12.54 -33.48
C GLY B 88 -7.39 11.34 -33.61
N ILE B 89 -6.26 11.34 -32.89
CA ILE B 89 -5.33 10.21 -32.93
C ILE B 89 -5.86 9.05 -32.09
N ARG B 90 -5.92 7.87 -32.70
CA ARG B 90 -6.45 6.67 -32.04
C ARG B 90 -5.40 5.57 -31.90
N THR B 91 -4.33 5.66 -32.69
CA THR B 91 -3.22 4.70 -32.61
C THR B 91 -1.90 5.40 -32.33
N PHE B 92 -1.20 4.94 -31.29
CA PHE B 92 0.09 5.50 -30.90
C PHE B 92 1.20 4.47 -31.03
N LEU B 93 2.31 4.88 -31.65
CA LEU B 93 3.50 4.03 -31.74
C LEU B 93 4.72 4.73 -31.17
N ARG B 94 5.23 4.21 -30.06
CA ARG B 94 6.41 4.79 -29.44
C ARG B 94 7.69 4.15 -29.95
N ILE B 95 8.63 5.00 -30.36
CA ILE B 95 9.99 4.56 -30.67
C ILE B 95 10.96 5.26 -29.71
N GLY B 96 11.76 4.47 -29.00
CA GLY B 96 12.67 5.02 -28.01
C GLY B 96 14.06 4.41 -28.00
N THR B 97 14.87 4.88 -27.05
CA THR B 97 16.17 4.29 -26.76
C THR B 97 16.05 3.53 -25.44
N THR B 98 16.96 2.60 -25.20
CA THR B 98 16.88 1.77 -24.00
C THR B 98 18.21 1.19 -23.54
N GLY B 99 18.29 0.88 -22.26
CA GLY B 99 19.40 0.14 -21.68
C GLY B 99 18.95 -1.27 -21.37
N ALA B 100 19.57 -2.25 -22.01
CA ALA B 100 19.23 -3.65 -21.79
C ALA B 100 19.85 -4.17 -20.49
N ILE B 101 19.14 -5.08 -19.83
CA ILE B 101 19.62 -5.66 -18.57
C ILE B 101 19.81 -7.18 -18.63
N GLN B 102 19.56 -7.77 -19.80
CA GLN B 102 19.80 -9.20 -20.01
C GLN B 102 21.11 -9.40 -20.79
N PRO B 103 21.91 -10.38 -20.38
CA PRO B 103 23.22 -10.62 -21.01
C PRO B 103 23.15 -11.01 -22.48
N HIS B 104 22.05 -11.65 -22.90
CA HIS B 104 21.91 -12.15 -24.26
C HIS B 104 21.46 -11.08 -25.26
N ILE B 105 21.04 -9.92 -24.77
CA ILE B 105 20.64 -8.81 -25.63
C ILE B 105 21.84 -7.87 -25.87
N ASN B 106 22.20 -7.71 -27.13
CA ASN B 106 23.37 -6.91 -27.51
C ASN B 106 23.00 -5.48 -27.90
N VAL B 107 24.00 -4.61 -27.91
CA VAL B 107 23.87 -3.24 -28.41
C VAL B 107 23.55 -3.28 -29.90
N GLY B 108 22.50 -2.58 -30.31
CA GLY B 108 22.05 -2.58 -31.69
C GLY B 108 20.78 -3.38 -31.91
N ASP B 109 20.44 -4.23 -30.94
CA ASP B 109 19.22 -5.02 -30.98
C ASP B 109 17.98 -4.14 -30.82
N VAL B 110 16.87 -4.60 -31.37
CA VAL B 110 15.59 -3.90 -31.20
C VAL B 110 14.68 -4.70 -30.27
N LEU B 111 13.96 -3.99 -29.42
CA LEU B 111 13.07 -4.64 -28.45
C LEU B 111 11.64 -4.17 -28.62
N VAL B 112 10.73 -5.13 -28.72
CA VAL B 112 9.30 -4.86 -28.76
C VAL B 112 8.70 -5.23 -27.40
N THR B 113 7.99 -4.27 -26.81
CA THR B 113 7.41 -4.43 -25.48
C THR B 113 5.97 -4.94 -25.56
N THR B 114 5.74 -6.10 -24.95
CA THR B 114 4.38 -6.65 -24.82
C THR B 114 3.65 -5.93 -23.69
N ALA B 115 4.37 -5.69 -22.60
CA ALA B 115 3.83 -5.01 -21.43
C ALA B 115 4.96 -4.49 -20.54
N SER B 116 4.64 -3.56 -19.65
CA SER B 116 5.66 -2.88 -18.86
C SER B 116 5.48 -3.00 -17.35
N VAL B 117 6.60 -3.14 -16.65
CA VAL B 117 6.62 -3.00 -15.19
C VAL B 117 6.41 -1.52 -14.87
N ARG B 118 5.41 -1.23 -14.05
CA ARG B 118 4.99 0.14 -13.78
C ARG B 118 5.77 0.77 -12.64
N LEU B 119 6.95 1.32 -12.97
CA LEU B 119 7.78 2.03 -12.00
C LEU B 119 7.61 3.53 -12.18
N ASP B 120 6.41 3.94 -12.56
CA ASP B 120 6.08 5.33 -12.84
C ASP B 120 4.91 5.78 -11.97
N GLY B 121 4.61 7.09 -12.02
CA GLY B 121 3.49 7.63 -11.27
C GLY B 121 2.28 7.95 -12.13
N ALA B 122 2.52 8.37 -13.37
CA ALA B 122 1.45 8.82 -14.26
C ALA B 122 0.44 7.74 -14.64
N SER B 123 0.90 6.50 -14.77
CA SER B 123 0.01 5.38 -15.09
C SER B 123 -1.10 5.20 -14.05
N LEU B 124 -0.78 5.47 -12.79
CA LEU B 124 -1.74 5.38 -11.68
C LEU B 124 -2.87 6.40 -11.78
N HIS B 125 -2.64 7.47 -12.55
CA HIS B 125 -3.65 8.49 -12.76
C HIS B 125 -4.69 8.07 -13.81
N PHE B 126 -4.49 6.90 -14.41
CA PHE B 126 -5.41 6.36 -15.41
C PHE B 126 -6.01 5.03 -15.00
N ALA B 127 -5.21 4.22 -14.28
CA ALA B 127 -5.66 2.91 -13.81
C ALA B 127 -4.86 2.51 -12.57
N PRO B 128 -5.50 1.80 -11.64
CA PRO B 128 -4.81 1.32 -10.43
C PRO B 128 -3.70 0.35 -10.79
N LEU B 129 -2.73 0.17 -9.89
CA LEU B 129 -1.52 -0.61 -10.16
C LEU B 129 -1.77 -2.01 -10.73
N GLU B 130 -2.85 -2.66 -10.25
CA GLU B 130 -3.19 -4.01 -10.65
C GLU B 130 -3.53 -4.15 -12.14
N PHE B 131 -3.89 -3.05 -12.78
CA PHE B 131 -4.16 -3.03 -14.22
C PHE B 131 -2.84 -3.15 -14.99
N PRO B 132 -2.81 -4.04 -15.98
CA PRO B 132 -1.60 -4.29 -16.76
C PRO B 132 -1.25 -3.17 -17.76
N ALA B 133 0.01 -2.76 -17.76
CA ALA B 133 0.51 -1.81 -18.74
C ALA B 133 0.82 -2.57 -20.03
N VAL B 134 -0.23 -3.06 -20.69
CA VAL B 134 -0.11 -3.94 -21.84
C VAL B 134 -0.25 -3.20 -23.16
N ALA B 135 0.57 -3.57 -24.14
CA ALA B 135 0.51 -3.00 -25.47
C ALA B 135 -0.64 -3.63 -26.27
N ASP B 136 -1.13 -2.89 -27.25
CA ASP B 136 -2.17 -3.37 -28.17
C ASP B 136 -1.63 -4.54 -28.99
N PHE B 137 -2.42 -5.59 -29.12
CA PHE B 137 -1.99 -6.80 -29.82
C PHE B 137 -1.68 -6.58 -31.30
N GLU B 138 -2.51 -5.77 -31.97
CA GLU B 138 -2.30 -5.47 -33.39
C GLU B 138 -1.04 -4.63 -33.60
N CYS B 139 -0.80 -3.68 -32.70
CA CYS B 139 0.39 -2.82 -32.74
C CYS B 139 1.67 -3.61 -32.50
N THR B 140 1.63 -4.51 -31.51
CA THR B 140 2.75 -5.40 -31.20
C THR B 140 3.05 -6.34 -32.37
N THR B 141 1.99 -6.89 -32.96
CA THR B 141 2.11 -7.78 -34.11
C THR B 141 2.79 -7.07 -35.28
N ALA B 142 2.32 -5.86 -35.59
CA ALA B 142 2.85 -5.06 -36.68
C ALA B 142 4.32 -4.69 -36.47
N LEU B 143 4.70 -4.44 -35.22
CA LEU B 143 6.09 -4.10 -34.88
C LEU B 143 7.03 -5.30 -35.01
N VAL B 144 6.57 -6.46 -34.56
CA VAL B 144 7.33 -7.71 -34.66
C VAL B 144 7.53 -8.08 -36.14
N GLU B 145 6.45 -7.98 -36.92
CA GLU B 145 6.48 -8.26 -38.35
C GLU B 145 7.36 -7.26 -39.11
N ALA B 146 7.30 -6.00 -38.70
CA ALA B 146 8.12 -4.93 -39.30
C ALA B 146 9.61 -5.14 -39.03
N ALA B 147 9.92 -5.61 -37.82
CA ALA B 147 11.30 -5.92 -37.43
C ALA B 147 11.84 -7.10 -38.22
N LYS B 148 10.98 -8.11 -38.44
CA LYS B 148 11.34 -9.29 -39.24
C LYS B 148 11.44 -8.95 -40.72
N SER B 149 10.71 -7.92 -41.15
CA SER B 149 10.71 -7.47 -42.54
C SER B 149 12.06 -6.86 -42.93
N ILE B 150 12.63 -6.04 -42.05
CA ILE B 150 13.92 -5.42 -42.31
C ILE B 150 15.10 -6.27 -41.82
N GLY B 151 14.79 -7.32 -41.07
CA GLY B 151 15.78 -8.31 -40.66
C GLY B 151 16.68 -7.90 -39.53
N ALA B 152 16.09 -7.41 -38.45
CA ALA B 152 16.84 -6.98 -37.27
C ALA B 152 16.81 -8.04 -36.17
N THR B 153 17.81 -8.01 -35.29
CA THR B 153 17.85 -8.89 -34.13
C THR B 153 16.85 -8.38 -33.10
N THR B 154 15.74 -9.12 -32.94
CA THR B 154 14.61 -8.66 -32.14
C THR B 154 14.34 -9.55 -30.93
N HIS B 155 14.00 -8.90 -29.81
CA HIS B 155 13.54 -9.59 -28.61
C HIS B 155 12.19 -9.04 -28.18
N VAL B 156 11.26 -9.95 -27.88
CA VAL B 156 9.92 -9.59 -27.47
C VAL B 156 9.70 -9.98 -26.01
N GLY B 157 9.18 -9.03 -25.21
CA GLY B 157 8.93 -9.30 -23.81
C GLY B 157 8.63 -8.07 -22.95
N VAL B 158 8.93 -8.20 -21.66
CA VAL B 158 8.56 -7.18 -20.66
C VAL B 158 9.66 -6.13 -20.47
N THR B 159 9.22 -4.88 -20.31
CA THR B 159 10.10 -3.74 -20.10
C THR B 159 9.85 -3.11 -18.73
N ALA B 160 10.92 -2.70 -18.05
CA ALA B 160 10.77 -1.93 -16.82
C ALA B 160 10.77 -0.44 -17.18
N SER B 161 9.66 0.23 -16.88
CA SER B 161 9.48 1.64 -17.22
C SER B 161 9.56 2.51 -15.98
N SER B 162 10.65 3.27 -15.87
CA SER B 162 10.99 3.98 -14.64
C SER B 162 10.78 5.49 -14.74
N ASP B 163 10.34 6.09 -13.63
CA ASP B 163 10.18 7.53 -13.52
C ASP B 163 11.51 8.28 -13.35
N THR B 164 12.59 7.54 -13.10
CA THR B 164 13.93 8.15 -13.06
C THR B 164 14.91 7.41 -13.95
N PHE B 165 15.97 8.11 -14.36
CA PHE B 165 17.04 7.53 -15.14
C PHE B 165 18.07 6.86 -14.24
N TYR B 166 18.24 7.41 -13.03
CA TYR B 166 19.31 6.98 -12.14
C TYR B 166 18.88 5.96 -11.06
N PRO B 167 18.25 6.40 -9.96
CA PRO B 167 17.97 5.48 -8.84
C PRO B 167 16.96 4.39 -9.20
N GLY B 168 15.95 4.71 -10.00
CA GLY B 168 14.96 3.74 -10.43
C GLY B 168 15.48 2.69 -11.38
N GLN B 169 16.64 2.97 -11.99
CA GLN B 169 17.33 2.01 -12.85
C GLN B 169 18.59 1.50 -12.14
N GLU B 170 18.61 1.70 -10.82
CA GLU B 170 19.71 1.31 -9.94
C GLU B 170 21.11 1.73 -10.43
N ARG B 171 21.24 3.01 -10.75
CA ARG B 171 22.55 3.59 -11.04
C ARG B 171 23.14 4.19 -9.77
N TYR B 172 24.38 3.82 -9.47
CA TYR B 172 25.06 4.29 -8.26
C TYR B 172 26.11 5.37 -8.55
N ASP B 173 26.44 5.55 -9.83
CA ASP B 173 27.39 6.59 -10.25
C ASP B 173 26.71 7.95 -10.28
N THR B 174 26.34 8.43 -9.09
CA THR B 174 25.54 9.65 -8.94
C THR B 174 26.15 10.57 -7.89
N TYR B 175 25.52 11.73 -7.71
CA TYR B 175 25.94 12.70 -6.70
C TYR B 175 25.89 12.10 -5.28
N SER B 176 24.77 11.48 -4.93
CA SER B 176 24.59 10.87 -3.61
C SER B 176 25.30 9.52 -3.51
N GLY B 177 25.36 8.80 -4.62
CA GLY B 177 25.98 7.49 -4.68
C GLY B 177 25.16 6.41 -4.00
N ARG B 178 23.88 6.68 -3.76
CA ARG B 178 23.02 5.73 -3.08
C ARG B 178 21.66 5.57 -3.75
N VAL B 179 21.00 4.45 -3.47
CA VAL B 179 19.68 4.16 -4.00
C VAL B 179 18.74 3.81 -2.84
N VAL B 180 17.56 4.42 -2.85
CA VAL B 180 16.52 4.21 -1.84
C VAL B 180 16.20 2.71 -1.69
N ARG B 181 15.88 2.30 -0.47
CA ARG B 181 15.65 0.90 -0.13
C ARG B 181 14.79 0.15 -1.15
N HIS B 182 13.68 0.77 -1.56
CA HIS B 182 12.73 0.18 -2.50
C HIS B 182 13.37 -0.30 -3.79
N PHE B 183 14.39 0.43 -4.27
CA PHE B 183 15.03 0.09 -5.54
C PHE B 183 16.41 -0.58 -5.38
N LYS B 184 16.83 -0.77 -4.14
CA LYS B 184 18.07 -1.50 -3.87
C LYS B 184 17.90 -2.98 -4.21
N GLY B 185 18.75 -3.47 -5.11
CA GLY B 185 18.68 -4.84 -5.59
C GLY B 185 17.56 -5.10 -6.57
N SER B 186 16.92 -4.04 -7.05
CA SER B 186 15.77 -4.16 -7.95
C SER B 186 16.13 -4.62 -9.36
N MET B 187 17.28 -4.18 -9.88
CA MET B 187 17.72 -4.59 -11.21
C MET B 187 17.89 -6.10 -11.30
N GLU B 188 18.55 -6.68 -10.29
CA GLU B 188 18.74 -8.13 -10.20
C GLU B 188 17.41 -8.87 -10.15
N GLU B 189 16.43 -8.29 -9.47
CA GLU B 189 15.09 -8.85 -9.36
C GLU B 189 14.39 -8.87 -10.72
N TRP B 190 14.45 -7.76 -11.45
CA TRP B 190 13.87 -7.67 -12.79
C TRP B 190 14.56 -8.64 -13.76
N GLN B 191 15.89 -8.72 -13.65
CA GLN B 191 16.70 -9.63 -14.47
C GLN B 191 16.25 -11.07 -14.32
N ALA B 192 16.06 -11.51 -13.08
CA ALA B 192 15.61 -12.86 -12.76
C ALA B 192 14.19 -13.12 -13.26
N MET B 193 13.40 -12.05 -13.37
CA MET B 193 12.01 -12.13 -13.84
C MET B 193 11.89 -12.06 -15.36
N GLY B 194 13.03 -11.99 -16.05
CA GLY B 194 13.07 -11.98 -17.50
C GLY B 194 12.79 -10.63 -18.15
N VAL B 195 12.80 -9.57 -17.35
CA VAL B 195 12.62 -8.21 -17.86
C VAL B 195 13.81 -7.85 -18.75
N MET B 196 13.52 -7.32 -19.94
CA MET B 196 14.55 -7.10 -20.96
C MET B 196 15.37 -5.85 -20.73
N ASN B 197 14.71 -4.75 -20.36
CA ASN B 197 15.31 -3.43 -20.46
C ASN B 197 14.68 -2.35 -19.58
N TYR B 198 15.36 -1.21 -19.50
CA TYR B 198 14.86 -0.02 -18.83
C TYR B 198 14.59 1.09 -19.84
N GLU B 199 13.40 1.68 -19.76
CA GLU B 199 13.13 2.98 -20.38
C GLU B 199 12.19 3.79 -19.49
N MET B 200 11.63 4.89 -20.01
CA MET B 200 11.00 5.88 -19.13
C MET B 200 9.59 6.35 -19.50
N GLU B 201 8.97 5.79 -20.54
CA GLU B 201 7.66 6.28 -21.00
C GLU B 201 6.59 5.20 -21.21
N SER B 202 7.00 3.96 -21.45
CA SER B 202 6.07 2.92 -21.88
C SER B 202 4.95 2.60 -20.90
N ALA B 203 5.25 2.57 -19.60
CA ALA B 203 4.24 2.27 -18.58
C ALA B 203 3.08 3.25 -18.64
N THR B 204 3.40 4.55 -18.75
CA THR B 204 2.39 5.59 -18.86
C THR B 204 1.60 5.46 -20.16
N LEU B 205 2.31 5.40 -21.28
CA LEU B 205 1.70 5.30 -22.59
C LEU B 205 0.77 4.09 -22.70
N LEU B 206 1.29 2.91 -22.37
CA LEU B 206 0.52 1.67 -22.50
C LEU B 206 -0.68 1.59 -21.56
N THR B 207 -0.51 2.04 -20.32
CA THR B 207 -1.61 2.07 -19.35
C THR B 207 -2.72 3.03 -19.78
N MET B 208 -2.35 4.26 -20.13
CA MET B 208 -3.32 5.28 -20.48
C MET B 208 -4.07 4.96 -21.77
N CYS B 209 -3.44 4.24 -22.69
CA CYS B 209 -4.07 3.85 -23.94
C CYS B 209 -4.98 2.65 -23.77
N ALA B 210 -4.49 1.60 -23.10
CA ALA B 210 -5.25 0.37 -22.90
C ALA B 210 -6.48 0.54 -22.00
N SER B 211 -6.47 1.58 -21.16
CA SER B 211 -7.60 1.86 -20.28
C SER B 211 -8.54 2.95 -20.83
N GLN B 212 -8.27 3.41 -22.05
CA GLN B 212 -9.08 4.46 -22.69
C GLN B 212 -9.48 4.11 -24.13
N GLY B 213 -9.34 2.85 -24.51
CA GLY B 213 -9.74 2.39 -25.83
C GLY B 213 -8.85 2.86 -26.96
N LEU B 214 -7.60 3.18 -26.65
CA LEU B 214 -6.63 3.60 -27.65
C LEU B 214 -5.59 2.52 -27.88
N ARG B 215 -5.13 2.39 -29.12
CA ARG B 215 -4.14 1.38 -29.48
C ARG B 215 -2.72 1.92 -29.31
N ALA B 216 -1.87 1.16 -28.64
CA ALA B 216 -0.49 1.57 -28.40
C ALA B 216 0.52 0.45 -28.65
N GLY B 217 1.64 0.83 -29.25
CA GLY B 217 2.76 -0.08 -29.46
C GLY B 217 4.06 0.54 -28.98
N MET B 218 5.02 -0.30 -28.63
CA MET B 218 6.29 0.16 -28.06
C MET B 218 7.49 -0.60 -28.64
N VAL B 219 8.42 0.16 -29.21
CA VAL B 219 9.66 -0.40 -29.76
C VAL B 219 10.85 0.48 -29.37
N ALA B 220 12.00 -0.14 -29.14
CA ALA B 220 13.20 0.58 -28.70
C ALA B 220 14.49 -0.04 -29.22
N GLY B 221 15.48 0.81 -29.49
CA GLY B 221 16.80 0.38 -29.87
C GLY B 221 17.74 0.32 -28.69
N VAL B 222 18.47 -0.78 -28.57
CA VAL B 222 19.43 -0.97 -27.48
C VAL B 222 20.72 -0.21 -27.78
N ILE B 223 21.01 0.80 -26.95
CA ILE B 223 22.22 1.59 -27.12
C ILE B 223 23.25 1.29 -26.01
N VAL B 224 22.83 0.51 -25.01
CA VAL B 224 23.69 0.10 -23.91
C VAL B 224 23.21 -1.20 -23.27
N ASN B 225 24.14 -2.08 -22.93
CA ASN B 225 23.85 -3.22 -22.08
C ASN B 225 24.44 -3.00 -20.70
N ARG B 226 23.59 -3.11 -19.68
CA ARG B 226 23.98 -2.79 -18.30
C ARG B 226 24.97 -3.77 -17.70
N THR B 227 24.94 -5.02 -18.17
CA THR B 227 25.88 -6.04 -17.71
C THR B 227 27.22 -5.95 -18.45
N GLN B 228 27.27 -5.13 -19.50
CA GLN B 228 28.45 -4.98 -20.34
C GLN B 228 29.15 -3.64 -20.13
N GLN B 229 28.38 -2.55 -20.07
CA GLN B 229 28.92 -1.20 -19.95
C GLN B 229 27.92 -0.18 -19.40
N GLU B 230 28.37 1.06 -19.22
CA GLU B 230 27.51 2.15 -18.79
C GLU B 230 27.36 3.23 -19.87
N ILE B 231 28.48 3.70 -20.39
CA ILE B 231 28.48 4.76 -21.40
C ILE B 231 28.26 4.16 -22.80
N PRO B 232 27.24 4.64 -23.50
CA PRO B 232 26.93 4.15 -24.85
C PRO B 232 27.95 4.60 -25.88
N ASN B 233 28.15 3.75 -26.90
CA ASN B 233 28.94 4.14 -28.06
C ASN B 233 28.11 5.04 -28.96
N ALA B 234 28.65 6.21 -29.28
CA ALA B 234 27.92 7.23 -30.04
C ALA B 234 27.67 6.87 -31.51
N GLU B 235 28.55 6.06 -32.09
CA GLU B 235 28.40 5.60 -33.46
C GLU B 235 27.26 4.59 -33.59
N THR B 236 27.29 3.56 -32.75
CA THR B 236 26.26 2.51 -32.77
C THR B 236 24.91 3.03 -32.31
N MET B 237 24.91 4.07 -31.48
CA MET B 237 23.70 4.73 -31.03
C MET B 237 22.95 5.35 -32.22
N LYS B 238 23.68 6.13 -33.02
CA LYS B 238 23.13 6.75 -34.23
C LYS B 238 22.61 5.71 -35.22
N GLN B 239 23.34 4.60 -35.33
CA GLN B 239 22.95 3.49 -36.21
C GLN B 239 21.72 2.74 -35.68
N THR B 240 21.66 2.54 -34.36
CA THR B 240 20.53 1.87 -33.71
C THR B 240 19.26 2.72 -33.80
N GLU B 241 19.41 4.02 -33.56
CA GLU B 241 18.30 4.96 -33.66
C GLU B 241 17.69 4.93 -35.06
N SER B 242 18.54 4.99 -36.08
CA SER B 242 18.13 4.92 -37.48
C SER B 242 17.48 3.57 -37.80
N HIS B 243 18.05 2.50 -37.26
CA HIS B 243 17.53 1.14 -37.40
C HIS B 243 16.10 1.03 -36.85
N ALA B 244 15.90 1.51 -35.62
CA ALA B 244 14.62 1.43 -34.94
C ALA B 244 13.56 2.32 -35.59
N VAL B 245 13.98 3.48 -36.09
CA VAL B 245 13.10 4.42 -36.78
C VAL B 245 12.47 3.75 -38.01
N LYS B 246 13.28 3.01 -38.77
CA LYS B 246 12.82 2.28 -39.96
C LYS B 246 11.72 1.28 -39.62
N ILE B 247 11.88 0.59 -38.49
CA ILE B 247 10.92 -0.41 -38.04
C ILE B 247 9.58 0.20 -37.63
N VAL B 248 9.61 1.35 -36.96
CA VAL B 248 8.39 2.00 -36.47
C VAL B 248 7.57 2.63 -37.59
N VAL B 249 8.24 3.10 -38.65
CA VAL B 249 7.56 3.63 -39.83
C VAL B 249 6.91 2.47 -40.60
N GLU B 250 7.66 1.38 -40.75
CA GLU B 250 7.16 0.17 -41.39
C GLU B 250 5.97 -0.44 -40.66
N ALA B 251 6.01 -0.39 -39.32
CA ALA B 251 4.91 -0.86 -38.48
C ALA B 251 3.68 0.03 -38.64
N ALA B 252 3.91 1.33 -38.81
CA ALA B 252 2.85 2.29 -39.06
C ALA B 252 2.14 1.99 -40.38
N ARG B 253 2.88 1.47 -41.36
CA ARG B 253 2.34 1.07 -42.65
C ARG B 253 1.29 -0.04 -42.52
N ARG B 254 1.56 -0.99 -41.64
CA ARG B 254 0.68 -2.15 -41.44
C ARG B 254 -0.58 -1.82 -40.64
N LEU B 255 -0.55 -0.69 -39.92
CA LEU B 255 -1.64 -0.32 -39.02
C LEU B 255 -2.59 0.75 -39.58
N LEU B 256 -2.22 1.34 -40.72
CA LEU B 256 -3.04 2.36 -41.38
C LEU B 256 -4.27 1.73 -42.04
N SER C 7 -17.37 21.62 31.56
CA SER C 7 -16.44 21.48 30.40
C SER C 7 -17.18 21.52 29.05
N ASP C 8 -16.60 22.24 28.10
CA ASP C 8 -17.14 22.31 26.74
C ASP C 8 -16.61 21.16 25.87
N VAL C 9 -15.57 20.50 26.35
CA VAL C 9 -14.91 19.41 25.61
C VAL C 9 -14.95 18.08 26.38
N PHE C 10 -14.64 16.99 25.68
CA PHE C 10 -14.75 15.65 26.25
C PHE C 10 -13.63 15.26 27.22
N HIS C 11 -12.42 15.76 26.98
CA HIS C 11 -11.25 15.27 27.73
C HIS C 11 -10.50 16.31 28.55
N LEU C 12 -10.44 17.55 28.06
CA LEU C 12 -9.56 18.55 28.66
C LEU C 12 -10.09 19.15 29.96
N GLY C 13 -11.41 19.17 30.12
CA GLY C 13 -12.04 19.75 31.29
C GLY C 13 -12.05 21.26 31.27
N LEU C 14 -12.16 21.84 30.07
CA LEU C 14 -12.11 23.29 29.89
C LEU C 14 -13.33 23.83 29.14
N THR C 15 -13.75 25.03 29.53
CA THR C 15 -14.76 25.80 28.80
C THR C 15 -14.07 26.88 28.00
N LYS C 16 -14.79 27.48 27.05
CA LYS C 16 -14.26 28.57 26.23
C LYS C 16 -13.88 29.78 27.08
N ASN C 17 -14.62 30.01 28.15
CA ASN C 17 -14.35 31.10 29.08
C ASN C 17 -13.03 30.96 29.83
N ASP C 18 -12.62 29.73 30.12
CA ASP C 18 -11.34 29.44 30.76
C ASP C 18 -10.16 30.01 29.99
N LEU C 19 -10.25 29.99 28.66
CA LEU C 19 -9.16 30.44 27.77
C LEU C 19 -9.01 31.96 27.74
N GLN C 20 -10.11 32.67 27.97
CA GLN C 20 -10.14 34.14 28.00
C GLN C 20 -9.66 34.77 26.68
N GLY C 21 -10.02 34.15 25.57
CA GLY C 21 -9.70 34.67 24.24
C GLY C 21 -8.37 34.23 23.69
N ALA C 22 -7.77 33.20 24.29
CA ALA C 22 -6.49 32.66 23.84
C ALA C 22 -6.61 31.99 22.48
N THR C 23 -5.65 32.28 21.59
CA THR C 23 -5.60 31.66 20.27
C THR C 23 -4.29 30.86 20.06
N LEU C 24 -3.34 31.03 20.98
CA LEU C 24 -2.07 30.31 20.92
C LEU C 24 -1.92 29.37 22.10
N ALA C 25 -1.47 28.14 21.82
CA ALA C 25 -1.16 27.15 22.85
C ALA C 25 0.22 26.54 22.66
N ILE C 26 0.96 26.42 23.76
CA ILE C 26 2.20 25.67 23.78
C ILE C 26 1.90 24.25 24.26
N VAL C 27 2.28 23.25 23.46
CA VAL C 27 1.86 21.86 23.70
C VAL C 27 3.03 20.88 23.91
N PRO C 28 3.48 20.74 25.16
CA PRO C 28 4.52 19.77 25.49
C PRO C 28 3.94 18.36 25.63
N GLY C 29 4.80 17.35 25.58
CA GLY C 29 4.37 15.97 25.79
C GLY C 29 4.15 15.67 27.27
N ASP C 30 5.03 16.22 28.10
CA ASP C 30 5.05 15.92 29.53
C ASP C 30 4.13 16.84 30.34
N PRO C 31 3.13 16.27 31.02
CA PRO C 31 2.26 17.03 31.94
C PRO C 31 3.03 17.87 32.95
N ASP C 32 4.16 17.37 33.43
CA ASP C 32 4.98 18.06 34.42
C ASP C 32 5.71 19.28 33.86
N ARG C 33 5.84 19.35 32.53
CA ARG C 33 6.48 20.48 31.86
C ARG C 33 5.57 21.71 31.78
N VAL C 34 4.25 21.47 31.86
CA VAL C 34 3.24 22.53 31.70
C VAL C 34 3.40 23.69 32.68
N GLU C 35 3.60 23.37 33.96
CA GLU C 35 3.82 24.39 35.00
C GLU C 35 5.12 25.16 34.75
N LYS C 36 6.16 24.42 34.33
CA LYS C 36 7.47 25.01 34.05
C LYS C 36 7.44 26.02 32.90
N ILE C 37 6.65 25.74 31.87
CA ILE C 37 6.48 26.64 30.73
C ILE C 37 5.69 27.88 31.11
N ALA C 38 4.60 27.66 31.84
CA ALA C 38 3.73 28.75 32.30
C ALA C 38 4.44 29.71 33.25
N ALA C 39 5.38 29.19 34.04
CA ALA C 39 6.12 29.98 35.03
C ALA C 39 7.05 31.01 34.39
N LEU C 40 7.41 30.80 33.13
CA LEU C 40 8.25 31.74 32.38
C LEU C 40 7.46 32.97 31.93
N MET C 41 6.13 32.85 31.92
CA MET C 41 5.25 33.93 31.49
C MET C 41 4.59 34.63 32.68
N ASP C 42 3.78 35.66 32.39
CA ASP C 42 3.11 36.44 33.42
C ASP C 42 1.79 35.83 33.85
N LYS C 43 1.43 36.06 35.11
CA LYS C 43 0.16 35.61 35.71
C LYS C 43 -0.18 34.14 35.46
N PRO C 44 0.75 33.22 35.77
CA PRO C 44 0.53 31.79 35.49
C PRO C 44 -0.46 31.16 36.47
N VAL C 45 -1.45 30.45 35.93
CA VAL C 45 -2.49 29.82 36.75
C VAL C 45 -2.89 28.45 36.18
N LYS C 46 -3.13 27.49 37.07
CA LYS C 46 -3.58 26.16 36.68
C LYS C 46 -5.06 26.20 36.29
N LEU C 47 -5.41 25.45 35.25
CA LEU C 47 -6.81 25.38 34.82
C LEU C 47 -7.43 24.01 35.10
N ALA C 48 -6.78 22.96 34.60
CA ALA C 48 -7.33 21.60 34.68
C ALA C 48 -6.26 20.53 34.53
N SER C 49 -6.52 19.38 35.14
CA SER C 49 -5.69 18.20 34.99
C SER C 49 -6.58 16.97 34.90
N HIS C 50 -6.59 16.34 33.72
CA HIS C 50 -7.37 15.14 33.49
C HIS C 50 -6.57 14.20 32.61
N ARG C 51 -6.37 12.96 33.09
CA ARG C 51 -5.54 11.98 32.41
C ARG C 51 -4.13 12.57 32.16
N GLU C 52 -3.66 12.49 30.92
CA GLU C 52 -2.36 13.07 30.55
C GLU C 52 -2.48 14.52 30.07
N PHE C 53 -3.66 15.10 30.23
CA PHE C 53 -3.92 16.46 29.79
C PHE C 53 -3.95 17.46 30.96
N THR C 54 -2.83 18.16 31.15
CA THR C 54 -2.72 19.20 32.16
C THR C 54 -2.68 20.57 31.48
N THR C 55 -3.60 21.44 31.85
CA THR C 55 -3.71 22.77 31.24
C THR C 55 -3.41 23.89 32.23
N TRP C 56 -2.58 24.83 31.79
CA TRP C 56 -2.33 26.07 32.51
C TRP C 56 -2.59 27.25 31.58
N ARG C 57 -2.99 28.39 32.15
CA ARG C 57 -3.11 29.62 31.40
C ARG C 57 -2.11 30.65 31.94
N ALA C 58 -1.54 31.43 31.05
CA ALA C 58 -0.60 32.50 31.40
C ALA C 58 -0.80 33.73 30.52
N GLU C 59 0.03 34.75 30.72
CA GLU C 59 -0.09 36.00 29.96
C GLU C 59 1.24 36.39 29.33
N LEU C 60 1.18 36.76 28.05
CA LEU C 60 2.37 37.16 27.32
C LEU C 60 2.09 38.46 26.56
N ASP C 61 2.82 39.51 26.93
CA ASP C 61 2.60 40.87 26.40
C ASP C 61 1.14 41.33 26.54
N GLY C 62 0.50 40.92 27.64
CA GLY C 62 -0.88 41.27 27.90
C GLY C 62 -1.90 40.37 27.25
N LYS C 63 -1.42 39.34 26.55
CA LYS C 63 -2.29 38.40 25.84
C LYS C 63 -2.31 37.03 26.50
N PRO C 64 -3.51 36.49 26.75
CA PRO C 64 -3.65 35.16 27.35
C PRO C 64 -3.12 34.06 26.45
N VAL C 65 -2.32 33.16 27.03
CA VAL C 65 -1.73 32.02 26.31
C VAL C 65 -2.01 30.74 27.09
N ILE C 66 -2.18 29.63 26.37
CA ILE C 66 -2.47 28.33 26.98
C ILE C 66 -1.27 27.39 26.90
N VAL C 67 -1.05 26.62 27.97
CA VAL C 67 -0.09 25.53 27.94
C VAL C 67 -0.84 24.24 28.27
N CYS C 68 -0.77 23.27 27.37
CA CYS C 68 -1.53 22.03 27.51
C CYS C 68 -0.73 20.80 27.07
N SER C 69 -0.56 19.85 28.00
CA SER C 69 0.18 18.62 27.69
C SER C 69 -0.61 17.70 26.77
N THR C 70 0.12 17.00 25.90
CA THR C 70 -0.47 16.09 24.92
C THR C 70 -0.37 14.64 25.37
N GLY C 71 0.65 14.35 26.18
CA GLY C 71 1.06 12.99 26.44
C GLY C 71 1.96 12.52 25.31
N ILE C 72 2.49 11.31 25.43
CA ILE C 72 3.32 10.73 24.38
C ILE C 72 2.46 10.20 23.24
N GLY C 73 2.79 10.58 22.01
CA GLY C 73 2.20 9.99 20.83
C GLY C 73 1.09 10.78 20.17
N GLY C 74 0.88 10.49 18.89
CA GLY C 74 -0.16 11.11 18.08
C GLY C 74 -1.60 11.02 18.58
N PRO C 75 -2.04 9.85 19.05
CA PRO C 75 -3.44 9.67 19.50
C PRO C 75 -3.90 10.68 20.56
N SER C 76 -3.20 10.78 21.68
CA SER C 76 -3.57 11.75 22.70
C SER C 76 -3.30 13.17 22.26
N THR C 77 -2.24 13.36 21.46
CA THR C 77 -1.98 14.65 20.82
C THR C 77 -3.18 15.12 20.00
N SER C 78 -3.74 14.21 19.20
CA SER C 78 -4.86 14.52 18.32
C SER C 78 -6.11 14.93 19.09
N ILE C 79 -6.32 14.33 20.26
CA ILE C 79 -7.40 14.70 21.16
C ILE C 79 -7.19 16.13 21.67
N ALA C 80 -5.98 16.38 22.19
CA ALA C 80 -5.63 17.69 22.78
C ALA C 80 -5.76 18.82 21.78
N VAL C 81 -5.21 18.64 20.59
CA VAL C 81 -5.24 19.67 19.55
C VAL C 81 -6.66 19.93 19.05
N GLU C 82 -7.41 18.86 18.81
CA GLU C 82 -8.79 18.97 18.36
C GLU C 82 -9.65 19.74 19.36
N GLU C 83 -9.53 19.36 20.63
CA GLU C 83 -10.34 19.97 21.68
C GLU C 83 -9.90 21.41 21.98
N LEU C 84 -8.62 21.69 21.85
CA LEU C 84 -8.11 23.05 21.98
C LEU C 84 -8.57 23.95 20.83
N ALA C 85 -8.61 23.38 19.62
CA ALA C 85 -9.11 24.10 18.45
C ALA C 85 -10.59 24.45 18.60
N GLN C 86 -11.34 23.53 19.22
CA GLN C 86 -12.76 23.75 19.51
C GLN C 86 -12.96 24.91 20.49
N LEU C 87 -12.00 25.09 21.39
CA LEU C 87 -12.05 26.15 22.40
C LEU C 87 -11.50 27.48 21.89
N GLY C 88 -10.94 27.48 20.68
CA GLY C 88 -10.49 28.70 20.04
C GLY C 88 -9.01 28.82 19.69
N ILE C 89 -8.22 27.78 19.95
CA ILE C 89 -6.79 27.81 19.64
C ILE C 89 -6.54 27.64 18.14
N ARG C 90 -5.71 28.54 17.60
CA ARG C 90 -5.38 28.54 16.17
C ARG C 90 -3.89 28.31 15.91
N THR C 91 -3.05 28.62 16.90
CA THR C 91 -1.61 28.45 16.79
C THR C 91 -1.09 27.47 17.85
N PHE C 92 -0.40 26.43 17.40
CA PHE C 92 0.11 25.37 18.26
C PHE C 92 1.63 25.29 18.19
N LEU C 93 2.30 25.49 19.32
CA LEU C 93 3.75 25.37 19.36
C LEU C 93 4.18 24.20 20.24
N ARG C 94 4.75 23.17 19.61
CA ARG C 94 5.23 22.01 20.35
C ARG C 94 6.69 22.18 20.78
N ILE C 95 6.92 21.93 22.07
CA ILE C 95 8.27 21.82 22.60
C ILE C 95 8.47 20.41 23.17
N GLY C 96 9.50 19.73 22.69
CA GLY C 96 9.75 18.35 23.07
C GLY C 96 11.19 18.00 23.36
N THR C 97 11.40 16.73 23.67
CA THR C 97 12.74 16.15 23.81
C THR C 97 12.98 15.27 22.59
N THR C 98 14.24 14.98 22.30
CA THR C 98 14.57 14.22 21.10
C THR C 98 15.91 13.49 21.16
N GLY C 99 16.01 12.42 20.37
CA GLY C 99 17.26 11.73 20.14
C GLY C 99 17.77 12.06 18.75
N ALA C 100 18.95 12.66 18.67
CA ALA C 100 19.56 13.02 17.39
C ALA C 100 20.19 11.80 16.73
N ILE C 101 20.15 11.77 15.41
CA ILE C 101 20.74 10.67 14.64
C ILE C 101 21.84 11.10 13.68
N GLN C 102 22.16 12.39 13.67
CA GLN C 102 23.27 12.92 12.88
C GLN C 102 24.49 13.16 13.78
N PRO C 103 25.67 12.77 13.33
CA PRO C 103 26.91 12.91 14.10
C PRO C 103 27.27 14.36 14.46
N HIS C 104 26.87 15.32 13.63
CA HIS C 104 27.22 16.72 13.83
C HIS C 104 26.33 17.46 14.84
N ILE C 105 25.22 16.82 15.23
CA ILE C 105 24.31 17.39 16.22
C ILE C 105 24.67 16.89 17.62
N ASN C 106 25.00 17.82 18.51
CA ASN C 106 25.42 17.51 19.88
C ASN C 106 24.27 17.53 20.88
N VAL C 107 24.50 16.89 22.03
CA VAL C 107 23.59 16.96 23.18
C VAL C 107 23.54 18.41 23.67
N GLY C 108 22.33 18.94 23.83
CA GLY C 108 22.15 20.32 24.24
C GLY C 108 21.71 21.23 23.10
N ASP C 109 21.87 20.77 21.87
CA ASP C 109 21.45 21.53 20.70
C ASP C 109 19.93 21.56 20.60
N VAL C 110 19.42 22.60 19.95
CA VAL C 110 17.97 22.71 19.71
C VAL C 110 17.67 22.49 18.23
N LEU C 111 16.57 21.78 17.97
CA LEU C 111 16.19 21.47 16.60
C LEU C 111 14.81 22.01 16.26
N VAL C 112 14.74 22.73 15.15
CA VAL C 112 13.47 23.23 14.62
C VAL C 112 13.10 22.37 13.42
N THR C 113 11.89 21.83 13.45
CA THR C 113 11.39 20.93 12.42
C THR C 113 10.62 21.69 11.35
N THR C 114 11.10 21.59 10.10
CA THR C 114 10.38 22.15 8.96
C THR C 114 9.24 21.24 8.55
N ALA C 115 9.51 19.93 8.60
CA ALA C 115 8.53 18.89 8.26
C ALA C 115 8.98 17.54 8.81
N SER C 116 8.04 16.60 8.89
CA SER C 116 8.31 15.32 9.53
C SER C 116 8.07 14.10 8.63
N VAL C 117 8.92 13.10 8.80
CA VAL C 117 8.70 11.78 8.22
C VAL C 117 7.57 11.13 9.02
N ARG C 118 6.52 10.72 8.32
CA ARG C 118 5.31 10.22 8.97
C ARG C 118 5.38 8.73 9.29
N LEU C 119 5.97 8.41 10.44
CA LEU C 119 6.06 7.03 10.93
C LEU C 119 5.00 6.81 12.02
N ASP C 120 3.87 7.49 11.86
CA ASP C 120 2.76 7.45 12.81
C ASP C 120 1.49 6.97 12.12
N GLY C 121 0.45 6.72 12.92
CA GLY C 121 -0.84 6.32 12.38
C GLY C 121 -1.87 7.45 12.37
N ALA C 122 -1.82 8.32 13.38
CA ALA C 122 -2.84 9.36 13.56
C ALA C 122 -2.88 10.39 12.43
N SER C 123 -1.73 10.70 11.84
CA SER C 123 -1.66 11.66 10.73
C SER C 123 -2.53 11.23 9.54
N LEU C 124 -2.59 9.92 9.31
CA LEU C 124 -3.40 9.33 8.23
C LEU C 124 -4.91 9.53 8.43
N HIS C 125 -5.31 9.82 9.66
CA HIS C 125 -6.71 10.06 9.99
C HIS C 125 -7.12 11.48 9.62
N PHE C 126 -6.15 12.29 9.17
CA PHE C 126 -6.42 13.67 8.77
C PHE C 126 -6.07 13.95 7.31
N ALA C 127 -5.03 13.28 6.82
CA ALA C 127 -4.60 13.41 5.43
C ALA C 127 -3.88 12.14 4.98
N PRO C 128 -4.04 11.76 3.71
CA PRO C 128 -3.34 10.60 3.17
C PRO C 128 -1.82 10.79 3.22
N LEU C 129 -1.07 9.69 3.18
CA LEU C 129 0.38 9.72 3.38
C LEU C 129 1.13 10.72 2.50
N GLU C 130 0.66 10.90 1.26
CA GLU C 130 1.30 11.79 0.28
C GLU C 130 1.30 13.26 0.70
N PHE C 131 0.38 13.63 1.60
CA PHE C 131 0.33 14.98 2.16
C PHE C 131 1.50 15.21 3.11
N PRO C 132 2.19 16.34 2.96
CA PRO C 132 3.38 16.63 3.77
C PRO C 132 3.07 17.04 5.21
N ALA C 133 3.76 16.43 6.17
CA ALA C 133 3.66 16.84 7.57
C ALA C 133 4.53 18.08 7.78
N VAL C 134 4.10 19.20 7.19
CA VAL C 134 4.88 20.43 7.15
C VAL C 134 4.45 21.42 8.24
N ALA C 135 5.44 22.07 8.84
CA ALA C 135 5.20 23.10 9.85
C ALA C 135 4.78 24.40 9.17
N ASP C 136 4.04 25.23 9.90
CA ASP C 136 3.67 26.55 9.42
C ASP C 136 4.91 27.44 9.27
N PHE C 137 4.97 28.19 8.17
CA PHE C 137 6.15 29.00 7.84
C PHE C 137 6.42 30.11 8.86
N GLU C 138 5.36 30.77 9.32
CA GLU C 138 5.47 31.83 10.33
C GLU C 138 5.94 31.28 11.69
N CYS C 139 5.43 30.11 12.05
CA CYS C 139 5.80 29.45 13.30
C CYS C 139 7.25 29.00 13.29
N THR C 140 7.69 28.43 12.17
CA THR C 140 9.06 28.00 11.98
C THR C 140 10.02 29.20 12.00
N THR C 141 9.63 30.27 11.32
CA THR C 141 10.40 31.52 11.29
C THR C 141 10.60 32.07 12.70
N ALA C 142 9.50 32.14 13.46
CA ALA C 142 9.52 32.64 14.83
C ALA C 142 10.42 31.81 15.75
N LEU C 143 10.40 30.49 15.56
CA LEU C 143 11.22 29.57 16.34
C LEU C 143 12.70 29.70 16.03
N VAL C 144 13.04 29.84 14.76
CA VAL C 144 14.42 30.01 14.31
C VAL C 144 14.98 31.34 14.82
N GLU C 145 14.17 32.39 14.72
CA GLU C 145 14.55 33.72 15.20
C GLU C 145 14.67 33.76 16.73
N ALA C 146 13.77 33.05 17.41
CA ALA C 146 13.80 32.94 18.88
C ALA C 146 15.05 32.21 19.37
N ALA C 147 15.43 31.16 18.65
CA ALA C 147 16.65 30.40 18.96
C ALA C 147 17.90 31.25 18.74
N LYS C 148 17.88 32.06 17.68
CA LYS C 148 18.97 32.98 17.35
C LYS C 148 19.04 34.15 18.35
N SER C 149 17.88 34.48 18.93
CA SER C 149 17.76 35.56 19.91
C SER C 149 18.45 35.22 21.23
N ILE C 150 18.28 33.99 21.70
CA ILE C 150 18.91 33.53 22.95
C ILE C 150 20.29 32.93 22.72
N GLY C 151 20.64 32.70 21.45
CA GLY C 151 21.97 32.28 21.06
C GLY C 151 22.28 30.82 21.30
N ALA C 152 21.38 29.94 20.85
CA ALA C 152 21.55 28.50 20.99
C ALA C 152 22.07 27.86 19.70
N THR C 153 22.74 26.71 19.83
CA THR C 153 23.19 25.95 18.67
C THR C 153 21.98 25.25 18.04
N THR C 154 21.58 25.74 16.87
CA THR C 154 20.32 25.34 16.24
C THR C 154 20.53 24.63 14.90
N HIS C 155 19.76 23.59 14.67
CA HIS C 155 19.71 22.90 13.38
C HIS C 155 18.26 22.88 12.86
N VAL C 156 18.10 23.23 11.59
CA VAL C 156 16.78 23.29 10.95
C VAL C 156 16.69 22.20 9.88
N GLY C 157 15.62 21.41 9.92
CA GLY C 157 15.44 20.35 8.94
C GLY C 157 14.34 19.35 9.27
N VAL C 158 14.48 18.15 8.72
CA VAL C 158 13.45 17.12 8.78
C VAL C 158 13.60 16.21 10.02
N THR C 159 12.46 15.85 10.60
CA THR C 159 12.40 15.00 11.78
C THR C 159 11.64 13.71 11.47
N ALA C 160 12.14 12.59 12.00
CA ALA C 160 11.40 11.33 11.92
C ALA C 160 10.49 11.20 13.14
N SER C 161 9.19 11.16 12.89
CA SER C 161 8.21 11.10 13.98
C SER C 161 7.56 9.72 14.07
N SER C 162 7.91 8.98 15.12
CA SER C 162 7.58 7.56 15.24
C SER C 162 6.48 7.27 16.26
N ASP C 163 5.63 6.29 15.92
CA ASP C 163 4.59 5.83 16.84
C ASP C 163 5.14 4.97 17.99
N THR C 164 6.40 4.55 17.90
CA THR C 164 7.05 3.84 19.01
C THR C 164 8.37 4.47 19.40
N PHE C 165 8.76 4.23 20.65
CA PHE C 165 10.05 4.67 21.15
C PHE C 165 11.16 3.69 20.77
N TYR C 166 10.82 2.40 20.70
CA TYR C 166 11.82 1.36 20.51
C TYR C 166 12.00 0.87 19.06
N PRO C 167 11.13 -0.01 18.55
CA PRO C 167 11.34 -0.59 17.21
C PRO C 167 11.30 0.44 16.07
N GLY C 168 10.41 1.42 16.16
CA GLY C 168 10.30 2.48 15.16
C GLY C 168 11.48 3.42 15.12
N GLN C 169 12.26 3.43 16.19
CA GLN C 169 13.50 4.21 16.26
C GLN C 169 14.70 3.26 16.23
N GLU C 170 14.43 2.03 15.76
CA GLU C 170 15.42 0.95 15.65
C GLU C 170 16.29 0.76 16.89
N ARG C 171 15.63 0.58 18.03
CA ARG C 171 16.30 0.19 19.27
C ARG C 171 16.23 -1.33 19.40
N TYR C 172 17.39 -1.95 19.65
CA TYR C 172 17.47 -3.41 19.78
C TYR C 172 17.62 -3.87 21.23
N ASP C 173 17.90 -2.92 22.11
CA ASP C 173 18.04 -3.18 23.54
C ASP C 173 16.66 -3.34 24.18
N THR C 174 15.96 -4.40 23.80
CA THR C 174 14.56 -4.59 24.17
C THR C 174 14.31 -6.02 24.65
N TYR C 175 13.08 -6.29 25.08
CA TYR C 175 12.66 -7.62 25.51
C TYR C 175 12.85 -8.66 24.39
N SER C 176 12.33 -8.37 23.20
CA SER C 176 12.44 -9.28 22.07
C SER C 176 13.83 -9.23 21.43
N GLY C 177 14.45 -8.05 21.46
CA GLY C 177 15.75 -7.85 20.87
C GLY C 177 15.74 -7.81 19.35
N ARG C 178 14.55 -7.62 18.77
CA ARG C 178 14.40 -7.62 17.32
C ARG C 178 13.53 -6.47 16.82
N VAL C 179 13.71 -6.14 15.54
CA VAL C 179 12.95 -5.08 14.89
C VAL C 179 12.32 -5.63 13.62
N VAL C 180 11.02 -5.37 13.46
CA VAL C 180 10.25 -5.81 12.28
C VAL C 180 10.93 -5.37 10.98
N ARG C 181 10.81 -6.21 9.94
CA ARG C 181 11.45 -5.98 8.65
C ARG C 181 11.38 -4.53 8.16
N HIS C 182 10.19 -3.95 8.22
CA HIS C 182 9.95 -2.59 7.73
C HIS C 182 10.88 -1.55 8.34
N PHE C 183 11.26 -1.73 9.60
CA PHE C 183 12.11 -0.76 10.29
C PHE C 183 13.57 -1.21 10.44
N LYS C 184 13.88 -2.40 9.94
CA LYS C 184 15.25 -2.89 9.94
C LYS C 184 16.10 -2.07 8.95
N GLY C 185 17.16 -1.47 9.47
CA GLY C 185 18.02 -0.62 8.66
C GLY C 185 17.44 0.75 8.36
N SER C 186 16.33 1.10 9.03
CA SER C 186 15.63 2.36 8.77
C SER C 186 16.36 3.59 9.28
N MET C 187 17.02 3.47 10.43
CA MET C 187 17.77 4.60 10.99
C MET C 187 18.86 5.07 10.04
N GLU C 188 19.62 4.11 9.50
CA GLU C 188 20.67 4.37 8.51
C GLU C 188 20.11 5.07 7.28
N GLU C 189 18.92 4.66 6.86
CA GLU C 189 18.24 5.24 5.71
C GLU C 189 17.86 6.71 5.96
N TRP C 190 17.27 6.98 7.13
CA TRP C 190 16.94 8.36 7.51
C TRP C 190 18.19 9.23 7.63
N GLN C 191 19.25 8.66 8.22
CA GLN C 191 20.53 9.36 8.38
C GLN C 191 21.09 9.83 7.03
N ALA C 192 21.07 8.93 6.05
CA ALA C 192 21.54 9.24 4.70
C ALA C 192 20.67 10.29 4.01
N MET C 193 19.41 10.36 4.41
CA MET C 193 18.46 11.31 3.86
C MET C 193 18.49 12.67 4.56
N GLY C 194 19.39 12.82 5.52
CA GLY C 194 19.58 14.09 6.22
C GLY C 194 18.60 14.35 7.35
N VAL C 195 17.84 13.31 7.75
CA VAL C 195 16.90 13.43 8.86
C VAL C 195 17.69 13.65 10.15
N MET C 196 17.27 14.65 10.93
CA MET C 196 18.03 15.10 12.10
C MET C 196 17.85 14.21 13.32
N ASN C 197 16.61 13.80 13.58
CA ASN C 197 16.24 13.27 14.90
C ASN C 197 14.98 12.41 14.92
N TYR C 198 14.77 11.74 16.04
CA TYR C 198 13.55 10.98 16.32
C TYR C 198 12.76 11.64 17.44
N GLU C 199 11.47 11.85 17.22
CA GLU C 199 10.52 12.11 18.30
C GLU C 199 9.18 11.42 17.98
N MET C 200 8.11 11.76 18.71
CA MET C 200 6.91 10.93 18.69
C MET C 200 5.56 11.64 18.46
N GLU C 201 5.57 12.95 18.23
CA GLU C 201 4.31 13.69 18.11
C GLU C 201 4.18 14.59 16.89
N SER C 202 5.31 15.05 16.34
CA SER C 202 5.30 16.09 15.30
C SER C 202 4.53 15.73 14.02
N ALA C 203 4.63 14.48 13.57
CA ALA C 203 3.94 14.06 12.34
C ALA C 203 2.43 14.26 12.47
N THR C 204 1.86 13.84 13.60
CA THR C 204 0.44 14.01 13.86
C THR C 204 0.07 15.48 13.97
N LEU C 205 0.78 16.20 14.85
CA LEU C 205 0.52 17.62 15.06
C LEU C 205 0.58 18.43 13.77
N LEU C 206 1.69 18.28 13.03
CA LEU C 206 1.91 19.06 11.81
C LEU C 206 0.92 18.72 10.70
N THR C 207 0.62 17.44 10.53
CA THR C 207 -0.34 17.00 9.51
C THR C 207 -1.74 17.50 9.82
N MET C 208 -2.20 17.29 11.06
CA MET C 208 -3.55 17.67 11.45
C MET C 208 -3.78 19.19 11.45
N CYS C 209 -2.74 19.97 11.70
CA CYS C 209 -2.85 21.43 11.66
C CYS C 209 -2.80 21.98 10.24
N ALA C 210 -1.83 21.50 9.45
CA ALA C 210 -1.65 21.97 8.07
C ALA C 210 -2.82 21.61 7.14
N SER C 211 -3.56 20.56 7.49
CA SER C 211 -4.70 20.12 6.70
C SER C 211 -6.04 20.64 7.24
N GLN C 212 -5.97 21.49 8.26
CA GLN C 212 -7.19 22.02 8.89
C GLN C 212 -7.13 23.53 9.12
N GLY C 213 -6.19 24.21 8.47
CA GLY C 213 -6.05 25.65 8.55
C GLY C 213 -5.54 26.16 9.89
N LEU C 214 -4.80 25.32 10.61
CA LEU C 214 -4.22 25.69 11.89
C LEU C 214 -2.71 25.83 11.77
N ARG C 215 -2.14 26.80 12.49
CA ARG C 215 -0.70 27.04 12.46
C ARG C 215 0.02 26.19 13.49
N ALA C 216 1.08 25.52 13.07
CA ALA C 216 1.86 24.67 13.98
C ALA C 216 3.36 24.83 13.80
N GLY C 217 4.06 24.82 14.93
CA GLY C 217 5.52 24.85 14.96
C GLY C 217 6.06 23.76 15.85
N MET C 218 7.30 23.35 15.60
CA MET C 218 7.92 22.24 16.32
C MET C 218 9.38 22.53 16.67
N VAL C 219 9.69 22.46 17.97
CA VAL C 219 11.05 22.64 18.46
C VAL C 219 11.36 21.58 19.53
N ALA C 220 12.62 21.15 19.58
CA ALA C 220 13.03 20.09 20.51
C ALA C 220 14.46 20.23 20.97
N GLY C 221 14.71 19.85 22.22
CA GLY C 221 16.06 19.84 22.77
C GLY C 221 16.68 18.46 22.68
N VAL C 222 17.92 18.40 22.22
CA VAL C 222 18.66 17.15 22.07
C VAL C 222 19.19 16.69 23.42
N ILE C 223 18.69 15.56 23.90
CA ILE C 223 19.15 15.00 25.17
C ILE C 223 19.97 13.73 24.97
N VAL C 224 19.99 13.23 23.73
CA VAL C 224 20.80 12.06 23.36
C VAL C 224 21.18 12.11 21.87
N ASN C 225 22.42 11.75 21.57
CA ASN C 225 22.82 11.46 20.19
C ASN C 225 23.03 9.97 20.03
N ARG C 226 22.22 9.35 19.16
CA ARG C 226 22.19 7.90 18.99
C ARG C 226 23.48 7.31 18.42
N THR C 227 24.31 8.16 17.80
CA THR C 227 25.59 7.71 17.23
C THR C 227 26.73 7.79 18.25
N GLN C 228 26.48 8.42 19.40
CA GLN C 228 27.49 8.59 20.44
C GLN C 228 27.21 7.77 21.69
N GLN C 229 26.12 8.10 22.38
CA GLN C 229 25.80 7.47 23.67
C GLN C 229 24.30 7.22 23.84
N GLU C 230 23.97 6.17 24.58
CA GLU C 230 22.60 5.67 24.71
C GLU C 230 21.80 6.34 25.83
N ILE C 231 22.34 6.31 27.05
CA ILE C 231 21.68 6.85 28.23
C ILE C 231 21.85 8.37 28.33
N PRO C 232 20.74 9.09 28.55
CA PRO C 232 20.81 10.55 28.73
C PRO C 232 21.43 10.94 30.06
N ASN C 233 22.06 12.12 30.07
CA ASN C 233 22.63 12.69 31.29
C ASN C 233 21.56 13.38 32.13
N ALA C 234 21.56 13.10 33.42
CA ALA C 234 20.59 13.67 34.35
C ALA C 234 21.06 15.01 34.95
N GLU C 235 21.64 15.85 34.11
CA GLU C 235 22.00 17.22 34.47
C GLU C 235 21.91 18.15 33.27
N THR C 236 22.27 17.65 32.10
CA THR C 236 22.17 18.40 30.85
C THR C 236 20.73 18.38 30.37
N MET C 237 20.03 17.29 30.67
CA MET C 237 18.62 17.12 30.35
C MET C 237 17.76 18.23 30.95
N LYS C 238 18.10 18.67 32.16
CA LYS C 238 17.43 19.78 32.81
C LYS C 238 17.73 21.11 32.11
N GLN C 239 19.01 21.33 31.79
CA GLN C 239 19.46 22.54 31.10
C GLN C 239 18.89 22.63 29.68
N THR C 240 18.91 21.51 28.96
CA THR C 240 18.39 21.45 27.59
C THR C 240 16.91 21.78 27.54
N GLU C 241 16.14 21.15 28.43
CA GLU C 241 14.70 21.43 28.55
C GLU C 241 14.44 22.90 28.86
N SER C 242 15.26 23.48 29.74
CA SER C 242 15.17 24.90 30.07
C SER C 242 15.45 25.78 28.85
N HIS C 243 16.49 25.43 28.10
CA HIS C 243 16.89 26.13 26.88
C HIS C 243 15.76 26.16 25.86
N ALA C 244 15.21 24.98 25.56
CA ALA C 244 14.13 24.83 24.58
C ALA C 244 12.85 25.56 25.00
N VAL C 245 12.53 25.52 26.29
CA VAL C 245 11.38 26.21 26.85
C VAL C 245 11.48 27.73 26.68
N LYS C 246 12.69 28.26 26.83
CA LYS C 246 12.94 29.69 26.64
C LYS C 246 12.77 30.10 25.18
N ILE C 247 13.11 29.20 24.27
CA ILE C 247 12.97 29.44 22.84
C ILE C 247 11.50 29.40 22.39
N VAL C 248 10.75 28.42 22.90
CA VAL C 248 9.33 28.29 22.55
C VAL C 248 8.48 29.46 23.08
N VAL C 249 8.81 29.96 24.26
CA VAL C 249 8.10 31.09 24.86
C VAL C 249 8.38 32.39 24.09
N GLU C 250 9.64 32.57 23.70
CA GLU C 250 10.05 33.71 22.88
C GLU C 250 9.45 33.64 21.47
N ALA C 251 9.34 32.41 20.94
CA ALA C 251 8.70 32.20 19.64
C ALA C 251 7.21 32.53 19.69
N ALA C 252 6.58 32.19 20.82
CA ALA C 252 5.17 32.52 21.07
C ALA C 252 4.96 34.04 21.12
N ARG C 253 5.94 34.76 21.66
CA ARG C 253 5.92 36.22 21.75
C ARG C 253 5.82 36.88 20.37
N ARG C 254 6.48 36.28 19.39
CA ARG C 254 6.51 36.81 18.02
C ARG C 254 5.25 36.45 17.24
N LEU C 255 4.50 35.45 17.71
CA LEU C 255 3.34 34.94 17.00
C LEU C 255 2.00 35.40 17.56
N LEU C 256 2.03 36.33 18.52
CA LEU C 256 0.80 36.78 19.17
C LEU C 256 0.05 37.82 18.35
N SER D 7 16.15 3.33 38.67
CA SER D 7 15.18 2.75 37.69
C SER D 7 15.88 1.91 36.62
N ASP D 8 15.29 0.75 36.33
CA ASP D 8 15.83 -0.17 35.33
C ASP D 8 15.30 0.13 33.93
N VAL D 9 14.29 1.00 33.87
CA VAL D 9 13.62 1.34 32.62
C VAL D 9 13.59 2.85 32.39
N PHE D 10 13.35 3.25 31.14
CA PHE D 10 13.45 4.66 30.73
C PHE D 10 12.30 5.55 31.20
N HIS D 11 11.09 5.00 31.35
CA HIS D 11 9.90 5.82 31.58
C HIS D 11 9.09 5.52 32.84
N LEU D 12 8.98 4.23 33.19
CA LEU D 12 8.09 3.80 34.26
C LEU D 12 8.58 4.13 35.67
N GLY D 13 9.89 4.34 35.82
CA GLY D 13 10.49 4.63 37.11
C GLY D 13 10.45 3.44 38.06
N LEU D 14 10.68 2.25 37.50
CA LEU D 14 10.58 1.01 38.26
C LEU D 14 11.82 0.14 38.12
N THR D 15 12.12 -0.61 39.17
CA THR D 15 13.15 -1.65 39.15
C THR D 15 12.48 -3.01 39.25
N LYS D 16 13.25 -4.07 39.03
CA LYS D 16 12.76 -5.45 39.14
C LYS D 16 12.30 -5.78 40.57
N ASN D 17 12.98 -5.19 41.56
CA ASN D 17 12.63 -5.36 42.98
C ASN D 17 11.21 -4.91 43.29
N ASP D 18 10.82 -3.78 42.72
CA ASP D 18 9.50 -3.17 42.95
C ASP D 18 8.37 -4.13 42.59
N LEU D 19 8.59 -4.94 41.56
CA LEU D 19 7.59 -5.89 41.06
C LEU D 19 7.43 -7.09 41.99
N GLN D 20 8.49 -7.41 42.73
CA GLN D 20 8.50 -8.51 43.70
C GLN D 20 8.21 -9.88 43.07
N GLY D 21 8.54 -10.02 41.78
CA GLY D 21 8.36 -11.26 41.06
C GLY D 21 7.06 -11.38 40.29
N ALA D 22 6.35 -10.26 40.15
CA ALA D 22 5.09 -10.21 39.42
C ALA D 22 5.30 -10.51 37.93
N THR D 23 4.37 -11.29 37.37
CA THR D 23 4.42 -11.67 35.96
C THR D 23 3.16 -11.23 35.21
N LEU D 24 2.16 -10.78 35.97
CA LEU D 24 0.91 -10.27 35.39
C LEU D 24 0.74 -8.79 35.68
N ALA D 25 0.31 -8.05 34.66
CA ALA D 25 -0.01 -6.64 34.81
C ALA D 25 -1.40 -6.32 34.26
N ILE D 26 -2.17 -5.58 35.05
CA ILE D 26 -3.44 -5.01 34.58
C ILE D 26 -3.13 -3.60 34.08
N VAL D 27 -3.52 -3.32 32.83
CA VAL D 27 -3.13 -2.08 32.17
C VAL D 27 -4.32 -1.21 31.71
N PRO D 28 -4.79 -0.31 32.58
CA PRO D 28 -5.82 0.66 32.19
C PRO D 28 -5.20 1.82 31.39
N GLY D 29 -6.04 2.63 30.76
CA GLY D 29 -5.58 3.81 30.05
C GLY D 29 -5.46 5.03 30.96
N ASP D 30 -6.38 5.14 31.91
CA ASP D 30 -6.46 6.27 32.82
C ASP D 30 -5.55 6.08 34.04
N PRO D 31 -4.60 6.98 34.23
CA PRO D 31 -3.73 6.99 35.42
C PRO D 31 -4.50 6.96 36.75
N ASP D 32 -5.68 7.57 36.78
CA ASP D 32 -6.50 7.65 38.00
C ASP D 32 -7.25 6.36 38.31
N ARG D 33 -7.36 5.48 37.34
CA ARG D 33 -8.01 4.17 37.51
C ARG D 33 -7.08 3.17 38.22
N VAL D 34 -5.77 3.46 38.21
CA VAL D 34 -4.76 2.54 38.75
C VAL D 34 -4.98 2.21 40.22
N GLU D 35 -5.18 3.24 41.06
CA GLU D 35 -5.45 3.04 42.48
C GLU D 35 -6.76 2.28 42.73
N LYS D 36 -7.77 2.59 41.92
CA LYS D 36 -9.10 1.97 42.03
C LYS D 36 -9.05 0.46 41.78
N ILE D 37 -8.20 0.04 40.86
CA ILE D 37 -8.01 -1.38 40.55
C ILE D 37 -7.24 -2.09 41.66
N ALA D 38 -6.16 -1.46 42.13
CA ALA D 38 -5.31 -2.02 43.19
C ALA D 38 -6.04 -2.16 44.53
N ALA D 39 -6.99 -1.26 44.79
CA ALA D 39 -7.79 -1.28 46.00
C ALA D 39 -8.73 -2.50 46.09
N LEU D 40 -9.03 -3.09 44.94
CA LEU D 40 -9.82 -4.31 44.86
C LEU D 40 -9.04 -5.53 45.37
N MET D 41 -7.71 -5.43 45.32
CA MET D 41 -6.82 -6.51 45.74
C MET D 41 -6.19 -6.22 47.10
N ASP D 42 -5.39 -7.17 47.60
CA ASP D 42 -4.78 -7.06 48.93
C ASP D 42 -3.44 -6.33 48.92
N LYS D 43 -3.13 -5.69 50.05
CA LYS D 43 -1.88 -4.94 50.25
C LYS D 43 -1.50 -4.06 49.05
N PRO D 44 -2.34 -3.09 48.69
CA PRO D 44 -2.04 -2.21 47.56
C PRO D 44 -1.00 -1.15 47.95
N VAL D 45 -0.02 -0.93 47.08
CA VAL D 45 1.04 0.04 47.33
C VAL D 45 1.40 0.81 46.06
N LYS D 46 1.64 2.10 46.21
CA LYS D 46 2.09 2.94 45.11
C LYS D 46 3.57 2.74 44.87
N LEU D 47 3.94 2.57 43.60
CA LEU D 47 5.35 2.39 43.24
C LEU D 47 5.95 3.63 42.60
N ALA D 48 5.29 4.13 41.55
CA ALA D 48 5.81 5.27 40.78
C ALA D 48 4.73 5.99 39.97
N SER D 49 5.01 7.27 39.68
CA SER D 49 4.17 8.07 38.81
C SER D 49 5.05 8.99 37.98
N HIS D 50 5.17 8.70 36.69
CA HIS D 50 5.93 9.51 35.76
C HIS D 50 5.17 9.66 34.46
N ARG D 51 4.96 10.91 34.05
CA ARG D 51 4.14 11.23 32.88
C ARG D 51 2.75 10.59 33.02
N GLU D 52 2.29 9.90 31.98
CA GLU D 52 0.98 9.23 32.02
C GLU D 52 1.06 7.82 32.62
N PHE D 53 2.25 7.43 33.08
CA PHE D 53 2.46 6.10 33.63
C PHE D 53 2.46 6.11 35.16
N THR D 54 1.36 5.62 35.73
CA THR D 54 1.24 5.46 37.18
C THR D 54 1.18 3.96 37.49
N THR D 55 2.02 3.53 38.43
CA THR D 55 2.12 2.11 38.77
C THR D 55 1.84 1.82 40.24
N TRP D 56 0.98 0.83 40.47
CA TRP D 56 0.73 0.28 41.80
C TRP D 56 1.02 -1.22 41.81
N ARG D 57 1.44 -1.72 42.97
CA ARG D 57 1.59 -3.14 43.19
C ARG D 57 0.56 -3.62 44.20
N ALA D 58 -0.03 -4.78 43.93
CA ALA D 58 -1.00 -5.37 44.86
C ALA D 58 -0.81 -6.88 44.96
N GLU D 59 -1.62 -7.53 45.79
CA GLU D 59 -1.53 -8.96 46.00
C GLU D 59 -2.86 -9.65 45.72
N LEU D 60 -2.83 -10.63 44.81
CA LEU D 60 -4.02 -11.39 44.45
C LEU D 60 -3.78 -12.87 44.71
N ASP D 61 -4.52 -13.42 45.69
CA ASP D 61 -4.35 -14.80 46.15
C ASP D 61 -2.93 -15.11 46.62
N GLY D 62 -2.35 -14.18 47.39
CA GLY D 62 -1.00 -14.33 47.91
C GLY D 62 0.09 -14.17 46.85
N LYS D 63 -0.27 -13.63 45.69
CA LYS D 63 0.66 -13.46 44.58
C LYS D 63 0.70 -12.02 44.10
N PRO D 64 1.90 -11.48 43.87
CA PRO D 64 2.08 -10.08 43.45
C PRO D 64 1.54 -9.79 42.04
N VAL D 65 0.84 -8.65 41.92
CA VAL D 65 0.22 -8.22 40.67
C VAL D 65 0.51 -6.73 40.45
N ILE D 66 0.73 -6.36 39.20
CA ILE D 66 1.02 -4.97 38.84
C ILE D 66 -0.18 -4.30 38.17
N VAL D 67 -0.43 -3.05 38.54
CA VAL D 67 -1.38 -2.20 37.84
C VAL D 67 -0.64 -0.98 37.31
N CYS D 68 -0.70 -0.77 36.01
CA CYS D 68 0.08 0.29 35.35
C CYS D 68 -0.69 0.94 34.20
N SER D 69 -0.85 2.26 34.28
CA SER D 69 -1.57 3.01 33.24
C SER D 69 -0.73 3.18 31.98
N THR D 70 -1.41 3.13 30.83
CA THR D 70 -0.75 3.23 29.53
C THR D 70 -0.87 4.62 28.92
N GLY D 71 -1.89 5.36 29.35
CA GLY D 71 -2.29 6.58 28.68
C GLY D 71 -3.14 6.25 27.45
N ILE D 72 -3.64 7.27 26.78
CA ILE D 72 -4.42 7.05 25.56
C ILE D 72 -3.48 6.82 24.39
N GLY D 73 -3.73 5.75 23.64
CA GLY D 73 -3.05 5.50 22.38
C GLY D 73 -1.96 4.45 22.42
N GLY D 74 -1.70 3.87 21.26
CA GLY D 74 -0.67 2.86 21.06
C GLY D 74 0.76 3.24 21.43
N PRO D 75 1.22 4.43 21.04
CA PRO D 75 2.58 4.89 21.37
C PRO D 75 2.97 4.79 22.85
N SER D 76 2.16 5.34 23.75
CA SER D 76 2.47 5.27 25.17
C SER D 76 2.18 3.89 25.74
N THR D 77 1.19 3.21 25.17
CA THR D 77 0.92 1.81 25.49
C THR D 77 2.17 0.97 25.19
N SER D 78 2.75 1.17 24.01
CA SER D 78 3.91 0.40 23.57
C SER D 78 5.13 0.61 24.46
N ILE D 79 5.29 1.83 24.98
CA ILE D 79 6.36 2.12 25.94
C ILE D 79 6.13 1.34 27.24
N ALA D 80 4.92 1.48 27.80
CA ALA D 80 4.58 0.86 29.08
C ALA D 80 4.71 -0.67 29.03
N VAL D 81 4.16 -1.28 27.98
CA VAL D 81 4.19 -2.73 27.80
C VAL D 81 5.62 -3.25 27.65
N GLU D 82 6.42 -2.58 26.83
CA GLU D 82 7.81 -2.95 26.59
C GLU D 82 8.64 -2.93 27.86
N GLU D 83 8.47 -1.86 28.64
CA GLU D 83 9.24 -1.67 29.86
C GLU D 83 8.77 -2.59 30.99
N LEU D 84 7.49 -2.94 30.98
CA LEU D 84 6.96 -3.92 31.91
C LEU D 84 7.49 -5.32 31.58
N ALA D 85 7.59 -5.62 30.29
CA ALA D 85 8.13 -6.88 29.80
C ALA D 85 9.60 -7.04 30.20
N GLN D 86 10.35 -5.94 30.15
CA GLN D 86 11.74 -5.90 30.59
C GLN D 86 11.86 -6.19 32.09
N LEU D 87 10.85 -5.78 32.84
CA LEU D 87 10.83 -5.95 34.29
C LEU D 87 10.28 -7.31 34.72
N GLY D 88 9.78 -8.09 33.76
CA GLY D 88 9.35 -9.46 34.03
C GLY D 88 7.89 -9.80 33.79
N ILE D 89 7.12 -8.85 33.27
CA ILE D 89 5.69 -9.10 32.99
C ILE D 89 5.51 -9.89 31.70
N ARG D 90 4.71 -10.95 31.78
CA ARG D 90 4.45 -11.83 30.65
C ARG D 90 2.96 -11.89 30.28
N THR D 91 2.12 -11.42 31.19
CA THR D 91 0.66 -11.37 30.97
C THR D 91 0.14 -9.96 31.15
N PHE D 92 -0.57 -9.47 30.14
CA PHE D 92 -1.13 -8.12 30.15
C PHE D 92 -2.65 -8.17 29.99
N LEU D 93 -3.37 -7.57 30.93
CA LEU D 93 -4.82 -7.47 30.83
C LEU D 93 -5.27 -6.01 30.76
N ARG D 94 -5.81 -5.63 29.62
CA ARG D 94 -6.30 -4.26 29.45
C ARG D 94 -7.77 -4.14 29.83
N ILE D 95 -8.06 -3.15 30.67
CA ILE D 95 -9.42 -2.74 30.96
C ILE D 95 -9.63 -1.29 30.50
N GLY D 96 -10.63 -1.08 29.66
CA GLY D 96 -10.87 0.24 29.08
C GLY D 96 -12.32 0.67 29.04
N THR D 97 -12.53 1.85 28.47
CA THR D 97 -13.87 2.36 28.16
C THR D 97 -14.04 2.26 26.66
N THR D 98 -15.29 2.28 26.19
CA THR D 98 -15.55 2.13 24.77
C THR D 98 -16.90 2.70 24.31
N GLY D 99 -16.96 3.04 23.02
CA GLY D 99 -18.19 3.42 22.36
C GLY D 99 -18.65 2.29 21.46
N ALA D 100 -19.83 1.75 21.75
CA ALA D 100 -20.39 0.65 20.96
C ALA D 100 -20.99 1.16 19.66
N ILE D 101 -20.90 0.35 18.61
CA ILE D 101 -21.46 0.74 17.30
C ILE D 101 -22.53 -0.21 16.78
N GLN D 102 -22.86 -1.22 17.59
CA GLN D 102 -23.95 -2.15 17.25
C GLN D 102 -25.19 -1.81 18.08
N PRO D 103 -26.36 -1.82 17.43
CA PRO D 103 -27.62 -1.45 18.09
C PRO D 103 -28.02 -2.34 19.26
N HIS D 104 -27.59 -3.60 19.24
CA HIS D 104 -27.98 -4.57 20.27
C HIS D 104 -27.12 -4.49 21.54
N ILE D 105 -26.01 -3.76 21.47
CA ILE D 105 -25.14 -3.55 22.63
C ILE D 105 -25.55 -2.29 23.38
N ASN D 106 -25.93 -2.44 24.65
CA ASN D 106 -26.39 -1.32 25.46
C ASN D 106 -25.29 -0.70 26.33
N VAL D 107 -25.55 0.50 26.82
CA VAL D 107 -24.67 1.18 27.78
C VAL D 107 -24.67 0.37 29.09
N GLY D 108 -23.48 0.06 29.59
CA GLY D 108 -23.33 -0.75 30.79
C GLY D 108 -22.85 -2.16 30.49
N ASP D 109 -22.96 -2.58 29.24
CA ASP D 109 -22.50 -3.89 28.81
C ASP D 109 -20.98 -3.97 28.82
N VAL D 110 -20.46 -5.18 28.98
CA VAL D 110 -19.02 -5.41 28.93
C VAL D 110 -18.65 -6.16 27.65
N LEU D 111 -17.53 -5.76 27.04
CA LEU D 111 -17.10 -6.36 25.78
C LEU D 111 -15.72 -6.97 25.92
N VAL D 112 -15.62 -8.23 25.51
CA VAL D 112 -14.34 -8.94 25.45
C VAL D 112 -13.90 -9.02 23.99
N THR D 113 -12.67 -8.56 23.73
CA THR D 113 -12.12 -8.51 22.38
C THR D 113 -11.32 -9.77 22.05
N THR D 114 -11.75 -10.47 21.01
CA THR D 114 -10.99 -11.62 20.50
C THR D 114 -9.84 -11.14 19.65
N ALA D 115 -10.10 -10.11 18.84
CA ALA D 115 -9.11 -9.51 17.96
C ALA D 115 -9.55 -8.11 17.52
N SER D 116 -8.60 -7.31 17.03
CA SER D 116 -8.88 -5.92 16.70
C SER D 116 -8.61 -5.55 15.25
N VAL D 117 -9.45 -4.68 14.72
CA VAL D 117 -9.18 -4.00 13.45
C VAL D 117 -8.08 -2.98 13.72
N ARG D 118 -7.01 -3.07 12.94
CA ARG D 118 -5.82 -2.25 13.19
C ARG D 118 -5.89 -0.90 12.49
N LEU D 119 -6.52 0.06 13.15
CA LEU D 119 -6.58 1.44 12.65
C LEU D 119 -5.57 2.31 13.40
N ASP D 120 -4.45 1.69 13.75
CA ASP D 120 -3.38 2.36 14.48
C ASP D 120 -2.06 2.31 13.71
N GLY D 121 -1.06 3.02 14.20
CA GLY D 121 0.27 3.01 13.60
C GLY D 121 1.28 2.14 14.33
N ALA D 122 1.17 2.10 15.66
CA ALA D 122 2.17 1.41 16.48
C ALA D 122 2.25 -0.10 16.27
N SER D 123 1.11 -0.73 15.97
CA SER D 123 1.08 -2.17 15.71
C SER D 123 1.99 -2.57 14.54
N LEU D 124 2.07 -1.70 13.53
CA LEU D 124 2.91 -1.90 12.36
C LEU D 124 4.41 -1.91 12.69
N HIS D 125 4.77 -1.36 13.85
CA HIS D 125 6.15 -1.32 14.30
C HIS D 125 6.56 -2.66 14.94
N PHE D 126 5.62 -3.59 15.06
CA PHE D 126 5.87 -4.90 15.63
C PHE D 126 5.59 -6.04 14.64
N ALA D 127 4.57 -5.84 13.81
CA ALA D 127 4.18 -6.83 12.80
C ALA D 127 3.51 -6.13 11.63
N PRO D 128 3.71 -6.64 10.40
CA PRO D 128 3.05 -6.08 9.22
C PRO D 128 1.53 -6.22 9.33
N LEU D 129 0.79 -5.40 8.58
CA LEU D 129 -0.67 -5.32 8.70
C LEU D 129 -1.41 -6.67 8.61
N GLU D 130 -0.89 -7.57 7.78
CA GLU D 130 -1.49 -8.89 7.58
C GLU D 130 -1.53 -9.77 8.83
N PHE D 131 -0.66 -9.48 9.79
CA PHE D 131 -0.63 -10.18 11.07
C PHE D 131 -1.85 -9.78 11.91
N PRO D 132 -2.55 -10.76 12.47
CA PRO D 132 -3.77 -10.49 13.24
C PRO D 132 -3.50 -9.90 14.63
N ALA D 133 -4.22 -8.85 14.97
CA ALA D 133 -4.19 -8.28 16.31
C ALA D 133 -5.09 -9.11 17.22
N VAL D 134 -4.65 -10.34 17.48
CA VAL D 134 -5.45 -11.33 18.21
C VAL D 134 -5.07 -11.41 19.69
N ALA D 135 -6.08 -11.56 20.54
CA ALA D 135 -5.87 -11.73 21.97
C ALA D 135 -5.46 -13.15 22.29
N ASP D 136 -4.77 -13.33 23.41
CA ASP D 136 -4.37 -14.64 23.90
C ASP D 136 -5.61 -15.45 24.29
N PHE D 137 -5.65 -16.71 23.87
CA PHE D 137 -6.81 -17.58 24.10
C PHE D 137 -7.13 -17.80 25.58
N GLU D 138 -6.10 -18.00 26.39
CA GLU D 138 -6.26 -18.20 27.84
C GLU D 138 -6.78 -16.94 28.53
N CYS D 139 -6.27 -15.78 28.10
CA CYS D 139 -6.69 -14.50 28.65
C CYS D 139 -8.14 -14.17 28.29
N THR D 140 -8.50 -14.44 27.04
CA THR D 140 -9.87 -14.24 26.55
C THR D 140 -10.84 -15.16 27.30
N THR D 141 -10.44 -16.42 27.48
CA THR D 141 -11.23 -17.41 28.21
C THR D 141 -11.49 -16.96 29.64
N ALA D 142 -10.43 -16.53 30.32
CA ALA D 142 -10.52 -16.07 31.70
C ALA D 142 -11.42 -14.84 31.85
N LEU D 143 -11.39 -13.95 30.86
CA LEU D 143 -12.22 -12.74 30.87
C LEU D 143 -13.69 -13.05 30.66
N VAL D 144 -13.97 -13.97 29.73
CA VAL D 144 -15.34 -14.42 29.44
C VAL D 144 -15.93 -15.12 30.66
N GLU D 145 -15.14 -15.99 31.28
CA GLU D 145 -15.55 -16.73 32.48
C GLU D 145 -15.72 -15.80 33.68
N ALA D 146 -14.85 -14.81 33.80
CA ALA D 146 -14.93 -13.81 34.87
C ALA D 146 -16.19 -12.94 34.74
N ALA D 147 -16.54 -12.60 33.51
CA ALA D 147 -17.75 -11.84 33.22
C ALA D 147 -19.01 -12.64 33.54
N LYS D 148 -18.97 -13.93 33.23
CA LYS D 148 -20.06 -14.85 33.53
C LYS D 148 -20.16 -15.15 35.02
N SER D 149 -19.03 -15.04 35.72
CA SER D 149 -18.96 -15.25 37.17
C SER D 149 -19.69 -14.16 37.96
N ILE D 150 -19.52 -12.91 37.55
CA ILE D 150 -20.18 -11.78 38.22
C ILE D 150 -21.56 -11.47 37.61
N GLY D 151 -21.85 -12.09 36.47
CA GLY D 151 -23.17 -12.02 35.84
C GLY D 151 -23.47 -10.74 35.10
N ALA D 152 -22.55 -10.34 34.23
CA ALA D 152 -22.71 -9.13 33.42
C ALA D 152 -23.17 -9.46 32.00
N THR D 153 -23.83 -8.49 31.35
CA THR D 153 -24.21 -8.63 29.96
C THR D 153 -22.96 -8.48 29.08
N THR D 154 -22.54 -9.59 28.49
CA THR D 154 -21.26 -9.66 27.79
C THR D 154 -21.42 -9.95 26.30
N HIS D 155 -20.62 -9.28 25.49
CA HIS D 155 -20.50 -9.58 24.07
C HIS D 155 -19.06 -9.85 23.71
N VAL D 156 -18.83 -10.91 22.94
CA VAL D 156 -17.50 -11.33 22.53
C VAL D 156 -17.35 -11.17 21.02
N GLY D 157 -16.27 -10.52 20.59
CA GLY D 157 -16.04 -10.31 19.16
C GLY D 157 -14.94 -9.32 18.83
N VAL D 158 -15.07 -8.71 17.64
CA VAL D 158 -14.03 -7.85 17.07
C VAL D 158 -14.21 -6.38 17.48
N THR D 159 -13.09 -5.71 17.74
CA THR D 159 -13.06 -4.31 18.12
C THR D 159 -12.29 -3.50 17.08
N ALA D 160 -12.77 -2.30 16.77
CA ALA D 160 -12.02 -1.37 15.94
C ALA D 160 -11.17 -0.47 16.83
N SER D 161 -9.85 -0.57 16.67
CA SER D 161 -8.89 0.15 17.50
C SER D 161 -8.25 1.30 16.72
N SER D 162 -8.63 2.52 17.06
CA SER D 162 -8.29 3.71 16.28
C SER D 162 -7.23 4.60 16.93
N ASP D 163 -6.37 5.17 16.09
CA ASP D 163 -5.35 6.11 16.55
C ASP D 163 -5.92 7.49 16.87
N THR D 164 -7.16 7.74 16.50
CA THR D 164 -7.84 8.99 16.88
C THR D 164 -9.19 8.73 17.54
N PHE D 165 -9.64 9.71 18.33
CA PHE D 165 -10.94 9.65 18.97
C PHE D 165 -12.03 10.16 18.02
N TYR D 166 -11.67 11.11 17.15
CA TYR D 166 -12.65 11.79 16.32
C TYR D 166 -12.77 11.26 14.87
N PRO D 167 -11.86 11.62 13.96
CA PRO D 167 -12.03 11.24 12.55
C PRO D 167 -11.95 9.73 12.30
N GLY D 168 -11.09 9.03 13.03
CA GLY D 168 -10.94 7.59 12.91
C GLY D 168 -12.13 6.80 13.44
N GLN D 169 -12.96 7.45 14.25
CA GLN D 169 -14.20 6.87 14.74
C GLN D 169 -15.39 7.57 14.08
N GLU D 170 -15.11 8.21 12.95
CA GLU D 170 -16.07 8.98 12.16
C GLU D 170 -16.98 9.91 12.95
N ARG D 171 -16.36 10.76 13.77
CA ARG D 171 -17.06 11.85 14.45
C ARG D 171 -16.98 13.12 13.61
N TYR D 172 -18.13 13.73 13.36
CA TYR D 172 -18.21 14.94 12.54
C TYR D 172 -18.40 16.21 13.37
N ASP D 173 -18.74 16.03 14.65
CA ASP D 173 -18.92 17.16 15.56
C ASP D 173 -17.56 17.68 16.03
N THR D 174 -16.81 18.26 15.09
CA THR D 174 -15.44 18.69 15.31
C THR D 174 -15.20 20.09 14.80
N TYR D 175 -13.99 20.60 15.01
CA TYR D 175 -13.58 21.91 14.51
C TYR D 175 -13.70 22.02 12.98
N SER D 176 -13.14 21.04 12.26
CA SER D 176 -13.21 21.01 10.80
C SER D 176 -14.57 20.56 10.28
N GLY D 177 -15.20 19.66 11.03
CA GLY D 177 -16.49 19.10 10.64
C GLY D 177 -16.41 18.13 9.49
N ARG D 178 -15.20 17.63 9.21
CA ARG D 178 -14.99 16.72 8.09
C ARG D 178 -14.13 15.52 8.46
N VAL D 179 -14.27 14.45 7.66
CA VAL D 179 -13.51 13.23 7.86
C VAL D 179 -12.81 12.89 6.54
N VAL D 180 -11.51 12.59 6.63
CA VAL D 180 -10.70 12.22 5.47
C VAL D 180 -11.31 11.03 4.71
N ARG D 181 -11.15 11.03 3.39
CA ARG D 181 -11.77 10.03 2.51
C ARG D 181 -11.69 8.60 3.03
N HIS D 182 -10.50 8.20 3.48
CA HIS D 182 -10.24 6.84 3.98
C HIS D 182 -11.22 6.41 5.07
N PHE D 183 -11.64 7.33 5.93
CA PHE D 183 -12.53 7.02 7.04
C PHE D 183 -13.99 7.42 6.83
N LYS D 184 -14.27 8.04 5.67
CA LYS D 184 -15.64 8.40 5.30
C LYS D 184 -16.44 7.13 5.02
N GLY D 185 -17.54 6.96 5.76
CA GLY D 185 -18.37 5.78 5.65
C GLY D 185 -17.80 4.54 6.31
N SER D 186 -16.72 4.70 7.08
CA SER D 186 -16.02 3.57 7.69
C SER D 186 -16.80 2.91 8.83
N MET D 187 -17.49 3.72 9.63
CA MET D 187 -18.27 3.19 10.75
C MET D 187 -19.34 2.22 10.26
N GLU D 188 -20.07 2.61 9.22
CA GLU D 188 -21.08 1.75 8.60
C GLU D 188 -20.48 0.45 8.08
N GLU D 189 -19.27 0.53 7.54
CA GLU D 189 -18.54 -0.63 7.04
C GLU D 189 -18.19 -1.61 8.16
N TRP D 190 -17.66 -1.08 9.28
CA TRP D 190 -17.35 -1.90 10.45
C TRP D 190 -18.62 -2.52 11.06
N GLN D 191 -19.70 -1.72 11.11
CA GLN D 191 -21.00 -2.18 11.61
C GLN D 191 -21.50 -3.42 10.85
N ALA D 192 -21.43 -3.35 9.52
CA ALA D 192 -21.87 -4.43 8.66
C ALA D 192 -20.98 -5.67 8.81
N MET D 193 -19.73 -5.45 9.22
CA MET D 193 -18.76 -6.53 9.43
C MET D 193 -18.85 -7.15 10.82
N GLY D 194 -19.80 -6.67 11.63
CA GLY D 194 -20.01 -7.20 12.96
C GLY D 194 -19.07 -6.69 14.03
N VAL D 195 -18.32 -5.63 13.72
CA VAL D 195 -17.43 -4.99 14.70
C VAL D 195 -18.28 -4.37 15.81
N MET D 196 -17.89 -4.65 17.06
CA MET D 196 -18.69 -4.27 18.21
C MET D 196 -18.55 -2.81 18.61
N ASN D 197 -17.31 -2.31 18.60
CA ASN D 197 -16.99 -1.07 19.30
C ASN D 197 -15.71 -0.36 18.82
N TYR D 198 -15.55 0.87 19.29
CA TYR D 198 -14.34 1.66 19.08
C TYR D 198 -13.60 1.86 20.38
N GLU D 199 -12.29 1.58 20.37
CA GLU D 199 -11.39 2.06 21.42
C GLU D 199 -10.03 2.40 20.79
N MET D 200 -9.00 2.64 21.61
CA MET D 200 -7.79 3.27 21.10
C MET D 200 -6.44 2.62 21.43
N GLU D 201 -6.44 1.44 22.07
CA GLU D 201 -5.18 0.82 22.48
C GLU D 201 -5.03 -0.66 22.13
N SER D 202 -6.14 -1.37 21.93
CA SER D 202 -6.10 -2.83 21.78
C SER D 202 -5.29 -3.36 20.60
N ALA D 203 -5.36 -2.68 19.46
CA ALA D 203 -4.62 -3.12 18.27
C ALA D 203 -3.11 -3.17 18.55
N THR D 204 -2.59 -2.12 19.17
CA THR D 204 -1.18 -2.05 19.54
C THR D 204 -0.83 -3.12 20.57
N LEU D 205 -1.58 -3.16 21.67
CA LEU D 205 -1.33 -4.11 22.74
C LEU D 205 -1.37 -5.56 22.25
N LEU D 206 -2.44 -5.93 21.55
CA LEU D 206 -2.63 -7.29 21.08
C LEU D 206 -1.58 -7.72 20.04
N THR D 207 -1.27 -6.82 19.11
CA THR D 207 -0.27 -7.11 18.07
C THR D 207 1.13 -7.28 18.68
N MET D 208 1.53 -6.34 19.53
CA MET D 208 2.86 -6.36 20.11
C MET D 208 3.08 -7.54 21.07
N CYS D 209 2.02 -8.01 21.72
CA CYS D 209 2.12 -9.15 22.62
C CYS D 209 2.11 -10.48 21.86
N ALA D 210 1.18 -10.63 20.92
CA ALA D 210 1.05 -11.86 20.13
C ALA D 210 2.24 -12.14 19.23
N SER D 211 2.99 -11.11 18.87
CA SER D 211 4.17 -11.25 18.01
C SER D 211 5.48 -11.29 18.81
N GLN D 212 5.38 -11.30 20.14
CA GLN D 212 6.55 -11.30 21.01
C GLN D 212 6.47 -12.34 22.13
N GLY D 213 5.54 -13.27 22.01
CA GLY D 213 5.37 -14.34 22.98
C GLY D 213 4.81 -13.91 24.32
N LEU D 214 4.07 -12.81 24.32
CA LEU D 214 3.43 -12.30 25.53
C LEU D 214 1.92 -12.52 25.48
N ARG D 215 1.32 -12.82 26.62
CA ARG D 215 -0.12 -13.05 26.70
C ARG D 215 -0.88 -11.74 26.94
N ALA D 216 -1.91 -11.50 26.15
CA ALA D 216 -2.71 -10.29 26.29
C ALA D 216 -4.22 -10.54 26.20
N GLY D 217 -4.96 -9.84 27.05
CA GLY D 217 -6.42 -9.87 27.04
C GLY D 217 -6.98 -8.46 27.04
N MET D 218 -8.20 -8.32 26.52
CA MET D 218 -8.83 -7.00 26.38
C MET D 218 -10.31 -7.04 26.76
N VAL D 219 -10.67 -6.19 27.72
CA VAL D 219 -12.06 -6.02 28.16
C VAL D 219 -12.38 -4.53 28.31
N ALA D 220 -13.64 -4.18 28.01
CA ALA D 220 -14.06 -2.78 28.07
C ALA D 220 -15.53 -2.62 28.48
N GLY D 221 -15.82 -1.53 29.18
CA GLY D 221 -17.17 -1.19 29.56
C GLY D 221 -17.78 -0.19 28.60
N VAL D 222 -19.00 -0.47 28.15
CA VAL D 222 -19.71 0.42 27.22
C VAL D 222 -20.29 1.62 27.97
N ILE D 223 -19.80 2.80 27.64
CA ILE D 223 -20.30 4.03 28.26
C ILE D 223 -21.11 4.89 27.29
N VAL D 224 -21.08 4.51 26.01
CA VAL D 224 -21.84 5.20 24.96
C VAL D 224 -22.17 4.23 23.82
N ASN D 225 -23.38 4.36 23.27
CA ASN D 225 -23.73 3.71 22.01
C ASN D 225 -23.91 4.75 20.92
N ARG D 226 -23.13 4.60 19.84
CA ARG D 226 -23.06 5.60 18.77
C ARG D 226 -24.31 5.65 17.89
N THR D 227 -25.12 4.60 17.92
CA THR D 227 -26.36 4.55 17.15
C THR D 227 -27.55 5.11 17.94
N GLN D 228 -27.38 5.18 19.25
CA GLN D 228 -28.43 5.68 20.15
C GLN D 228 -28.22 7.15 20.49
N GLN D 229 -27.04 7.47 20.98
CA GLN D 229 -26.74 8.80 21.52
C GLN D 229 -25.28 9.17 21.28
N GLU D 230 -24.83 10.26 21.89
CA GLU D 230 -23.45 10.72 21.75
C GLU D 230 -22.83 11.12 23.09
N ILE D 231 -23.65 11.69 23.97
CA ILE D 231 -23.21 12.16 25.29
C ILE D 231 -23.35 11.08 26.39
N PRO D 232 -22.26 10.76 27.07
CA PRO D 232 -22.28 9.76 28.15
C PRO D 232 -22.90 10.30 29.44
N ASN D 233 -23.49 9.42 30.23
CA ASN D 233 -24.01 9.77 31.55
C ASN D 233 -22.91 9.66 32.60
N ALA D 234 -22.95 10.56 33.58
CA ALA D 234 -21.91 10.63 34.61
C ALA D 234 -21.94 9.45 35.59
N GLU D 235 -23.12 9.18 36.15
CA GLU D 235 -23.30 8.15 37.16
C GLU D 235 -23.05 6.73 36.65
N THR D 236 -23.61 6.41 35.48
CA THR D 236 -23.47 5.08 34.89
C THR D 236 -22.05 4.78 34.43
N MET D 237 -21.31 5.81 34.03
CA MET D 237 -19.91 5.67 33.63
C MET D 237 -19.04 5.11 34.76
N LYS D 238 -19.26 5.61 35.97
CA LYS D 238 -18.54 5.15 37.16
C LYS D 238 -18.98 3.73 37.55
N GLN D 239 -20.27 3.44 37.37
CA GLN D 239 -20.84 2.12 37.66
C GLN D 239 -20.36 1.06 36.65
N THR D 240 -20.23 1.46 35.39
CA THR D 240 -19.77 0.58 34.32
C THR D 240 -18.27 0.28 34.48
N GLU D 241 -17.50 1.30 34.83
CA GLU D 241 -16.08 1.16 35.13
C GLU D 241 -15.85 0.20 36.29
N SER D 242 -16.69 0.32 37.33
CA SER D 242 -16.63 -0.55 38.50
C SER D 242 -16.90 -2.02 38.17
N HIS D 243 -17.88 -2.26 37.30
CA HIS D 243 -18.24 -3.60 36.84
C HIS D 243 -17.09 -4.27 36.08
N ALA D 244 -16.51 -3.53 35.13
CA ALA D 244 -15.44 -4.04 34.28
C ALA D 244 -14.15 -4.28 35.07
N VAL D 245 -13.86 -3.41 36.04
CA VAL D 245 -12.69 -3.52 36.90
C VAL D 245 -12.79 -4.77 37.77
N LYS D 246 -14.01 -5.11 38.19
CA LYS D 246 -14.26 -6.34 38.93
C LYS D 246 -13.96 -7.57 38.06
N ILE D 247 -14.37 -7.51 36.80
CA ILE D 247 -14.15 -8.61 35.85
C ILE D 247 -12.66 -8.82 35.55
N VAL D 248 -11.94 -7.75 35.30
CA VAL D 248 -10.51 -7.83 34.97
C VAL D 248 -9.68 -8.39 36.13
N VAL D 249 -10.05 -8.05 37.36
CA VAL D 249 -9.37 -8.57 38.55
C VAL D 249 -9.70 -10.05 38.74
N GLU D 250 -10.97 -10.41 38.51
CA GLU D 250 -11.42 -11.80 38.57
C GLU D 250 -10.78 -12.67 37.48
N ALA D 251 -10.56 -12.08 36.31
CA ALA D 251 -9.88 -12.77 35.21
C ALA D 251 -8.40 -12.97 35.52
N ALA D 252 -7.80 -11.99 36.18
CA ALA D 252 -6.41 -12.06 36.62
C ALA D 252 -6.20 -13.18 37.64
N ARG D 253 -7.22 -13.41 38.47
CA ARG D 253 -7.22 -14.51 39.44
C ARG D 253 -7.05 -15.88 38.76
N ARG D 254 -7.69 -16.03 37.60
CA ARG D 254 -7.70 -17.29 36.86
C ARG D 254 -6.42 -17.53 36.06
N LEU D 255 -5.63 -16.48 35.88
CA LEU D 255 -4.43 -16.54 35.03
C LEU D 255 -3.12 -16.55 35.81
N LEU D 256 -3.20 -16.51 37.13
CA LEU D 256 -2.00 -16.45 37.97
C LEU D 256 -1.26 -17.79 38.02
N LYS E 6 -33.23 -28.41 -9.63
CA LYS E 6 -32.06 -29.31 -9.50
C LYS E 6 -31.00 -28.75 -8.54
N SER E 7 -30.75 -27.44 -8.64
CA SER E 7 -29.74 -26.77 -7.82
C SER E 7 -30.16 -25.36 -7.44
N ASP E 8 -29.94 -25.00 -6.18
CA ASP E 8 -30.21 -23.66 -5.68
C ASP E 8 -28.95 -22.79 -5.70
N VAL E 9 -27.81 -23.44 -5.87
CA VAL E 9 -26.51 -22.77 -5.92
C VAL E 9 -25.86 -22.95 -7.30
N PHE E 10 -24.73 -22.27 -7.50
CA PHE E 10 -24.05 -22.28 -8.81
C PHE E 10 -23.06 -23.42 -9.00
N HIS E 11 -22.36 -23.80 -7.92
CA HIS E 11 -21.24 -24.73 -8.04
C HIS E 11 -21.41 -26.04 -7.28
N LEU E 12 -21.95 -25.97 -6.06
CA LEU E 12 -22.04 -27.14 -5.19
C LEU E 12 -23.01 -28.22 -5.68
N GLY E 13 -24.01 -27.79 -6.45
CA GLY E 13 -25.03 -28.69 -6.95
C GLY E 13 -25.93 -29.21 -5.84
N LEU E 14 -26.38 -28.30 -4.99
CA LEU E 14 -27.17 -28.65 -3.82
C LEU E 14 -28.41 -27.77 -3.68
N THR E 15 -29.46 -28.34 -3.10
CA THR E 15 -30.66 -27.59 -2.75
C THR E 15 -30.76 -27.47 -1.23
N LYS E 16 -31.58 -26.53 -0.76
CA LYS E 16 -31.80 -26.34 0.67
C LYS E 16 -32.37 -27.60 1.34
N ASN E 17 -33.15 -28.35 0.57
CA ASN E 17 -33.76 -29.60 1.03
C ASN E 17 -32.76 -30.74 1.28
N ASP E 18 -31.65 -30.71 0.54
CA ASP E 18 -30.58 -31.69 0.70
C ASP E 18 -29.93 -31.62 2.08
N LEU E 19 -29.92 -30.42 2.66
CA LEU E 19 -29.26 -30.17 3.93
C LEU E 19 -30.02 -30.74 5.13
N GLN E 20 -31.35 -30.82 5.00
CA GLN E 20 -32.24 -31.29 6.07
C GLN E 20 -32.20 -30.41 7.32
N GLY E 21 -31.85 -29.13 7.13
CA GLY E 21 -31.80 -28.18 8.23
C GLY E 21 -30.49 -28.14 8.98
N ALA E 22 -29.46 -28.76 8.41
CA ALA E 22 -28.11 -28.73 8.99
C ALA E 22 -27.59 -27.30 8.99
N THR E 23 -26.97 -26.90 10.10
CA THR E 23 -26.44 -25.54 10.25
C THR E 23 -24.91 -25.55 10.39
N LEU E 24 -24.35 -26.73 10.63
CA LEU E 24 -22.91 -26.91 10.80
C LEU E 24 -22.30 -27.67 9.63
N ALA E 25 -21.14 -27.22 9.16
CA ALA E 25 -20.42 -27.89 8.08
C ALA E 25 -18.94 -28.03 8.37
N ILE E 26 -18.45 -29.28 8.31
CA ILE E 26 -17.03 -29.56 8.41
C ILE E 26 -16.42 -29.43 7.01
N VAL E 27 -15.43 -28.55 6.88
CA VAL E 27 -14.87 -28.22 5.58
C VAL E 27 -13.36 -28.54 5.46
N PRO E 28 -13.05 -29.72 4.92
CA PRO E 28 -11.65 -30.05 4.59
C PRO E 28 -11.23 -29.45 3.26
N GLY E 29 -9.92 -29.38 3.02
CA GLY E 29 -9.42 -28.97 1.72
C GLY E 29 -9.47 -30.11 0.72
N ASP E 30 -9.20 -31.32 1.21
CA ASP E 30 -9.08 -32.51 0.38
C ASP E 30 -10.44 -33.19 0.15
N PRO E 31 -10.83 -33.34 -1.12
CA PRO E 31 -12.07 -34.03 -1.49
C PRO E 31 -12.17 -35.48 -1.01
N ASP E 32 -11.03 -36.16 -0.89
CA ASP E 32 -11.00 -37.55 -0.44
C ASP E 32 -11.23 -37.69 1.07
N ARG E 33 -11.01 -36.59 1.79
CA ARG E 33 -11.20 -36.57 3.25
C ARG E 33 -12.67 -36.50 3.64
N VAL E 34 -13.53 -36.05 2.72
CA VAL E 34 -14.96 -35.89 2.97
C VAL E 34 -15.63 -37.20 3.42
N GLU E 35 -15.35 -38.28 2.71
CA GLU E 35 -15.88 -39.60 3.04
C GLU E 35 -15.37 -40.10 4.39
N LYS E 36 -14.10 -39.84 4.68
CA LYS E 36 -13.47 -40.23 5.94
C LYS E 36 -14.14 -39.59 7.16
N ILE E 37 -14.45 -38.29 7.05
CA ILE E 37 -15.11 -37.55 8.13
C ILE E 37 -16.55 -38.02 8.31
N ALA E 38 -17.27 -38.17 7.20
CA ALA E 38 -18.67 -38.60 7.21
C ALA E 38 -18.86 -40.01 7.77
N ALA E 39 -17.85 -40.87 7.57
CA ALA E 39 -17.89 -42.25 8.04
C ALA E 39 -17.76 -42.37 9.56
N LEU E 40 -17.25 -41.31 10.19
CA LEU E 40 -17.10 -41.26 11.64
C LEU E 40 -18.43 -40.95 12.35
N MET E 41 -19.39 -40.43 11.59
CA MET E 41 -20.71 -40.10 12.11
C MET E 41 -21.77 -41.09 11.63
N ASP E 42 -23.00 -40.94 12.13
CA ASP E 42 -24.09 -41.85 11.79
C ASP E 42 -24.74 -41.50 10.45
N LYS E 43 -25.15 -42.55 9.73
CA LYS E 43 -25.84 -42.44 8.43
C LYS E 43 -25.15 -41.53 7.41
N PRO E 44 -24.01 -41.99 6.84
CA PRO E 44 -23.30 -41.21 5.83
C PRO E 44 -23.85 -41.44 4.41
N VAL E 45 -24.05 -40.35 3.67
CA VAL E 45 -24.60 -40.41 2.32
C VAL E 45 -24.01 -39.32 1.41
N LYS E 46 -23.62 -39.70 0.20
CA LYS E 46 -23.08 -38.77 -0.79
C LYS E 46 -24.19 -37.91 -1.39
N LEU E 47 -23.92 -36.61 -1.48
CA LEU E 47 -24.91 -35.66 -2.01
C LEU E 47 -24.54 -35.19 -3.42
N ALA E 48 -23.33 -34.65 -3.58
CA ALA E 48 -22.86 -34.13 -4.86
C ALA E 48 -21.35 -34.13 -4.97
N SER E 49 -20.85 -34.24 -6.20
CA SER E 49 -19.42 -34.16 -6.48
C SER E 49 -19.18 -33.36 -7.76
N HIS E 50 -19.01 -32.06 -7.61
CA HIS E 50 -18.81 -31.15 -8.74
C HIS E 50 -17.50 -30.38 -8.61
N ARG E 51 -16.72 -30.40 -9.68
CA ARG E 51 -15.39 -29.78 -9.73
C ARG E 51 -14.49 -30.30 -8.61
N GLU E 52 -14.18 -29.43 -7.65
CA GLU E 52 -13.36 -29.80 -6.48
C GLU E 52 -14.20 -29.88 -5.21
N PHE E 53 -15.51 -29.68 -5.36
CA PHE E 53 -16.43 -29.66 -4.21
C PHE E 53 -17.22 -30.96 -4.11
N THR E 54 -16.85 -31.78 -3.14
CA THR E 54 -17.57 -33.03 -2.84
C THR E 54 -18.30 -32.87 -1.51
N THR E 55 -19.60 -33.15 -1.52
CA THR E 55 -20.43 -32.97 -0.33
C THR E 55 -21.10 -34.27 0.14
N TRP E 56 -20.94 -34.55 1.43
CA TRP E 56 -21.58 -35.70 2.07
C TRP E 56 -22.42 -35.21 3.26
N ARG E 57 -23.53 -35.90 3.51
CA ARG E 57 -24.37 -35.62 4.67
C ARG E 57 -24.29 -36.75 5.68
N ALA E 58 -24.17 -36.38 6.95
CA ALA E 58 -24.14 -37.36 8.04
C ALA E 58 -25.02 -36.87 9.19
N GLU E 59 -25.09 -37.67 10.25
CA GLU E 59 -25.87 -37.31 11.43
C GLU E 59 -25.07 -37.51 12.71
N LEU E 60 -25.08 -36.49 13.57
CA LEU E 60 -24.33 -36.51 14.82
C LEU E 60 -25.24 -36.16 15.99
N ASP E 61 -25.35 -37.09 16.94
CA ASP E 61 -26.19 -36.95 18.14
C ASP E 61 -27.67 -36.70 17.82
N GLY E 62 -28.09 -37.10 16.62
CA GLY E 62 -29.45 -36.91 16.16
C GLY E 62 -29.58 -35.77 15.16
N LYS E 63 -28.68 -34.80 15.25
CA LYS E 63 -28.68 -33.63 14.38
C LYS E 63 -27.83 -33.87 13.12
N PRO E 64 -28.38 -33.51 11.94
CA PRO E 64 -27.67 -33.68 10.67
C PRO E 64 -26.47 -32.72 10.52
N VAL E 65 -25.41 -33.21 9.90
CA VAL E 65 -24.17 -32.44 9.69
C VAL E 65 -23.69 -32.59 8.24
N ILE E 66 -23.22 -31.50 7.66
CA ILE E 66 -22.72 -31.48 6.28
C ILE E 66 -21.18 -31.48 6.26
N VAL E 67 -20.62 -32.30 5.37
CA VAL E 67 -19.17 -32.29 5.11
C VAL E 67 -18.94 -31.94 3.64
N CYS E 68 -18.14 -30.91 3.40
CA CYS E 68 -17.93 -30.40 2.04
C CYS E 68 -16.49 -29.91 1.82
N SER E 69 -15.87 -30.40 0.74
CA SER E 69 -14.51 -30.02 0.39
C SER E 69 -14.45 -28.63 -0.25
N THR E 70 -13.43 -27.87 0.13
CA THR E 70 -13.23 -26.51 -0.38
C THR E 70 -12.24 -26.48 -1.53
N GLY E 71 -11.39 -27.50 -1.60
CA GLY E 71 -10.23 -27.49 -2.48
C GLY E 71 -9.11 -26.68 -1.83
N ILE E 72 -7.97 -26.58 -2.52
CA ILE E 72 -6.84 -25.80 -2.02
C ILE E 72 -7.01 -24.31 -2.34
N GLY E 73 -6.87 -23.47 -1.31
CA GLY E 73 -6.81 -22.04 -1.50
C GLY E 73 -8.10 -21.27 -1.28
N GLY E 74 -7.95 -19.97 -1.05
CA GLY E 74 -9.06 -19.08 -0.74
C GLY E 74 -10.17 -18.91 -1.78
N PRO E 75 -9.83 -18.76 -3.06
CA PRO E 75 -10.83 -18.60 -4.13
C PRO E 75 -11.96 -19.63 -4.14
N SER E 76 -11.62 -20.92 -4.20
CA SER E 76 -12.64 -21.97 -4.21
C SER E 76 -13.26 -22.14 -2.82
N THR E 77 -12.49 -21.87 -1.78
CA THR E 77 -12.99 -21.86 -0.41
C THR E 77 -14.12 -20.84 -0.27
N SER E 78 -13.93 -19.67 -0.89
CA SER E 78 -14.91 -18.59 -0.84
C SER E 78 -16.21 -18.95 -1.55
N ILE E 79 -16.11 -19.76 -2.59
CA ILE E 79 -17.28 -20.29 -3.29
C ILE E 79 -18.02 -21.27 -2.38
N ALA E 80 -17.28 -22.22 -1.80
CA ALA E 80 -17.84 -23.24 -0.93
C ALA E 80 -18.55 -22.66 0.29
N VAL E 81 -17.90 -21.74 0.98
CA VAL E 81 -18.45 -21.13 2.20
C VAL E 81 -19.68 -20.26 1.91
N GLU E 82 -19.60 -19.46 0.85
CA GLU E 82 -20.70 -18.59 0.43
C GLU E 82 -21.95 -19.38 0.07
N GLU E 83 -21.76 -20.41 -0.77
CA GLU E 83 -22.88 -21.20 -1.25
C GLU E 83 -23.51 -22.09 -0.18
N LEU E 84 -22.69 -22.50 0.78
CA LEU E 84 -23.19 -23.24 1.95
C LEU E 84 -24.00 -22.34 2.89
N ALA E 85 -23.56 -21.09 3.01
CA ALA E 85 -24.27 -20.09 3.81
C ALA E 85 -25.62 -19.74 3.21
N GLN E 86 -25.69 -19.74 1.88
CA GLN E 86 -26.93 -19.56 1.13
C GLN E 86 -27.91 -20.71 1.39
N LEU E 87 -27.35 -21.90 1.65
CA LEU E 87 -28.15 -23.09 1.91
C LEU E 87 -28.54 -23.25 3.37
N GLY E 88 -27.95 -22.42 4.23
CA GLY E 88 -28.33 -22.37 5.64
C GLY E 88 -27.27 -22.74 6.66
N ILE E 89 -26.02 -22.86 6.22
CA ILE E 89 -24.91 -23.17 7.13
C ILE E 89 -24.41 -21.88 7.79
N ARG E 90 -24.30 -21.91 9.12
CA ARG E 90 -23.82 -20.75 9.87
C ARG E 90 -22.49 -21.03 10.57
N THR E 91 -22.22 -22.30 10.85
CA THR E 91 -20.97 -22.72 11.50
C THR E 91 -20.11 -23.53 10.54
N PHE E 92 -18.86 -23.11 10.39
CA PHE E 92 -17.89 -23.79 9.53
C PHE E 92 -16.68 -24.24 10.34
N LEU E 93 -16.38 -25.53 10.30
CA LEU E 93 -15.20 -26.06 10.96
C LEU E 93 -14.22 -26.63 9.94
N ARG E 94 -13.06 -25.99 9.81
CA ARG E 94 -12.04 -26.46 8.88
C ARG E 94 -11.07 -27.43 9.54
N ILE E 95 -10.88 -28.58 8.89
CA ILE E 95 -9.83 -29.52 9.25
C ILE E 95 -8.85 -29.65 8.09
N GLY E 96 -7.57 -29.38 8.36
CA GLY E 96 -6.55 -29.40 7.32
C GLY E 96 -5.26 -30.10 7.69
N THR E 97 -4.32 -30.07 6.74
CA THR E 97 -2.94 -30.50 6.98
C THR E 97 -2.07 -29.25 7.04
N THR E 98 -0.90 -29.37 7.64
CA THR E 98 -0.03 -28.20 7.82
C THR E 98 1.45 -28.54 7.97
N GLY E 99 2.29 -27.56 7.63
CA GLY E 99 3.71 -27.62 7.89
C GLY E 99 4.05 -26.69 9.04
N ALA E 100 4.58 -27.26 10.12
CA ALA E 100 4.95 -26.48 11.30
C ALA E 100 6.28 -25.76 11.06
N ILE E 101 6.43 -24.57 11.65
CA ILE E 101 7.65 -23.78 11.51
C ILE E 101 8.34 -23.49 12.86
N GLN E 102 7.77 -24.00 13.94
CA GLN E 102 8.37 -23.87 15.26
C GLN E 102 9.05 -25.19 15.65
N PRO E 103 10.25 -25.11 16.23
CA PRO E 103 11.03 -26.31 16.59
C PRO E 103 10.36 -27.20 17.63
N HIS E 104 9.53 -26.62 18.50
CA HIS E 104 8.90 -27.37 19.59
C HIS E 104 7.65 -28.12 19.17
N ILE E 105 7.15 -27.85 17.97
CA ILE E 105 5.97 -28.54 17.44
C ILE E 105 6.42 -29.74 16.61
N ASN E 106 5.99 -30.93 17.01
CA ASN E 106 6.40 -32.18 16.35
C ASN E 106 5.37 -32.66 15.32
N VAL E 107 5.83 -33.56 14.44
CA VAL E 107 4.94 -34.24 13.49
C VAL E 107 3.95 -35.10 14.27
N GLY E 108 2.67 -34.95 13.95
CA GLY E 108 1.62 -35.66 14.65
C GLY E 108 0.82 -34.79 15.60
N ASP E 109 1.37 -33.62 15.93
CA ASP E 109 0.70 -32.65 16.79
C ASP E 109 -0.50 -32.02 16.07
N VAL E 110 -1.47 -31.58 16.86
CA VAL E 110 -2.63 -30.87 16.32
C VAL E 110 -2.55 -29.38 16.67
N LEU E 111 -2.92 -28.53 15.73
CA LEU E 111 -2.86 -27.08 15.95
C LEU E 111 -4.23 -26.44 15.78
N VAL E 112 -4.62 -25.66 16.78
CA VAL E 112 -5.85 -24.87 16.72
C VAL E 112 -5.47 -23.41 16.46
N THR E 113 -6.07 -22.83 15.43
CA THR E 113 -5.78 -21.46 15.02
C THR E 113 -6.73 -20.46 15.67
N THR E 114 -6.17 -19.53 16.43
CA THR E 114 -6.95 -18.41 16.99
C THR E 114 -7.20 -17.36 15.92
N ALA E 115 -6.17 -17.11 15.11
CA ALA E 115 -6.22 -16.14 14.03
C ALA E 115 -5.09 -16.37 13.04
N SER E 116 -5.22 -15.81 11.84
CA SER E 116 -4.27 -16.07 10.77
C SER E 116 -3.60 -14.84 10.19
N VAL E 117 -2.33 -14.99 9.85
CA VAL E 117 -1.60 -14.00 9.05
C VAL E 117 -2.15 -14.09 7.63
N ARG E 118 -2.61 -12.96 7.11
CA ARG E 118 -3.31 -12.94 5.83
C ARG E 118 -2.35 -12.78 4.65
N LEU E 119 -1.81 -13.91 4.19
CA LEU E 119 -0.95 -13.95 3.02
C LEU E 119 -1.73 -14.44 1.81
N ASP E 120 -3.01 -14.08 1.77
CA ASP E 120 -3.93 -14.48 0.71
C ASP E 120 -4.55 -13.26 0.04
N GLY E 121 -5.26 -13.49 -1.05
CA GLY E 121 -5.95 -12.42 -1.75
C GLY E 121 -7.44 -12.37 -1.49
N ALA E 122 -8.06 -13.53 -1.31
CA ALA E 122 -9.52 -13.63 -1.18
C ALA E 122 -10.10 -12.95 0.07
N SER E 123 -9.33 -12.95 1.16
CA SER E 123 -9.76 -12.30 2.40
C SER E 123 -10.03 -10.81 2.19
N LEU E 124 -9.23 -10.18 1.33
CA LEU E 124 -9.36 -8.76 1.00
C LEU E 124 -10.66 -8.43 0.27
N HIS E 125 -11.28 -9.45 -0.31
CA HIS E 125 -12.55 -9.28 -1.01
C HIS E 125 -13.73 -9.23 -0.04
N PHE E 126 -13.45 -9.45 1.25
CA PHE E 126 -14.48 -9.43 2.28
C PHE E 126 -14.23 -8.35 3.33
N ALA E 127 -12.95 -8.11 3.64
CA ALA E 127 -12.55 -7.10 4.61
C ALA E 127 -11.16 -6.58 4.29
N PRO E 128 -10.90 -5.29 4.53
CA PRO E 128 -9.56 -4.72 4.31
C PRO E 128 -8.53 -5.39 5.22
N LEU E 129 -7.26 -5.29 4.85
CA LEU E 129 -6.19 -6.02 5.53
C LEU E 129 -6.12 -5.84 7.05
N GLU E 130 -6.48 -4.64 7.51
CA GLU E 130 -6.46 -4.28 8.92
C GLU E 130 -7.42 -5.10 9.78
N PHE E 131 -8.47 -5.66 9.15
CA PHE E 131 -9.42 -6.55 9.82
C PHE E 131 -8.74 -7.88 10.15
N PRO E 132 -8.90 -8.34 11.40
CA PRO E 132 -8.27 -9.58 11.84
C PRO E 132 -8.93 -10.86 11.29
N ALA E 133 -8.11 -11.77 10.79
CA ALA E 133 -8.59 -13.09 10.37
C ALA E 133 -8.74 -13.97 11.60
N VAL E 134 -9.70 -13.64 12.44
CA VAL E 134 -9.87 -14.28 13.74
C VAL E 134 -10.94 -15.37 13.72
N ALA E 135 -10.67 -16.47 14.41
CA ALA E 135 -11.63 -17.56 14.54
C ALA E 135 -12.69 -17.22 15.58
N ASP E 136 -13.86 -17.84 15.46
CA ASP E 136 -14.94 -17.69 16.42
C ASP E 136 -14.52 -18.28 17.77
N PHE E 137 -14.80 -17.56 18.84
CA PHE E 137 -14.39 -17.96 20.19
C PHE E 137 -14.99 -19.29 20.65
N GLU E 138 -16.28 -19.50 20.34
CA GLU E 138 -16.96 -20.75 20.71
C GLU E 138 -16.41 -21.94 19.93
N CYS E 139 -16.11 -21.72 18.64
CA CYS E 139 -15.55 -22.76 17.79
C CYS E 139 -14.13 -23.15 18.22
N THR E 140 -13.32 -22.15 18.56
CA THR E 140 -11.96 -22.36 19.06
C THR E 140 -11.99 -23.09 20.39
N THR E 141 -12.90 -22.68 21.28
CA THR E 141 -13.09 -23.33 22.58
C THR E 141 -13.43 -24.81 22.41
N ALA E 142 -14.39 -25.10 21.54
CA ALA E 142 -14.84 -26.45 21.29
C ALA E 142 -13.73 -27.34 20.72
N LEU E 143 -12.89 -26.76 19.87
CA LEU E 143 -11.77 -27.48 19.25
C LEU E 143 -10.67 -27.79 20.26
N VAL E 144 -10.36 -26.83 21.13
CA VAL E 144 -9.36 -27.02 22.19
C VAL E 144 -9.83 -28.09 23.18
N GLU E 145 -11.11 -28.01 23.57
CA GLU E 145 -11.70 -28.97 24.48
C GLU E 145 -11.81 -30.37 23.87
N ALA E 146 -12.12 -30.43 22.57
CA ALA E 146 -12.18 -31.70 21.84
C ALA E 146 -10.82 -32.36 21.72
N ALA E 147 -9.78 -31.55 21.53
CA ALA E 147 -8.40 -32.03 21.46
C ALA E 147 -7.94 -32.59 22.81
N LYS E 148 -8.34 -31.91 23.88
CA LYS E 148 -8.05 -32.34 25.24
C LYS E 148 -8.85 -33.60 25.62
N SER E 149 -10.03 -33.73 25.01
CA SER E 149 -10.91 -34.87 25.26
C SER E 149 -10.31 -36.18 24.76
N ILE E 150 -9.71 -36.16 23.57
CA ILE E 150 -9.08 -37.35 23.00
C ILE E 150 -7.61 -37.48 23.39
N GLY E 151 -7.07 -36.42 24.00
CA GLY E 151 -5.73 -36.44 24.57
C GLY E 151 -4.60 -36.32 23.57
N ALA E 152 -4.68 -35.32 22.70
CA ALA E 152 -3.66 -35.07 21.69
C ALA E 152 -2.72 -33.95 22.11
N THR E 153 -1.50 -33.96 21.58
CA THR E 153 -0.54 -32.88 21.79
C THR E 153 -0.97 -31.67 20.98
N THR E 154 -1.46 -30.64 21.66
CA THR E 154 -2.10 -29.49 21.03
C THR E 154 -1.34 -28.18 21.26
N HIS E 155 -1.26 -27.37 20.22
CA HIS E 155 -0.73 -26.01 20.31
C HIS E 155 -1.76 -25.02 19.78
N VAL E 156 -1.97 -23.95 20.54
CA VAL E 156 -2.94 -22.92 20.18
C VAL E 156 -2.22 -21.61 19.87
N GLY E 157 -2.55 -21.00 18.74
CA GLY E 157 -1.92 -19.75 18.34
C GLY E 157 -2.17 -19.33 16.91
N VAL E 158 -1.23 -18.54 16.38
CA VAL E 158 -1.38 -17.90 15.08
C VAL E 158 -0.84 -18.76 13.94
N THR E 159 -1.54 -18.75 12.81
CA THR E 159 -1.17 -19.50 11.61
C THR E 159 -0.90 -18.55 10.45
N ALA E 160 0.12 -18.85 9.65
CA ALA E 160 0.34 -18.11 8.41
C ALA E 160 -0.39 -18.80 7.27
N SER E 161 -1.35 -18.10 6.68
CA SER E 161 -2.18 -18.67 5.62
C SER E 161 -1.81 -18.07 4.25
N SER E 162 -1.19 -18.91 3.42
CA SER E 162 -0.56 -18.45 2.19
C SER E 162 -1.33 -18.85 0.92
N ASP E 163 -1.31 -17.95 -0.07
CA ASP E 163 -1.93 -18.21 -1.37
C ASP E 163 -1.10 -19.15 -2.25
N THR E 164 0.15 -19.43 -1.84
CA THR E 164 0.96 -20.42 -2.55
C THR E 164 1.55 -21.45 -1.58
N PHE E 165 1.88 -22.62 -2.13
CA PHE E 165 2.53 -23.68 -1.37
C PHE E 165 4.03 -23.47 -1.32
N TYR E 166 4.59 -22.89 -2.39
CA TYR E 166 6.05 -22.78 -2.52
C TYR E 166 6.64 -21.43 -2.10
N PRO E 167 6.56 -20.38 -2.93
CA PRO E 167 7.24 -19.11 -2.63
C PRO E 167 6.71 -18.40 -1.39
N GLY E 168 5.39 -18.46 -1.17
CA GLY E 168 4.75 -17.84 -0.01
C GLY E 168 5.07 -18.54 1.30
N GLN E 169 5.54 -19.78 1.20
CA GLN E 169 5.99 -20.53 2.37
C GLN E 169 7.51 -20.67 2.35
N GLU E 170 8.13 -19.79 1.56
CA GLU E 170 9.59 -19.73 1.36
C GLU E 170 10.25 -21.08 1.07
N ARG E 171 9.72 -21.78 0.08
CA ARG E 171 10.36 -23.00 -0.43
C ARG E 171 11.24 -22.63 -1.62
N TYR E 172 12.49 -23.09 -1.58
CA TYR E 172 13.47 -22.79 -2.63
C TYR E 172 13.72 -23.98 -3.56
N ASP E 173 13.25 -25.16 -3.17
CA ASP E 173 13.39 -26.35 -3.99
C ASP E 173 12.33 -26.37 -5.09
N THR E 174 12.48 -25.43 -6.03
CA THR E 174 11.49 -25.20 -7.08
C THR E 174 12.15 -25.10 -8.44
N TYR E 175 11.34 -24.91 -9.47
CA TYR E 175 11.82 -24.73 -10.84
C TYR E 175 12.74 -23.51 -10.96
N SER E 176 12.28 -22.37 -10.47
CA SER E 176 13.06 -21.13 -10.52
C SER E 176 14.16 -21.10 -9.47
N GLY E 177 13.89 -21.72 -8.32
CA GLY E 177 14.82 -21.75 -7.21
C GLY E 177 14.96 -20.42 -6.49
N ARG E 178 13.99 -19.54 -6.70
CA ARG E 178 14.04 -18.21 -6.09
C ARG E 178 12.69 -17.80 -5.48
N VAL E 179 12.75 -16.85 -4.55
CA VAL E 179 11.58 -16.32 -3.89
C VAL E 179 11.57 -14.80 -4.02
N VAL E 180 10.43 -14.24 -4.43
CA VAL E 180 10.25 -12.81 -4.60
C VAL E 180 10.63 -12.03 -3.32
N ARG E 181 11.18 -10.84 -3.49
CA ARG E 181 11.68 -10.02 -2.40
C ARG E 181 10.77 -9.98 -1.17
N HIS E 182 9.48 -9.77 -1.41
CA HIS E 182 8.47 -9.68 -0.35
C HIS E 182 8.46 -10.87 0.61
N PHE E 183 8.73 -12.07 0.08
CA PHE E 183 8.71 -13.28 0.89
C PHE E 183 10.09 -13.82 1.27
N LYS E 184 11.14 -13.15 0.80
CA LYS E 184 12.51 -13.48 1.18
C LYS E 184 12.73 -13.19 2.66
N GLY E 185 13.11 -14.23 3.42
CA GLY E 185 13.33 -14.12 4.84
C GLY E 185 12.04 -14.04 5.66
N SER E 186 10.91 -14.32 5.01
CA SER E 186 9.60 -14.20 5.67
C SER E 186 9.32 -15.30 6.70
N MET E 187 9.78 -16.52 6.42
CA MET E 187 9.59 -17.64 7.35
C MET E 187 10.25 -17.35 8.70
N GLU E 188 11.49 -16.86 8.66
CA GLU E 188 12.22 -16.48 9.87
C GLU E 188 11.50 -15.39 10.65
N GLU E 189 10.89 -14.45 9.93
CA GLU E 189 10.11 -13.37 10.53
C GLU E 189 8.87 -13.90 11.25
N TRP E 190 8.13 -14.80 10.61
CA TRP E 190 6.96 -15.42 11.22
C TRP E 190 7.35 -16.26 12.45
N GLN E 191 8.46 -17.00 12.32
CA GLN E 191 8.99 -17.82 13.41
C GLN E 191 9.27 -16.99 14.66
N ALA E 192 9.93 -15.86 14.48
CA ALA E 192 10.25 -14.94 15.58
C ALA E 192 8.99 -14.32 16.19
N MET E 193 7.92 -14.22 15.39
CA MET E 193 6.65 -13.68 15.84
C MET E 193 5.75 -14.72 16.51
N GLY E 194 6.24 -15.95 16.63
CA GLY E 194 5.52 -17.02 17.30
C GLY E 194 4.47 -17.70 16.45
N VAL E 195 4.50 -17.46 15.13
CA VAL E 195 3.59 -18.12 14.20
C VAL E 195 3.92 -19.62 14.18
N MET E 196 2.87 -20.44 14.30
CA MET E 196 3.04 -21.88 14.46
C MET E 196 3.34 -22.61 13.16
N ASN E 197 2.62 -22.26 12.10
CA ASN E 197 2.53 -23.11 10.91
C ASN E 197 2.10 -22.41 9.63
N TYR E 198 2.23 -23.13 8.51
CA TYR E 198 1.75 -22.69 7.22
C TYR E 198 0.59 -23.58 6.75
N GLU E 199 -0.49 -22.95 6.32
CA GLU E 199 -1.50 -23.62 5.50
C GLU E 199 -2.07 -22.63 4.47
N MET E 200 -3.17 -22.98 3.81
CA MET E 200 -3.58 -22.24 2.61
C MET E 200 -5.04 -21.77 2.52
N GLU E 201 -5.83 -21.96 3.57
CA GLU E 201 -7.25 -21.64 3.51
C GLU E 201 -7.80 -20.79 4.66
N SER E 202 -7.15 -20.84 5.82
CA SER E 202 -7.70 -20.26 7.05
C SER E 202 -7.93 -18.74 6.99
N ALA E 203 -7.01 -17.99 6.39
CA ALA E 203 -7.15 -16.54 6.28
C ALA E 203 -8.44 -16.14 5.58
N THR E 204 -8.74 -16.79 4.45
CA THR E 204 -9.96 -16.56 3.70
C THR E 204 -11.19 -16.96 4.51
N LEU E 205 -11.20 -18.20 4.99
CA LEU E 205 -12.32 -18.74 5.77
C LEU E 205 -12.63 -17.87 6.99
N LEU E 206 -11.62 -17.59 7.81
CA LEU E 206 -11.81 -16.84 9.04
C LEU E 206 -12.24 -15.39 8.81
N THR E 207 -11.63 -14.73 7.81
CA THR E 207 -11.99 -13.35 7.47
C THR E 207 -13.42 -13.25 6.96
N MET E 208 -13.76 -14.10 5.99
CA MET E 208 -15.09 -14.05 5.36
C MET E 208 -16.23 -14.42 6.34
N CYS E 209 -15.93 -15.26 7.32
CA CYS E 209 -16.94 -15.65 8.31
C CYS E 209 -17.10 -14.58 9.40
N ALA E 210 -15.98 -14.10 9.93
CA ALA E 210 -15.98 -13.11 11.01
C ALA E 210 -16.54 -11.75 10.58
N SER E 211 -16.49 -11.47 9.29
CA SER E 211 -17.00 -10.21 8.74
C SER E 211 -18.42 -10.35 8.17
N GLN E 212 -19.02 -11.52 8.31
CA GLN E 212 -20.36 -11.79 7.77
C GLN E 212 -21.29 -12.47 8.78
N GLY E 213 -20.90 -12.45 10.06
CA GLY E 213 -21.72 -13.01 11.12
C GLY E 213 -21.80 -14.53 11.13
N LEU E 214 -20.80 -15.18 10.56
CA LEU E 214 -20.72 -16.64 10.54
C LEU E 214 -19.63 -17.13 11.48
N ARG E 215 -19.87 -18.27 12.13
CA ARG E 215 -18.91 -18.84 13.07
C ARG E 215 -17.94 -19.77 12.35
N ALA E 216 -16.65 -19.59 12.62
CA ALA E 216 -15.62 -20.42 12.00
C ALA E 216 -14.53 -20.87 12.97
N GLY E 217 -14.12 -22.12 12.80
CA GLY E 217 -13.04 -22.71 13.58
C GLY E 217 -12.02 -23.37 12.66
N MET E 218 -10.78 -23.49 13.14
CA MET E 218 -9.69 -24.00 12.32
C MET E 218 -8.79 -24.94 13.12
N VAL E 219 -8.64 -26.17 12.63
CA VAL E 219 -7.76 -27.16 13.23
C VAL E 219 -6.97 -27.90 12.14
N ALA E 220 -5.72 -28.26 12.44
CA ALA E 220 -4.86 -28.92 11.48
C ALA E 220 -3.89 -29.91 12.11
N GLY E 221 -3.59 -30.98 11.37
CA GLY E 221 -2.61 -31.96 11.80
C GLY E 221 -1.24 -31.70 11.18
N VAL E 222 -0.21 -31.73 12.01
CA VAL E 222 1.16 -31.49 11.57
C VAL E 222 1.71 -32.74 10.89
N ILE E 223 2.01 -32.61 9.60
CA ILE E 223 2.56 -33.73 8.83
C ILE E 223 4.03 -33.49 8.45
N VAL E 224 4.51 -32.26 8.67
CA VAL E 224 5.89 -31.90 8.44
C VAL E 224 6.32 -30.75 9.35
N ASN E 225 7.59 -30.76 9.77
CA ASN E 225 8.19 -29.62 10.46
C ASN E 225 9.35 -29.09 9.63
N ARG E 226 9.27 -27.80 9.28
CA ARG E 226 10.21 -27.18 8.35
C ARG E 226 11.62 -26.96 8.92
N THR E 227 11.73 -26.93 10.24
CA THR E 227 13.03 -26.75 10.91
C THR E 227 13.84 -28.05 10.93
N GLN E 228 13.15 -29.17 10.69
CA GLN E 228 13.78 -30.48 10.63
C GLN E 228 13.84 -30.97 9.18
N ASN E 233 6.12 -38.30 5.54
CA ASN E 233 5.94 -39.73 5.69
C ASN E 233 4.48 -40.15 5.57
N ALA E 234 4.21 -41.07 4.63
CA ALA E 234 2.85 -41.48 4.27
C ALA E 234 2.07 -42.15 5.42
N GLU E 235 2.72 -43.07 6.12
CA GLU E 235 2.10 -43.80 7.23
C GLU E 235 1.76 -42.89 8.42
N THR E 236 2.64 -41.93 8.69
CA THR E 236 2.42 -40.95 9.74
C THR E 236 1.36 -39.93 9.32
N MET E 237 1.31 -39.63 8.02
CA MET E 237 0.33 -38.70 7.45
C MET E 237 -1.11 -39.18 7.62
N LYS E 238 -1.31 -40.49 7.51
CA LYS E 238 -2.63 -41.10 7.68
C LYS E 238 -3.08 -41.09 9.14
N GLN E 239 -2.14 -41.38 10.05
CA GLN E 239 -2.41 -41.39 11.49
C GLN E 239 -2.69 -40.00 12.03
N THR E 240 -2.00 -38.99 11.48
CA THR E 240 -2.21 -37.60 11.86
C THR E 240 -3.56 -37.09 11.35
N GLU E 241 -3.90 -37.44 10.11
CA GLU E 241 -5.18 -37.07 9.52
C GLU E 241 -6.36 -37.57 10.36
N SER E 242 -6.29 -38.85 10.75
CA SER E 242 -7.33 -39.48 11.57
C SER E 242 -7.44 -38.87 12.97
N HIS E 243 -6.31 -38.44 13.52
CA HIS E 243 -6.26 -37.77 14.82
C HIS E 243 -7.03 -36.44 14.78
N ALA E 244 -6.75 -35.63 13.76
CA ALA E 244 -7.39 -34.33 13.59
C ALA E 244 -8.87 -34.43 13.21
N VAL E 245 -9.21 -35.46 12.43
CA VAL E 245 -10.59 -35.72 12.03
C VAL E 245 -11.45 -36.10 13.24
N LYS E 246 -10.89 -36.93 14.11
CA LYS E 246 -11.55 -37.33 15.36
C LYS E 246 -11.80 -36.14 16.29
N ILE E 247 -10.92 -35.15 16.22
CA ILE E 247 -11.06 -33.92 17.01
C ILE E 247 -12.13 -33.00 16.41
N VAL E 248 -12.08 -32.81 15.08
CA VAL E 248 -13.03 -31.93 14.39
C VAL E 248 -14.48 -32.41 14.49
N VAL E 249 -14.67 -33.73 14.58
CA VAL E 249 -16.00 -34.32 14.75
C VAL E 249 -16.44 -34.17 16.22
N GLU E 250 -15.50 -34.38 17.14
CA GLU E 250 -15.75 -34.19 18.57
C GLU E 250 -16.07 -32.72 18.91
N ALA E 251 -15.45 -31.80 18.18
CA ALA E 251 -15.72 -30.37 18.35
C ALA E 251 -17.09 -30.01 17.77
N ALA E 252 -17.47 -30.68 16.69
CA ALA E 252 -18.78 -30.49 16.06
C ALA E 252 -19.92 -30.91 16.99
N ARG E 253 -19.65 -31.92 17.82
CA ARG E 253 -20.61 -32.40 18.82
C ARG E 253 -20.97 -31.31 19.83
N ARG E 254 -19.96 -30.54 20.23
CA ARG E 254 -20.12 -29.49 21.25
C ARG E 254 -20.82 -28.24 20.71
N LEU E 255 -20.83 -28.08 19.40
CA LEU E 255 -21.30 -26.84 18.76
C LEU E 255 -22.74 -26.91 18.22
N LEU E 256 -23.28 -28.11 18.10
CA LEU E 256 -24.63 -28.29 17.57
C LEU E 256 -25.69 -27.89 18.59
N SER F 7 6.40 -40.79 -6.95
CA SER F 7 6.28 -39.55 -7.77
C SER F 7 7.38 -38.54 -7.43
N ASP F 8 7.75 -37.73 -8.42
CA ASP F 8 8.79 -36.72 -8.25
C ASP F 8 8.22 -35.40 -7.72
N VAL F 9 6.90 -35.32 -7.61
CA VAL F 9 6.19 -34.11 -7.17
C VAL F 9 5.34 -34.37 -5.92
N PHE F 10 4.94 -33.29 -5.25
CA PHE F 10 4.22 -33.38 -3.98
C PHE F 10 2.71 -33.59 -4.13
N HIS F 11 2.11 -33.05 -5.19
CA HIS F 11 0.65 -33.05 -5.32
C HIS F 11 0.10 -33.77 -6.55
N LEU F 12 0.76 -33.59 -7.70
CA LEU F 12 0.26 -34.10 -8.98
C LEU F 12 0.32 -35.62 -9.12
N GLY F 13 1.27 -36.25 -8.41
CA GLY F 13 1.43 -37.70 -8.44
C GLY F 13 2.01 -38.20 -9.74
N LEU F 14 2.93 -37.44 -10.31
CA LEU F 14 3.52 -37.77 -11.61
C LEU F 14 5.04 -37.86 -11.53
N THR F 15 5.63 -38.65 -12.44
CA THR F 15 7.07 -38.71 -12.61
C THR F 15 7.45 -38.02 -13.92
N LYS F 16 8.73 -37.70 -14.06
CA LYS F 16 9.28 -37.15 -15.32
C LYS F 16 9.02 -38.10 -16.48
N ASN F 17 8.96 -39.39 -16.17
CA ASN F 17 8.73 -40.45 -17.14
C ASN F 17 7.33 -40.45 -17.74
N ASP F 18 6.32 -40.20 -16.89
CA ASP F 18 4.92 -40.17 -17.31
C ASP F 18 4.65 -39.12 -18.37
N LEU F 19 5.45 -38.07 -18.40
CA LEU F 19 5.31 -36.97 -19.36
C LEU F 19 5.81 -37.38 -20.75
N GLN F 20 6.84 -38.24 -20.78
CA GLN F 20 7.46 -38.74 -22.00
C GLN F 20 8.07 -37.64 -22.89
N GLY F 21 8.64 -36.62 -22.24
CA GLY F 21 9.31 -35.54 -22.94
C GLY F 21 8.40 -34.38 -23.33
N ALA F 22 7.21 -34.32 -22.72
CA ALA F 22 6.25 -33.26 -22.98
C ALA F 22 6.75 -31.90 -22.50
N THR F 23 6.47 -30.86 -23.29
CA THR F 23 6.88 -29.49 -22.98
C THR F 23 5.67 -28.55 -22.92
N LEU F 24 4.57 -28.96 -23.55
CA LEU F 24 3.34 -28.18 -23.55
C LEU F 24 2.27 -28.85 -22.71
N ALA F 25 1.54 -28.02 -21.94
CA ALA F 25 0.41 -28.51 -21.15
C ALA F 25 -0.81 -27.59 -21.30
N ILE F 26 -1.96 -28.21 -21.59
CA ILE F 26 -3.23 -27.50 -21.60
C ILE F 26 -3.78 -27.58 -20.18
N VAL F 27 -4.10 -26.41 -19.61
CA VAL F 27 -4.47 -26.33 -18.21
C VAL F 27 -5.86 -25.74 -17.95
N PRO F 28 -6.88 -26.60 -17.93
CA PRO F 28 -8.24 -26.17 -17.59
C PRO F 28 -8.43 -26.05 -16.08
N GLY F 29 -9.54 -25.44 -15.66
CA GLY F 29 -9.86 -25.34 -14.25
C GLY F 29 -10.70 -26.51 -13.76
N ASP F 30 -11.63 -26.96 -14.61
CA ASP F 30 -12.54 -28.07 -14.29
C ASP F 30 -11.85 -29.41 -14.51
N PRO F 31 -11.72 -30.21 -13.45
CA PRO F 31 -11.16 -31.57 -13.55
C PRO F 31 -11.92 -32.48 -14.52
N ASP F 32 -13.19 -32.18 -14.76
CA ASP F 32 -14.01 -32.96 -15.69
C ASP F 32 -13.72 -32.64 -17.16
N ARG F 33 -13.13 -31.47 -17.39
CA ARG F 33 -12.79 -31.02 -18.74
C ARG F 33 -11.54 -31.71 -19.29
N VAL F 34 -10.73 -32.28 -18.39
CA VAL F 34 -9.47 -32.95 -18.76
C VAL F 34 -9.72 -34.16 -19.66
N GLU F 35 -10.78 -34.91 -19.38
CA GLU F 35 -11.18 -36.06 -20.19
C GLU F 35 -11.66 -35.64 -21.58
N LYS F 36 -12.21 -34.43 -21.68
CA LYS F 36 -12.76 -33.91 -22.93
C LYS F 36 -11.66 -33.40 -23.88
N ILE F 37 -10.67 -32.70 -23.32
CA ILE F 37 -9.58 -32.14 -24.12
C ILE F 37 -8.63 -33.21 -24.64
N ALA F 38 -8.32 -34.19 -23.78
CA ALA F 38 -7.42 -35.30 -24.14
C ALA F 38 -8.00 -36.21 -25.22
N ALA F 39 -9.34 -36.28 -25.29
CA ALA F 39 -10.03 -37.09 -26.28
C ALA F 39 -9.93 -36.51 -27.69
N LEU F 40 -9.71 -35.21 -27.77
CA LEU F 40 -9.53 -34.51 -29.05
C LEU F 40 -8.19 -34.82 -29.71
N MET F 41 -7.23 -35.29 -28.91
CA MET F 41 -5.90 -35.67 -29.39
C MET F 41 -5.75 -37.19 -29.44
N ASP F 42 -4.72 -37.66 -30.14
CA ASP F 42 -4.48 -39.09 -30.34
C ASP F 42 -3.92 -39.78 -29.10
N LYS F 43 -4.33 -41.03 -28.90
CA LYS F 43 -3.88 -41.89 -27.78
C LYS F 43 -3.99 -41.22 -26.40
N PRO F 44 -5.21 -41.10 -25.87
CA PRO F 44 -5.42 -40.54 -24.53
C PRO F 44 -5.34 -41.58 -23.42
N VAL F 45 -4.75 -41.20 -22.28
CA VAL F 45 -4.64 -42.09 -21.12
C VAL F 45 -4.65 -41.32 -19.80
N LYS F 46 -5.30 -41.89 -18.79
CA LYS F 46 -5.35 -41.32 -17.45
C LYS F 46 -4.07 -41.64 -16.69
N LEU F 47 -3.42 -40.60 -16.18
CA LEU F 47 -2.16 -40.77 -15.46
C LEU F 47 -2.37 -40.79 -13.94
N ALA F 48 -3.03 -39.75 -13.42
CA ALA F 48 -3.26 -39.61 -11.99
C ALA F 48 -4.46 -38.73 -11.66
N SER F 49 -5.12 -39.04 -10.54
CA SER F 49 -6.16 -38.20 -9.99
C SER F 49 -5.95 -38.02 -8.49
N HIS F 50 -5.47 -36.84 -8.11
CA HIS F 50 -5.25 -36.51 -6.71
C HIS F 50 -5.78 -35.13 -6.40
N ARG F 51 -6.64 -35.05 -5.39
CA ARG F 51 -7.32 -33.82 -5.00
C ARG F 51 -8.09 -33.24 -6.19
N GLU F 52 -7.79 -31.98 -6.53
CA GLU F 52 -8.42 -31.31 -7.68
C GLU F 52 -7.58 -31.41 -8.95
N PHE F 53 -6.49 -32.18 -8.88
CA PHE F 53 -5.57 -32.33 -10.00
C PHE F 53 -5.76 -33.67 -10.71
N THR F 54 -6.28 -33.61 -11.93
CA THR F 54 -6.40 -34.77 -12.81
C THR F 54 -5.52 -34.56 -14.04
N THR F 55 -4.65 -35.53 -14.32
CA THR F 55 -3.71 -35.42 -15.43
C THR F 55 -3.94 -36.51 -16.49
N TRP F 56 -3.93 -36.08 -17.75
CA TRP F 56 -4.07 -36.99 -18.89
C TRP F 56 -2.97 -36.74 -19.92
N ARG F 57 -2.39 -37.82 -20.44
CA ARG F 57 -1.36 -37.74 -21.48
C ARG F 57 -1.96 -38.02 -22.85
N ALA F 58 -1.63 -37.17 -23.81
CA ALA F 58 -2.12 -37.31 -25.18
C ALA F 58 -1.02 -37.06 -26.21
N GLU F 59 -1.31 -37.32 -27.47
CA GLU F 59 -0.36 -37.14 -28.56
C GLU F 59 -0.91 -36.21 -29.63
N LEU F 60 -0.09 -35.25 -30.03
CA LEU F 60 -0.46 -34.26 -31.05
C LEU F 60 0.64 -34.17 -32.12
N ASP F 61 0.29 -34.58 -33.34
CA ASP F 61 1.22 -34.64 -34.48
C ASP F 61 2.49 -35.46 -34.18
N GLY F 62 2.33 -36.50 -33.37
CA GLY F 62 3.45 -37.34 -32.96
C GLY F 62 4.24 -36.81 -31.78
N LYS F 63 3.73 -35.76 -31.14
CA LYS F 63 4.40 -35.12 -30.01
C LYS F 63 3.52 -35.17 -28.75
N PRO F 64 4.09 -35.65 -27.63
CA PRO F 64 3.34 -35.81 -26.38
C PRO F 64 2.90 -34.49 -25.75
N VAL F 65 1.61 -34.40 -25.44
CA VAL F 65 1.02 -33.22 -24.82
C VAL F 65 0.30 -33.62 -23.52
N ILE F 66 0.44 -32.78 -22.49
CA ILE F 66 -0.16 -33.03 -21.19
C ILE F 66 -1.40 -32.17 -20.96
N VAL F 67 -2.45 -32.77 -20.38
CA VAL F 67 -3.63 -32.03 -19.94
C VAL F 67 -3.77 -32.19 -18.42
N CYS F 68 -3.73 -31.07 -17.70
CA CYS F 68 -3.77 -31.10 -16.24
C CYS F 68 -4.65 -30.00 -15.67
N SER F 69 -5.60 -30.38 -14.82
CA SER F 69 -6.51 -29.43 -14.19
C SER F 69 -5.82 -28.61 -13.10
N THR F 70 -6.09 -27.31 -13.09
CA THR F 70 -5.55 -26.41 -12.07
C THR F 70 -6.50 -26.32 -10.88
N GLY F 71 -7.80 -26.33 -11.18
CA GLY F 71 -8.82 -26.04 -10.19
C GLY F 71 -9.14 -24.56 -10.23
N ILE F 72 -10.12 -24.14 -9.43
CA ILE F 72 -10.52 -22.74 -9.36
C ILE F 72 -9.53 -21.95 -8.52
N GLY F 73 -9.01 -20.87 -9.08
CA GLY F 73 -8.21 -19.92 -8.32
C GLY F 73 -6.71 -20.07 -8.47
N GLY F 74 -6.01 -19.02 -8.04
CA GLY F 74 -4.56 -18.95 -8.12
C GLY F 74 -3.77 -19.98 -7.31
N PRO F 75 -4.13 -20.19 -6.03
CA PRO F 75 -3.40 -21.11 -5.17
C PRO F 75 -3.13 -22.50 -5.75
N SER F 76 -4.17 -23.18 -6.22
CA SER F 76 -3.99 -24.51 -6.81
C SER F 76 -3.42 -24.47 -8.22
N THR F 77 -3.64 -23.34 -8.91
CA THR F 77 -3.01 -23.09 -10.21
C THR F 77 -1.49 -22.94 -10.01
N SER F 78 -1.11 -22.28 -8.93
CA SER F 78 0.30 -22.09 -8.58
C SER F 78 1.00 -23.42 -8.26
N ILE F 79 0.27 -24.34 -7.63
CA ILE F 79 0.78 -25.69 -7.36
C ILE F 79 0.94 -26.50 -8.64
N ALA F 80 -0.10 -26.47 -9.48
CA ALA F 80 -0.12 -27.27 -10.72
C ALA F 80 0.94 -26.83 -11.72
N VAL F 81 1.05 -25.52 -11.95
CA VAL F 81 2.02 -24.97 -12.90
C VAL F 81 3.46 -25.23 -12.45
N GLU F 82 3.74 -24.96 -11.18
CA GLU F 82 5.06 -25.16 -10.60
C GLU F 82 5.52 -26.63 -10.69
N GLU F 83 4.64 -27.56 -10.33
CA GLU F 83 4.97 -28.98 -10.32
C GLU F 83 5.10 -29.57 -11.72
N LEU F 84 4.31 -29.05 -12.66
CA LEU F 84 4.43 -29.43 -14.07
C LEU F 84 5.75 -28.93 -14.66
N ALA F 85 6.14 -27.72 -14.26
CA ALA F 85 7.41 -27.12 -14.68
C ALA F 85 8.61 -27.93 -14.21
N GLN F 86 8.49 -28.52 -13.02
CA GLN F 86 9.52 -29.39 -12.45
C GLN F 86 9.69 -30.65 -13.28
N LEU F 87 8.58 -31.16 -13.81
CA LEU F 87 8.57 -32.39 -14.60
C LEU F 87 9.01 -32.16 -16.06
N GLY F 88 9.00 -30.90 -16.48
CA GLY F 88 9.53 -30.54 -17.79
C GLY F 88 8.64 -29.69 -18.68
N ILE F 89 7.53 -29.19 -18.15
CA ILE F 89 6.62 -28.35 -18.93
C ILE F 89 7.15 -26.91 -19.01
N ARG F 90 7.20 -26.39 -20.24
CA ARG F 90 7.70 -25.04 -20.49
C ARG F 90 6.63 -24.12 -21.06
N THR F 91 5.58 -24.71 -21.64
CA THR F 91 4.49 -23.94 -22.24
C THR F 91 3.15 -24.33 -21.65
N PHE F 92 2.37 -23.32 -21.26
CA PHE F 92 1.08 -23.52 -20.61
C PHE F 92 -0.04 -22.80 -21.36
N LEU F 93 -1.11 -23.53 -21.67
CA LEU F 93 -2.27 -22.95 -22.33
C LEU F 93 -3.53 -23.16 -21.50
N ARG F 94 -4.08 -22.07 -20.97
CA ARG F 94 -5.29 -22.15 -20.17
C ARG F 94 -6.55 -21.98 -21.02
N ILE F 95 -7.48 -22.91 -20.84
CA ILE F 95 -8.82 -22.78 -21.41
C ILE F 95 -9.83 -22.75 -20.26
N GLY F 96 -10.65 -21.70 -20.23
CA GLY F 96 -11.60 -21.51 -19.15
C GLY F 96 -12.99 -21.05 -19.57
N THR F 97 -13.84 -20.84 -18.58
CA THR F 97 -15.15 -20.23 -18.77
C THR F 97 -15.07 -18.81 -18.22
N THR F 98 -15.98 -17.93 -18.66
CA THR F 98 -15.94 -16.54 -18.25
C THR F 98 -17.28 -15.82 -18.30
N GLY F 99 -17.40 -14.77 -17.50
CA GLY F 99 -18.52 -13.85 -17.56
C GLY F 99 -18.06 -12.55 -18.19
N ALA F 100 -18.67 -12.20 -19.33
CA ALA F 100 -18.31 -10.98 -20.04
C ALA F 100 -18.97 -9.76 -19.37
N ILE F 101 -18.29 -8.62 -19.42
CA ILE F 101 -18.81 -7.39 -18.82
C ILE F 101 -18.96 -6.24 -19.83
N GLN F 102 -18.67 -6.52 -21.09
CA GLN F 102 -18.89 -5.56 -22.17
C GLN F 102 -20.16 -5.91 -22.95
N PRO F 103 -20.97 -4.91 -23.28
CA PRO F 103 -22.25 -5.13 -23.96
C PRO F 103 -22.12 -5.75 -25.36
N HIS F 104 -21.00 -5.50 -26.03
CA HIS F 104 -20.79 -5.97 -27.40
C HIS F 104 -20.32 -7.42 -27.49
N ILE F 105 -19.92 -7.99 -26.36
CA ILE F 105 -19.51 -9.40 -26.32
C ILE F 105 -20.70 -10.29 -25.96
N ASN F 106 -21.03 -11.23 -26.84
CA ASN F 106 -22.17 -12.10 -26.66
C ASN F 106 -21.82 -13.46 -26.07
N VAL F 107 -22.83 -14.16 -25.56
CA VAL F 107 -22.66 -15.53 -25.08
C VAL F 107 -22.31 -16.44 -26.25
N GLY F 108 -21.25 -17.22 -26.09
CA GLY F 108 -20.76 -18.08 -27.15
C GLY F 108 -19.48 -17.58 -27.77
N ASP F 109 -19.16 -16.31 -27.55
CA ASP F 109 -17.93 -15.71 -28.05
C ASP F 109 -16.71 -16.25 -27.31
N VAL F 110 -15.56 -16.23 -27.98
CA VAL F 110 -14.30 -16.63 -27.36
C VAL F 110 -13.42 -15.42 -27.11
N LEU F 111 -12.74 -15.42 -25.96
CA LEU F 111 -11.90 -14.30 -25.58
C LEU F 111 -10.46 -14.74 -25.37
N VAL F 112 -9.53 -14.03 -26.02
CA VAL F 112 -8.11 -14.26 -25.83
C VAL F 112 -7.56 -13.11 -25.00
N THR F 113 -6.88 -13.47 -23.90
CA THR F 113 -6.35 -12.49 -22.96
C THR F 113 -4.90 -12.12 -23.28
N THR F 114 -4.68 -10.83 -23.52
CA THR F 114 -3.32 -10.32 -23.71
C THR F 114 -2.64 -10.14 -22.36
N ALA F 115 -3.40 -9.65 -21.38
CA ALA F 115 -2.92 -9.44 -20.03
C ALA F 115 -4.10 -9.31 -19.06
N SER F 116 -3.81 -9.46 -17.76
CA SER F 116 -4.88 -9.51 -16.76
C SER F 116 -4.75 -8.45 -15.66
N VAL F 117 -5.90 -7.93 -15.24
CA VAL F 117 -5.98 -7.12 -14.03
C VAL F 117 -5.80 -8.06 -12.85
N ARG F 118 -4.83 -7.76 -12.00
CA ARG F 118 -4.43 -8.65 -10.91
C ARG F 118 -5.27 -8.43 -9.64
N LEU F 119 -6.43 -9.08 -9.59
CA LEU F 119 -7.31 -9.03 -8.42
C LEU F 119 -7.16 -10.31 -7.62
N ASP F 120 -5.95 -10.85 -7.61
CA ASP F 120 -5.62 -12.11 -6.94
C ASP F 120 -4.48 -11.88 -5.94
N GLY F 121 -4.21 -12.91 -5.13
CA GLY F 121 -3.13 -12.86 -4.17
C GLY F 121 -1.88 -13.62 -4.60
N ALA F 122 -2.07 -14.74 -5.30
CA ALA F 122 -0.98 -15.63 -5.67
C ALA F 122 0.06 -15.00 -6.60
N SER F 123 -0.38 -14.13 -7.50
CA SER F 123 0.52 -13.44 -8.42
C SER F 123 1.61 -12.64 -7.69
N LEU F 124 1.23 -12.05 -6.56
CA LEU F 124 2.14 -11.27 -5.72
C LEU F 124 3.26 -12.11 -5.11
N HIS F 125 3.05 -13.44 -5.05
CA HIS F 125 4.05 -14.36 -4.53
C HIS F 125 5.14 -14.66 -5.56
N PHE F 126 4.97 -14.14 -6.77
CA PHE F 126 5.95 -14.34 -7.84
C PHE F 126 6.55 -13.02 -8.35
N ALA F 127 5.74 -11.97 -8.34
CA ALA F 127 6.17 -10.64 -8.78
C ALA F 127 5.33 -9.57 -8.09
N PRO F 128 5.95 -8.42 -7.77
CA PRO F 128 5.21 -7.29 -7.17
C PRO F 128 4.13 -6.78 -8.12
N LEU F 129 3.12 -6.10 -7.57
CA LEU F 129 1.93 -5.70 -8.33
C LEU F 129 2.22 -4.94 -9.63
N GLU F 130 3.28 -4.13 -9.62
CA GLU F 130 3.66 -3.32 -10.79
C GLU F 130 4.05 -4.14 -12.02
N PHE F 131 4.43 -5.40 -11.80
CA PHE F 131 4.75 -6.33 -12.88
C PHE F 131 3.48 -6.72 -13.62
N PRO F 132 3.49 -6.65 -14.95
CA PRO F 132 2.30 -6.97 -15.75
C PRO F 132 2.00 -8.47 -15.84
N ALA F 133 0.73 -8.81 -15.62
CA ALA F 133 0.25 -10.17 -15.82
C ALA F 133 0.01 -10.41 -17.30
N VAL F 134 1.08 -10.41 -18.08
CA VAL F 134 1.01 -10.46 -19.54
C VAL F 134 1.20 -11.88 -20.08
N ALA F 135 0.42 -12.21 -21.10
CA ALA F 135 0.53 -13.49 -21.79
C ALA F 135 1.72 -13.49 -22.74
N ASP F 136 2.24 -14.67 -23.03
CA ASP F 136 3.32 -14.84 -24.00
C ASP F 136 2.82 -14.48 -25.40
N PHE F 137 3.64 -13.73 -26.13
CA PHE F 137 3.27 -13.22 -27.46
C PHE F 137 3.00 -14.35 -28.47
N GLU F 138 3.83 -15.38 -28.45
CA GLU F 138 3.67 -16.51 -29.37
C GLU F 138 2.42 -17.33 -29.05
N CYS F 139 2.13 -17.48 -27.76
CA CYS F 139 0.94 -18.20 -27.30
C CYS F 139 -0.34 -17.46 -27.67
N THR F 140 -0.34 -16.14 -27.46
CA THR F 140 -1.47 -15.29 -27.80
C THR F 140 -1.71 -15.27 -29.33
N THR F 141 -0.62 -15.20 -30.10
CA THR F 141 -0.68 -15.25 -31.56
C THR F 141 -1.31 -16.55 -32.04
N ALA F 142 -0.84 -17.67 -31.49
CA ALA F 142 -1.34 -19.00 -31.84
C ALA F 142 -2.82 -19.16 -31.51
N LEU F 143 -3.26 -18.58 -30.39
CA LEU F 143 -4.65 -18.65 -29.97
C LEU F 143 -5.58 -17.81 -30.87
N VAL F 144 -5.11 -16.62 -31.25
CA VAL F 144 -5.87 -15.73 -32.13
C VAL F 144 -6.01 -16.36 -33.52
N GLU F 145 -4.90 -16.93 -34.01
CA GLU F 145 -4.88 -17.61 -35.31
C GLU F 145 -5.73 -18.87 -35.30
N ALA F 146 -5.71 -19.61 -34.19
CA ALA F 146 -6.51 -20.82 -34.04
C ALA F 146 -8.01 -20.51 -33.99
N ALA F 147 -8.36 -19.39 -33.36
CA ALA F 147 -9.74 -18.93 -33.30
C ALA F 147 -10.23 -18.51 -34.68
N LYS F 148 -9.37 -17.87 -35.45
CA LYS F 148 -9.67 -17.45 -36.82
C LYS F 148 -9.71 -18.64 -37.79
N SER F 149 -8.99 -19.70 -37.42
CA SER F 149 -8.95 -20.93 -38.23
C SER F 149 -10.28 -21.67 -38.19
N ILE F 150 -10.90 -21.75 -37.02
CA ILE F 150 -12.18 -22.43 -36.86
C ILE F 150 -13.37 -21.48 -37.07
N GLY F 151 -13.08 -20.18 -37.15
CA GLY F 151 -14.07 -19.17 -37.49
C GLY F 151 -15.03 -18.80 -36.37
N ALA F 152 -14.47 -18.49 -35.21
CA ALA F 152 -15.26 -18.10 -34.04
C ALA F 152 -15.27 -16.57 -33.86
N THR F 153 -16.32 -16.06 -33.21
CA THR F 153 -16.38 -14.65 -32.86
C THR F 153 -15.43 -14.38 -31.69
N THR F 154 -14.33 -13.69 -31.99
CA THR F 154 -13.24 -13.52 -31.04
C THR F 154 -13.01 -12.06 -30.64
N HIS F 155 -12.73 -11.85 -29.37
CA HIS F 155 -12.30 -10.55 -28.86
C HIS F 155 -10.98 -10.69 -28.12
N VAL F 156 -10.06 -9.79 -28.43
CA VAL F 156 -8.73 -9.79 -27.83
C VAL F 156 -8.55 -8.56 -26.93
N GLY F 157 -8.08 -8.77 -25.70
CA GLY F 157 -7.89 -7.68 -24.77
C GLY F 157 -7.63 -8.09 -23.33
N VAL F 158 -7.97 -7.19 -22.41
CA VAL F 158 -7.66 -7.33 -20.98
C VAL F 158 -8.76 -8.07 -20.22
N THR F 159 -8.35 -8.92 -19.29
CA THR F 159 -9.27 -9.68 -18.44
C THR F 159 -9.07 -9.31 -16.98
N ALA F 160 -10.16 -9.22 -16.22
CA ALA F 160 -10.08 -9.05 -14.78
C ALA F 160 -10.07 -10.43 -14.11
N SER F 161 -8.97 -10.74 -13.43
CA SER F 161 -8.80 -12.04 -12.79
C SER F 161 -8.95 -11.94 -11.28
N SER F 162 -10.04 -12.47 -10.75
CA SER F 162 -10.44 -12.26 -9.37
C SER F 162 -10.25 -13.49 -8.49
N ASP F 163 -9.87 -13.25 -7.24
CA ASP F 163 -9.71 -14.31 -6.24
C ASP F 163 -11.05 -14.79 -5.69
N THR F 164 -12.14 -14.09 -5.99
CA THR F 164 -13.48 -14.56 -5.63
C THR F 164 -14.43 -14.56 -6.82
N PHE F 165 -15.47 -15.38 -6.73
CA PHE F 165 -16.51 -15.44 -7.75
C PHE F 165 -17.57 -14.36 -7.51
N TYR F 166 -17.80 -14.02 -6.24
CA TYR F 166 -18.90 -13.13 -5.87
C TYR F 166 -18.49 -11.66 -5.65
N PRO F 167 -17.92 -11.31 -4.49
CA PRO F 167 -17.65 -9.90 -4.18
C PRO F 167 -16.62 -9.25 -5.11
N GLY F 168 -15.58 -9.99 -5.51
CA GLY F 168 -14.56 -9.50 -6.40
C GLY F 168 -15.04 -9.28 -7.83
N GLN F 169 -16.17 -9.90 -8.17
CA GLN F 169 -16.82 -9.70 -9.46
C GLN F 169 -18.10 -8.88 -9.28
N GLU F 170 -18.17 -8.20 -8.14
CA GLU F 170 -19.30 -7.36 -7.73
C GLU F 170 -20.68 -8.02 -7.90
N ARG F 171 -20.82 -9.21 -7.33
CA ARG F 171 -22.13 -9.88 -7.26
C ARG F 171 -22.77 -9.56 -5.92
N TYR F 172 -24.02 -9.10 -5.96
CA TYR F 172 -24.75 -8.70 -4.76
C TYR F 172 -25.79 -9.75 -4.35
N ASP F 173 -26.07 -10.69 -5.24
CA ASP F 173 -27.01 -11.77 -4.95
C ASP F 173 -26.34 -12.84 -4.08
N THR F 174 -26.02 -12.46 -2.85
CA THR F 174 -25.26 -13.30 -1.93
C THR F 174 -25.92 -13.37 -0.56
N TYR F 175 -25.32 -14.14 0.35
CA TYR F 175 -25.78 -14.26 1.73
C TYR F 175 -25.78 -12.91 2.45
N SER F 176 -24.67 -12.19 2.37
CA SER F 176 -24.54 -10.89 3.01
C SER F 176 -25.24 -9.79 2.22
N GLY F 177 -25.23 -9.93 0.90
CA GLY F 177 -25.84 -8.95 0.01
C GLY F 177 -25.04 -7.67 -0.12
N ARG F 178 -23.77 -7.71 0.29
CA ARG F 178 -22.91 -6.54 0.27
C ARG F 178 -21.54 -6.81 -0.32
N VAL F 179 -20.89 -5.75 -0.79
CA VAL F 179 -19.55 -5.83 -1.34
C VAL F 179 -18.65 -4.83 -0.62
N VAL F 180 -17.48 -5.29 -0.20
CA VAL F 180 -16.49 -4.47 0.49
C VAL F 180 -16.14 -3.21 -0.31
N ARG F 181 -15.87 -2.11 0.38
CA ARG F 181 -15.62 -0.81 -0.24
C ARG F 181 -14.72 -0.86 -1.46
N HIS F 182 -13.61 -1.59 -1.34
CA HIS F 182 -12.62 -1.69 -2.41
C HIS F 182 -13.20 -2.15 -3.74
N PHE F 183 -14.19 -3.03 -3.70
CA PHE F 183 -14.79 -3.58 -4.92
C PHE F 183 -16.15 -2.98 -5.27
N LYS F 184 -16.63 -2.05 -4.44
CA LYS F 184 -17.86 -1.31 -4.71
C LYS F 184 -17.66 -0.40 -5.93
N GLY F 185 -18.48 -0.61 -6.96
CA GLY F 185 -18.37 0.16 -8.19
C GLY F 185 -17.20 -0.23 -9.08
N SER F 186 -16.56 -1.35 -8.76
CA SER F 186 -15.37 -1.80 -9.50
C SER F 186 -15.68 -2.34 -10.90
N MET F 187 -16.81 -3.02 -11.06
CA MET F 187 -17.22 -3.55 -12.36
C MET F 187 -17.37 -2.44 -13.39
N GLU F 188 -18.06 -1.37 -12.99
CA GLU F 188 -18.22 -0.18 -13.82
C GLU F 188 -16.88 0.44 -14.22
N GLU F 189 -15.94 0.44 -13.27
CA GLU F 189 -14.60 0.97 -13.52
C GLU F 189 -13.84 0.13 -14.55
N TRP F 190 -13.89 -1.19 -14.41
CA TRP F 190 -13.26 -2.09 -15.39
C TRP F 190 -13.90 -1.97 -16.77
N GLN F 191 -15.23 -1.85 -16.79
CA GLN F 191 -16.00 -1.68 -18.03
C GLN F 191 -15.54 -0.44 -18.81
N ALA F 192 -15.40 0.67 -18.11
CA ALA F 192 -14.94 1.92 -18.70
C ALA F 192 -13.49 1.83 -19.19
N MET F 193 -12.71 0.95 -18.58
CA MET F 193 -11.32 0.74 -18.95
C MET F 193 -11.14 -0.28 -20.08
N GLY F 194 -12.25 -0.78 -20.60
CA GLY F 194 -12.23 -1.70 -21.72
C GLY F 194 -11.94 -3.15 -21.36
N VAL F 195 -11.99 -3.47 -20.07
CA VAL F 195 -11.81 -4.86 -19.61
C VAL F 195 -12.97 -5.72 -20.14
N MET F 196 -12.63 -6.86 -20.71
CA MET F 196 -13.61 -7.70 -21.40
C MET F 196 -14.47 -8.54 -20.46
N ASN F 197 -13.83 -9.14 -19.45
CA ASN F 197 -14.43 -10.24 -18.72
C ASN F 197 -13.86 -10.51 -17.33
N TYR F 198 -14.56 -11.36 -16.58
CA TYR F 198 -14.11 -11.85 -15.29
C TYR F 198 -13.80 -13.35 -15.36
N GLU F 199 -12.62 -13.73 -14.88
CA GLU F 199 -12.33 -15.13 -14.54
C GLU F 199 -11.45 -15.18 -13.30
N MET F 200 -10.89 -16.36 -12.98
CA MET F 200 -10.30 -16.57 -11.65
C MET F 200 -8.88 -17.15 -11.59
N GLU F 201 -8.22 -17.33 -12.73
CA GLU F 201 -6.90 -17.99 -12.73
C GLU F 201 -5.81 -17.28 -13.52
N SER F 202 -6.19 -16.48 -14.52
CA SER F 202 -5.22 -15.92 -15.48
C SER F 202 -4.14 -15.02 -14.86
N ALA F 203 -4.50 -14.19 -13.89
CA ALA F 203 -3.54 -13.30 -13.25
C ALA F 203 -2.38 -14.09 -12.62
N THR F 204 -2.71 -15.16 -11.91
CA THR F 204 -1.70 -16.02 -11.30
C THR F 204 -0.86 -16.73 -12.36
N LEU F 205 -1.53 -17.40 -13.29
CA LEU F 205 -0.86 -18.14 -14.35
C LEU F 205 0.09 -17.26 -15.17
N LEU F 206 -0.44 -16.14 -15.67
CA LEU F 206 0.34 -15.24 -16.53
C LEU F 206 1.51 -14.58 -15.81
N THR F 207 1.29 -14.15 -14.56
CA THR F 207 2.36 -13.53 -13.76
C THR F 207 3.48 -14.53 -13.44
N MET F 208 3.11 -15.71 -12.95
CA MET F 208 4.08 -16.72 -12.54
C MET F 208 4.89 -17.28 -13.72
N CYS F 209 4.29 -17.30 -14.91
CA CYS F 209 4.98 -17.78 -16.10
C CYS F 209 5.89 -16.72 -16.70
N ALA F 210 5.38 -15.50 -16.84
CA ALA F 210 6.13 -14.38 -17.43
C ALA F 210 7.33 -13.94 -16.59
N SER F 211 7.28 -14.22 -15.29
CA SER F 211 8.37 -13.87 -14.38
C SER F 211 9.32 -15.04 -14.09
N GLN F 212 9.10 -16.17 -14.77
CA GLN F 212 9.93 -17.37 -14.57
C GLN F 212 10.40 -18.02 -15.88
N GLY F 213 10.28 -17.27 -16.98
CA GLY F 213 10.74 -17.74 -18.28
C GLY F 213 9.87 -18.84 -18.89
N LEU F 214 8.61 -18.90 -18.49
CA LEU F 214 7.67 -19.88 -19.02
C LEU F 214 6.65 -19.19 -19.94
N ARG F 215 6.26 -19.88 -21.01
CA ARG F 215 5.29 -19.35 -21.95
C ARG F 215 3.86 -19.69 -21.52
N ALA F 216 2.99 -18.68 -21.52
CA ALA F 216 1.60 -18.87 -21.13
C ALA F 216 0.61 -18.16 -22.05
N GLY F 217 -0.50 -18.85 -22.33
CA GLY F 217 -1.59 -18.30 -23.11
C GLY F 217 -2.92 -18.49 -22.40
N MET F 218 -3.89 -17.65 -22.71
CA MET F 218 -5.18 -17.67 -22.03
C MET F 218 -6.34 -17.46 -23.00
N VAL F 219 -7.26 -18.43 -23.01
CA VAL F 219 -8.48 -18.36 -23.83
C VAL F 219 -9.69 -18.81 -23.00
N ALA F 220 -10.84 -18.20 -23.25
CA ALA F 220 -12.06 -18.50 -22.51
C ALA F 220 -13.32 -18.38 -23.35
N GLY F 221 -14.30 -19.21 -23.05
CA GLY F 221 -15.61 -19.15 -23.68
C GLY F 221 -16.60 -18.38 -22.83
N VAL F 222 -17.32 -17.45 -23.46
CA VAL F 222 -18.32 -16.64 -22.76
C VAL F 222 -19.60 -17.44 -22.56
N ILE F 223 -19.94 -17.70 -21.30
CA ILE F 223 -21.16 -18.44 -20.98
C ILE F 223 -22.22 -17.56 -20.30
N VAL F 224 -21.80 -16.38 -19.86
CA VAL F 224 -22.71 -15.42 -19.22
C VAL F 224 -22.32 -13.98 -19.53
N ASN F 225 -23.32 -13.11 -19.65
CA ASN F 225 -23.09 -11.68 -19.80
C ASN F 225 -23.71 -10.90 -18.65
N ARG F 226 -22.88 -10.12 -17.97
CA ARG F 226 -23.29 -9.39 -16.77
C ARG F 226 -24.20 -8.20 -17.09
N THR F 227 -24.17 -7.75 -18.34
CA THR F 227 -25.03 -6.65 -18.79
C THR F 227 -26.34 -7.17 -19.38
N GLN F 228 -26.46 -8.49 -19.51
CA GLN F 228 -27.62 -9.13 -20.14
C GLN F 228 -28.44 -9.99 -19.18
N GLN F 229 -27.88 -11.13 -18.78
CA GLN F 229 -28.57 -12.10 -17.92
C GLN F 229 -27.58 -12.80 -16.98
N GLU F 230 -27.99 -12.95 -15.72
CA GLU F 230 -27.10 -13.46 -14.67
C GLU F 230 -26.97 -14.99 -14.63
N ILE F 231 -28.04 -15.69 -15.01
CA ILE F 231 -28.06 -17.16 -14.99
C ILE F 231 -27.66 -17.78 -16.34
N PRO F 232 -26.70 -18.71 -16.32
CA PRO F 232 -26.20 -19.34 -17.54
C PRO F 232 -27.27 -20.08 -18.34
N ASN F 233 -27.09 -20.15 -19.65
CA ASN F 233 -28.07 -20.76 -20.55
C ASN F 233 -28.01 -22.29 -20.59
N ALA F 234 -28.96 -22.90 -21.31
CA ALA F 234 -29.09 -24.35 -21.37
C ALA F 234 -28.01 -25.02 -22.23
N GLU F 235 -28.36 -25.35 -23.48
CA GLU F 235 -27.47 -26.09 -24.37
C GLU F 235 -26.26 -25.27 -24.85
N THR F 236 -26.45 -23.96 -25.01
CA THR F 236 -25.41 -23.07 -25.51
C THR F 236 -24.19 -22.99 -24.59
N MET F 237 -24.41 -23.24 -23.30
CA MET F 237 -23.33 -23.29 -22.31
C MET F 237 -22.38 -24.46 -22.60
N LYS F 238 -22.96 -25.65 -22.78
CA LYS F 238 -22.19 -26.86 -23.12
C LYS F 238 -21.58 -26.76 -24.52
N GLN F 239 -22.29 -26.05 -25.41
CA GLN F 239 -21.82 -25.79 -26.77
C GLN F 239 -20.59 -24.90 -26.79
N THR F 240 -20.53 -23.93 -25.88
CA THR F 240 -19.42 -22.97 -25.79
C THR F 240 -18.12 -23.63 -25.30
N GLU F 241 -18.26 -24.59 -24.39
CA GLU F 241 -17.10 -25.30 -23.83
C GLU F 241 -16.36 -26.08 -24.92
N SER F 242 -17.11 -26.86 -25.69
CA SER F 242 -16.55 -27.63 -26.82
C SER F 242 -16.05 -26.71 -27.94
N HIS F 243 -16.67 -25.55 -28.06
CA HIS F 243 -16.27 -24.52 -29.01
C HIS F 243 -14.89 -23.96 -28.67
N ALA F 244 -14.67 -23.67 -27.39
CA ALA F 244 -13.41 -23.12 -26.90
C ALA F 244 -12.30 -24.16 -26.76
N VAL F 245 -12.70 -25.40 -26.51
CA VAL F 245 -11.74 -26.52 -26.36
C VAL F 245 -10.98 -26.78 -27.66
N LYS F 246 -11.69 -26.71 -28.79
CA LYS F 246 -11.09 -26.96 -30.11
C LYS F 246 -10.00 -25.94 -30.45
N ILE F 247 -10.18 -24.70 -30.04
CA ILE F 247 -9.22 -23.63 -30.31
C ILE F 247 -7.90 -23.86 -29.56
N VAL F 248 -7.99 -24.20 -28.27
CA VAL F 248 -6.81 -24.42 -27.43
C VAL F 248 -5.95 -25.61 -27.87
N VAL F 249 -6.55 -26.55 -28.60
CA VAL F 249 -5.82 -27.69 -29.15
C VAL F 249 -5.16 -27.30 -30.48
N GLU F 250 -5.87 -26.49 -31.27
CA GLU F 250 -5.36 -25.98 -32.54
C GLU F 250 -4.21 -24.99 -32.33
N ALA F 251 -4.30 -24.22 -31.25
CA ALA F 251 -3.22 -23.30 -30.86
C ALA F 251 -2.00 -24.06 -30.35
N ALA F 252 -2.23 -25.19 -29.70
CA ALA F 252 -1.17 -26.07 -29.22
C ALA F 252 -0.38 -26.69 -30.38
N ARG F 253 -1.06 -26.87 -31.52
CA ARG F 253 -0.43 -27.38 -32.74
C ARG F 253 0.58 -26.39 -33.32
N ARG F 254 0.29 -25.10 -33.16
CA ARG F 254 1.15 -24.03 -33.68
C ARG F 254 2.37 -23.77 -32.79
N LEU F 255 2.27 -24.16 -31.53
CA LEU F 255 3.31 -23.87 -30.53
C LEU F 255 4.29 -25.01 -30.31
N LEU F 256 3.98 -26.19 -30.85
CA LEU F 256 4.83 -27.37 -30.71
C LEU F 256 6.01 -27.31 -31.67
#